data_1L84
# 
_entry.id   1L84 
# 
_audit_conform.dict_name       mmcif_pdbx.dic 
_audit_conform.dict_version    5.386 
_audit_conform.dict_location   http://mmcif.pdb.org/dictionaries/ascii/mmcif_pdbx.dic 
# 
loop_
_database_2.database_id 
_database_2.database_code 
_database_2.pdbx_database_accession 
_database_2.pdbx_DOI 
PDB   1L84         pdb_00001l84 10.2210/pdb1l84/pdb 
WWPDB D_1000174610 ?            ?                   
# 
loop_
_pdbx_audit_revision_history.ordinal 
_pdbx_audit_revision_history.data_content_type 
_pdbx_audit_revision_history.major_revision 
_pdbx_audit_revision_history.minor_revision 
_pdbx_audit_revision_history.revision_date 
1 'Structure model' 1 0 1993-10-31 
2 'Structure model' 1 1 2008-03-24 
3 'Structure model' 1 2 2011-07-13 
4 'Structure model' 1 3 2017-11-29 
5 'Structure model' 1 4 2024-02-14 
# 
_pdbx_audit_revision_details.ordinal             1 
_pdbx_audit_revision_details.revision_ordinal    1 
_pdbx_audit_revision_details.data_content_type   'Structure model' 
_pdbx_audit_revision_details.provider            repository 
_pdbx_audit_revision_details.type                'Initial release' 
_pdbx_audit_revision_details.description         ? 
_pdbx_audit_revision_details.details             ? 
# 
loop_
_pdbx_audit_revision_group.ordinal 
_pdbx_audit_revision_group.revision_ordinal 
_pdbx_audit_revision_group.data_content_type 
_pdbx_audit_revision_group.group 
1 2 'Structure model' 'Version format compliance' 
2 3 'Structure model' 'Version format compliance' 
3 4 'Structure model' 'Derived calculations'      
4 4 'Structure model' Other                       
5 5 'Structure model' 'Data collection'           
6 5 'Structure model' 'Database references'       
7 5 'Structure model' 'Derived calculations'      
# 
loop_
_pdbx_audit_revision_category.ordinal 
_pdbx_audit_revision_category.revision_ordinal 
_pdbx_audit_revision_category.data_content_type 
_pdbx_audit_revision_category.category 
1 4 'Structure model' pdbx_database_status 
2 4 'Structure model' struct_conf          
3 4 'Structure model' struct_conf_type     
4 5 'Structure model' chem_comp_atom       
5 5 'Structure model' chem_comp_bond       
6 5 'Structure model' database_2           
7 5 'Structure model' struct_conn          
8 5 'Structure model' struct_ref_seq_dif   
9 5 'Structure model' struct_site          
# 
loop_
_pdbx_audit_revision_item.ordinal 
_pdbx_audit_revision_item.revision_ordinal 
_pdbx_audit_revision_item.data_content_type 
_pdbx_audit_revision_item.item 
1 4 'Structure model' '_pdbx_database_status.process_site'  
2 5 'Structure model' '_database_2.pdbx_DOI'                
3 5 'Structure model' '_database_2.pdbx_database_accession' 
4 5 'Structure model' '_struct_conn.pdbx_leaving_atom_flag' 
5 5 'Structure model' '_struct_ref_seq_dif.details'         
6 5 'Structure model' '_struct_site.pdbx_auth_asym_id'      
7 5 'Structure model' '_struct_site.pdbx_auth_comp_id'      
8 5 'Structure model' '_struct_site.pdbx_auth_seq_id'       
# 
_pdbx_database_status.status_code                     REL 
_pdbx_database_status.entry_id                        1L84 
_pdbx_database_status.recvd_initial_deposition_date   1992-01-21 
_pdbx_database_status.deposit_site                    ? 
_pdbx_database_status.process_site                    BNL 
_pdbx_database_status.SG_entry                        . 
_pdbx_database_status.status_code_sf                  REL 
_pdbx_database_status.pdb_format_compatible           Y 
_pdbx_database_status.status_code_mr                  ? 
_pdbx_database_status.status_code_cs                  ? 
_pdbx_database_status.methods_development_category    ? 
_pdbx_database_status.status_code_nmr_data            ? 
# 
loop_
_audit_author.name 
_audit_author.pdbx_ordinal 
'Eriksson, A.E.' 1 
'Matthews, B.W.' 2 
# 
_citation.id                        primary 
_citation.title                     'A cavity-containing mutant of T4 lysozyme is stabilized by buried benzene.' 
_citation.journal_abbrev            Nature 
_citation.journal_volume            355 
_citation.page_first                371 
_citation.page_last                 373 
_citation.year                      1992 
_citation.journal_id_ASTM           NATUAS 
_citation.country                   UK 
_citation.journal_id_ISSN           0028-0836 
_citation.journal_id_CSD            0006 
_citation.book_publisher            ? 
_citation.pdbx_database_id_PubMed   1731252 
_citation.pdbx_database_id_DOI      10.1038/355371a0 
# 
loop_
_citation_author.citation_id 
_citation_author.name 
_citation_author.ordinal 
_citation_author.identifier_ORCID 
primary 'Eriksson, A.E.' 1 ? 
primary 'Baase, W.A.'    2 ? 
primary 'Wozniak, J.A.'  3 ? 
primary 'Matthews, B.W.' 4 ? 
# 
loop_
_entity.id 
_entity.type 
_entity.src_method 
_entity.pdbx_description 
_entity.formula_weight 
_entity.pdbx_number_of_molecules 
_entity.pdbx_ec 
_entity.pdbx_mutation 
_entity.pdbx_fragment 
_entity.details 
1 polymer     man 'T4 LYSOZYME'        18510.188 1   3.2.1.17 ? ? ? 
2 non-polymer syn 'CHLORIDE ION'       35.453    2   ?        ? ? ? 
3 non-polymer syn BETA-MERCAPTOETHANOL 78.133    2   ?        ? ? ? 
4 non-polymer syn BENZENE              78.112    1   ?        ? ? ? 
5 water       nat water                18.015    125 ?        ? ? ? 
# 
_entity_poly.entity_id                      1 
_entity_poly.type                           'polypeptide(L)' 
_entity_poly.nstd_linkage                   no 
_entity_poly.nstd_monomer                   no 
_entity_poly.pdbx_seq_one_letter_code       
;MNIFEMLRIDEGLRLKIYKDTEGYYTIGIGHLLTKSPSLNAAKSELDKAIGRNTNGVITKDEAEKLFNQDVDAAVRGILR
NAKLKPVYDSLDAVRRAAAINMVFQMGETGVAGFTNSLRMLQQKRWDEAAVNLAKSRWYNQTPNRAKRVITTARTGTWDA
YKNL
;
_entity_poly.pdbx_seq_one_letter_code_can   
;MNIFEMLRIDEGLRLKIYKDTEGYYTIGIGHLLTKSPSLNAAKSELDKAIGRNTNGVITKDEAEKLFNQDVDAAVRGILR
NAKLKPVYDSLDAVRRAAAINMVFQMGETGVAGFTNSLRMLQQKRWDEAAVNLAKSRWYNQTPNRAKRVITTARTGTWDA
YKNL
;
_entity_poly.pdbx_strand_id                 A 
_entity_poly.pdbx_target_identifier         ? 
# 
loop_
_pdbx_entity_nonpoly.entity_id 
_pdbx_entity_nonpoly.name 
_pdbx_entity_nonpoly.comp_id 
2 'CHLORIDE ION'       CL  
3 BETA-MERCAPTOETHANOL BME 
4 BENZENE              BNZ 
5 water                HOH 
# 
loop_
_entity_poly_seq.entity_id 
_entity_poly_seq.num 
_entity_poly_seq.mon_id 
_entity_poly_seq.hetero 
1 1   MET n 
1 2   ASN n 
1 3   ILE n 
1 4   PHE n 
1 5   GLU n 
1 6   MET n 
1 7   LEU n 
1 8   ARG n 
1 9   ILE n 
1 10  ASP n 
1 11  GLU n 
1 12  GLY n 
1 13  LEU n 
1 14  ARG n 
1 15  LEU n 
1 16  LYS n 
1 17  ILE n 
1 18  TYR n 
1 19  LYS n 
1 20  ASP n 
1 21  THR n 
1 22  GLU n 
1 23  GLY n 
1 24  TYR n 
1 25  TYR n 
1 26  THR n 
1 27  ILE n 
1 28  GLY n 
1 29  ILE n 
1 30  GLY n 
1 31  HIS n 
1 32  LEU n 
1 33  LEU n 
1 34  THR n 
1 35  LYS n 
1 36  SER n 
1 37  PRO n 
1 38  SER n 
1 39  LEU n 
1 40  ASN n 
1 41  ALA n 
1 42  ALA n 
1 43  LYS n 
1 44  SER n 
1 45  GLU n 
1 46  LEU n 
1 47  ASP n 
1 48  LYS n 
1 49  ALA n 
1 50  ILE n 
1 51  GLY n 
1 52  ARG n 
1 53  ASN n 
1 54  THR n 
1 55  ASN n 
1 56  GLY n 
1 57  VAL n 
1 58  ILE n 
1 59  THR n 
1 60  LYS n 
1 61  ASP n 
1 62  GLU n 
1 63  ALA n 
1 64  GLU n 
1 65  LYS n 
1 66  LEU n 
1 67  PHE n 
1 68  ASN n 
1 69  GLN n 
1 70  ASP n 
1 71  VAL n 
1 72  ASP n 
1 73  ALA n 
1 74  ALA n 
1 75  VAL n 
1 76  ARG n 
1 77  GLY n 
1 78  ILE n 
1 79  LEU n 
1 80  ARG n 
1 81  ASN n 
1 82  ALA n 
1 83  LYS n 
1 84  LEU n 
1 85  LYS n 
1 86  PRO n 
1 87  VAL n 
1 88  TYR n 
1 89  ASP n 
1 90  SER n 
1 91  LEU n 
1 92  ASP n 
1 93  ALA n 
1 94  VAL n 
1 95  ARG n 
1 96  ARG n 
1 97  ALA n 
1 98  ALA n 
1 99  ALA n 
1 100 ILE n 
1 101 ASN n 
1 102 MET n 
1 103 VAL n 
1 104 PHE n 
1 105 GLN n 
1 106 MET n 
1 107 GLY n 
1 108 GLU n 
1 109 THR n 
1 110 GLY n 
1 111 VAL n 
1 112 ALA n 
1 113 GLY n 
1 114 PHE n 
1 115 THR n 
1 116 ASN n 
1 117 SER n 
1 118 LEU n 
1 119 ARG n 
1 120 MET n 
1 121 LEU n 
1 122 GLN n 
1 123 GLN n 
1 124 LYS n 
1 125 ARG n 
1 126 TRP n 
1 127 ASP n 
1 128 GLU n 
1 129 ALA n 
1 130 ALA n 
1 131 VAL n 
1 132 ASN n 
1 133 LEU n 
1 134 ALA n 
1 135 LYS n 
1 136 SER n 
1 137 ARG n 
1 138 TRP n 
1 139 TYR n 
1 140 ASN n 
1 141 GLN n 
1 142 THR n 
1 143 PRO n 
1 144 ASN n 
1 145 ARG n 
1 146 ALA n 
1 147 LYS n 
1 148 ARG n 
1 149 VAL n 
1 150 ILE n 
1 151 THR n 
1 152 THR n 
1 153 ALA n 
1 154 ARG n 
1 155 THR n 
1 156 GLY n 
1 157 THR n 
1 158 TRP n 
1 159 ASP n 
1 160 ALA n 
1 161 TYR n 
1 162 LYS n 
1 163 ASN n 
1 164 LEU n 
# 
_entity_src_gen.entity_id                          1 
_entity_src_gen.pdbx_src_id                        1 
_entity_src_gen.pdbx_alt_source_flag               sample 
_entity_src_gen.pdbx_seq_type                      ? 
_entity_src_gen.pdbx_beg_seq_num                   ? 
_entity_src_gen.pdbx_end_seq_num                   ? 
_entity_src_gen.gene_src_common_name               ? 
_entity_src_gen.gene_src_genus                     'T4-like viruses' 
_entity_src_gen.pdbx_gene_src_gene                 ? 
_entity_src_gen.gene_src_species                   'Enterobacteria phage T4 sensu lato' 
_entity_src_gen.gene_src_strain                    ? 
_entity_src_gen.gene_src_tissue                    ? 
_entity_src_gen.gene_src_tissue_fraction           ? 
_entity_src_gen.gene_src_details                   ? 
_entity_src_gen.pdbx_gene_src_fragment             ? 
_entity_src_gen.pdbx_gene_src_scientific_name      'Enterobacteria phage T4' 
_entity_src_gen.pdbx_gene_src_ncbi_taxonomy_id     10665 
_entity_src_gen.pdbx_gene_src_variant              ? 
_entity_src_gen.pdbx_gene_src_cell_line            ? 
_entity_src_gen.pdbx_gene_src_atcc                 ? 
_entity_src_gen.pdbx_gene_src_organ                ? 
_entity_src_gen.pdbx_gene_src_organelle            ? 
_entity_src_gen.pdbx_gene_src_cell                 ? 
_entity_src_gen.pdbx_gene_src_cellular_location    ? 
_entity_src_gen.host_org_common_name               ? 
_entity_src_gen.pdbx_host_org_scientific_name      ? 
_entity_src_gen.pdbx_host_org_ncbi_taxonomy_id     ? 
_entity_src_gen.host_org_genus                     ? 
_entity_src_gen.pdbx_host_org_gene                 ? 
_entity_src_gen.pdbx_host_org_organ                ? 
_entity_src_gen.host_org_species                   ? 
_entity_src_gen.pdbx_host_org_tissue               ? 
_entity_src_gen.pdbx_host_org_tissue_fraction      ? 
_entity_src_gen.pdbx_host_org_strain               ? 
_entity_src_gen.pdbx_host_org_variant              ? 
_entity_src_gen.pdbx_host_org_cell_line            ? 
_entity_src_gen.pdbx_host_org_atcc                 ? 
_entity_src_gen.pdbx_host_org_culture_collection   ? 
_entity_src_gen.pdbx_host_org_cell                 ? 
_entity_src_gen.pdbx_host_org_organelle            ? 
_entity_src_gen.pdbx_host_org_cellular_location    ? 
_entity_src_gen.pdbx_host_org_vector_type          PLASMID 
_entity_src_gen.pdbx_host_org_vector               ? 
_entity_src_gen.host_org_details                   ? 
_entity_src_gen.expression_system_id               ? 
_entity_src_gen.plasmid_name                       M13 
_entity_src_gen.plasmid_details                    ? 
_entity_src_gen.pdbx_description                   ? 
# 
loop_
_chem_comp.id 
_chem_comp.type 
_chem_comp.mon_nstd_flag 
_chem_comp.name 
_chem_comp.pdbx_synonyms 
_chem_comp.formula 
_chem_comp.formula_weight 
ALA 'L-peptide linking' y ALANINE              ? 'C3 H7 N O2'     89.093  
ARG 'L-peptide linking' y ARGININE             ? 'C6 H15 N4 O2 1' 175.209 
ASN 'L-peptide linking' y ASPARAGINE           ? 'C4 H8 N2 O3'    132.118 
ASP 'L-peptide linking' y 'ASPARTIC ACID'      ? 'C4 H7 N O4'     133.103 
BME non-polymer         . BETA-MERCAPTOETHANOL ? 'C2 H6 O S'      78.133  
BNZ non-polymer         . BENZENE              ? 'C6 H6'          78.112  
CL  non-polymer         . 'CHLORIDE ION'       ? 'Cl -1'          35.453  
CYS 'L-peptide linking' y CYSTEINE             ? 'C3 H7 N O2 S'   121.158 
GLN 'L-peptide linking' y GLUTAMINE            ? 'C5 H10 N2 O3'   146.144 
GLU 'L-peptide linking' y 'GLUTAMIC ACID'      ? 'C5 H9 N O4'     147.129 
GLY 'peptide linking'   y GLYCINE              ? 'C2 H5 N O2'     75.067  
HIS 'L-peptide linking' y HISTIDINE            ? 'C6 H10 N3 O2 1' 156.162 
HOH non-polymer         . WATER                ? 'H2 O'           18.015  
ILE 'L-peptide linking' y ISOLEUCINE           ? 'C6 H13 N O2'    131.173 
LEU 'L-peptide linking' y LEUCINE              ? 'C6 H13 N O2'    131.173 
LYS 'L-peptide linking' y LYSINE               ? 'C6 H15 N2 O2 1' 147.195 
MET 'L-peptide linking' y METHIONINE           ? 'C5 H11 N O2 S'  149.211 
PHE 'L-peptide linking' y PHENYLALANINE        ? 'C9 H11 N O2'    165.189 
PRO 'L-peptide linking' y PROLINE              ? 'C5 H9 N O2'     115.130 
SER 'L-peptide linking' y SERINE               ? 'C3 H7 N O3'     105.093 
THR 'L-peptide linking' y THREONINE            ? 'C4 H9 N O3'     119.119 
TRP 'L-peptide linking' y TRYPTOPHAN           ? 'C11 H12 N2 O2'  204.225 
TYR 'L-peptide linking' y TYROSINE             ? 'C9 H11 N O3'    181.189 
VAL 'L-peptide linking' y VALINE               ? 'C5 H11 N O2'    117.146 
# 
loop_
_pdbx_poly_seq_scheme.asym_id 
_pdbx_poly_seq_scheme.entity_id 
_pdbx_poly_seq_scheme.seq_id 
_pdbx_poly_seq_scheme.mon_id 
_pdbx_poly_seq_scheme.ndb_seq_num 
_pdbx_poly_seq_scheme.pdb_seq_num 
_pdbx_poly_seq_scheme.auth_seq_num 
_pdbx_poly_seq_scheme.pdb_mon_id 
_pdbx_poly_seq_scheme.auth_mon_id 
_pdbx_poly_seq_scheme.pdb_strand_id 
_pdbx_poly_seq_scheme.pdb_ins_code 
_pdbx_poly_seq_scheme.hetero 
A 1 1   MET 1   1   1   MET MET A . n 
A 1 2   ASN 2   2   2   ASN ASN A . n 
A 1 3   ILE 3   3   3   ILE ILE A . n 
A 1 4   PHE 4   4   4   PHE PHE A . n 
A 1 5   GLU 5   5   5   GLU GLU A . n 
A 1 6   MET 6   6   6   MET MET A . n 
A 1 7   LEU 7   7   7   LEU LEU A . n 
A 1 8   ARG 8   8   8   ARG ARG A . n 
A 1 9   ILE 9   9   9   ILE ILE A . n 
A 1 10  ASP 10  10  10  ASP ASP A . n 
A 1 11  GLU 11  11  11  GLU GLU A . n 
A 1 12  GLY 12  12  12  GLY GLY A . n 
A 1 13  LEU 13  13  13  LEU LEU A . n 
A 1 14  ARG 14  14  14  ARG ARG A . n 
A 1 15  LEU 15  15  15  LEU LEU A . n 
A 1 16  LYS 16  16  16  LYS LYS A . n 
A 1 17  ILE 17  17  17  ILE ILE A . n 
A 1 18  TYR 18  18  18  TYR TYR A . n 
A 1 19  LYS 19  19  19  LYS LYS A . n 
A 1 20  ASP 20  20  20  ASP ASP A . n 
A 1 21  THR 21  21  21  THR THR A . n 
A 1 22  GLU 22  22  22  GLU GLU A . n 
A 1 23  GLY 23  23  23  GLY GLY A . n 
A 1 24  TYR 24  24  24  TYR TYR A . n 
A 1 25  TYR 25  25  25  TYR TYR A . n 
A 1 26  THR 26  26  26  THR THR A . n 
A 1 27  ILE 27  27  27  ILE ILE A . n 
A 1 28  GLY 28  28  28  GLY GLY A . n 
A 1 29  ILE 29  29  29  ILE ILE A . n 
A 1 30  GLY 30  30  30  GLY GLY A . n 
A 1 31  HIS 31  31  31  HIS HIS A . n 
A 1 32  LEU 32  32  32  LEU LEU A . n 
A 1 33  LEU 33  33  33  LEU LEU A . n 
A 1 34  THR 34  34  34  THR THR A . n 
A 1 35  LYS 35  35  35  LYS LYS A . n 
A 1 36  SER 36  36  36  SER SER A . n 
A 1 37  PRO 37  37  37  PRO PRO A . n 
A 1 38  SER 38  38  38  SER SER A . n 
A 1 39  LEU 39  39  39  LEU LEU A . n 
A 1 40  ASN 40  40  40  ASN ASN A . n 
A 1 41  ALA 41  41  41  ALA ALA A . n 
A 1 42  ALA 42  42  42  ALA ALA A . n 
A 1 43  LYS 43  43  43  LYS LYS A . n 
A 1 44  SER 44  44  44  SER SER A . n 
A 1 45  GLU 45  45  45  GLU GLU A . n 
A 1 46  LEU 46  46  46  LEU LEU A . n 
A 1 47  ASP 47  47  47  ASP ASP A . n 
A 1 48  LYS 48  48  48  LYS LYS A . n 
A 1 49  ALA 49  49  49  ALA ALA A . n 
A 1 50  ILE 50  50  50  ILE ILE A . n 
A 1 51  GLY 51  51  51  GLY GLY A . n 
A 1 52  ARG 52  52  52  ARG ARG A . n 
A 1 53  ASN 53  53  53  ASN ASN A . n 
A 1 54  THR 54  54  54  THR THR A . n 
A 1 55  ASN 55  55  55  ASN ASN A . n 
A 1 56  GLY 56  56  56  GLY GLY A . n 
A 1 57  VAL 57  57  57  VAL VAL A . n 
A 1 58  ILE 58  58  58  ILE ILE A . n 
A 1 59  THR 59  59  59  THR THR A . n 
A 1 60  LYS 60  60  60  LYS LYS A . n 
A 1 61  ASP 61  61  61  ASP ASP A . n 
A 1 62  GLU 62  62  62  GLU GLU A . n 
A 1 63  ALA 63  63  63  ALA ALA A . n 
A 1 64  GLU 64  64  64  GLU GLU A . n 
A 1 65  LYS 65  65  65  LYS LYS A . n 
A 1 66  LEU 66  66  66  LEU LEU A . n 
A 1 67  PHE 67  67  67  PHE PHE A . n 
A 1 68  ASN 68  68  68  ASN ASN A . n 
A 1 69  GLN 69  69  69  GLN GLN A . n 
A 1 70  ASP 70  70  70  ASP ASP A . n 
A 1 71  VAL 71  71  71  VAL VAL A . n 
A 1 72  ASP 72  72  72  ASP ASP A . n 
A 1 73  ALA 73  73  73  ALA ALA A . n 
A 1 74  ALA 74  74  74  ALA ALA A . n 
A 1 75  VAL 75  75  75  VAL VAL A . n 
A 1 76  ARG 76  76  76  ARG ARG A . n 
A 1 77  GLY 77  77  77  GLY GLY A . n 
A 1 78  ILE 78  78  78  ILE ILE A . n 
A 1 79  LEU 79  79  79  LEU LEU A . n 
A 1 80  ARG 80  80  80  ARG ARG A . n 
A 1 81  ASN 81  81  81  ASN ASN A . n 
A 1 82  ALA 82  82  82  ALA ALA A . n 
A 1 83  LYS 83  83  83  LYS LYS A . n 
A 1 84  LEU 84  84  84  LEU LEU A . n 
A 1 85  LYS 85  85  85  LYS LYS A . n 
A 1 86  PRO 86  86  86  PRO PRO A . n 
A 1 87  VAL 87  87  87  VAL VAL A . n 
A 1 88  TYR 88  88  88  TYR TYR A . n 
A 1 89  ASP 89  89  89  ASP ASP A . n 
A 1 90  SER 90  90  90  SER SER A . n 
A 1 91  LEU 91  91  91  LEU LEU A . n 
A 1 92  ASP 92  92  92  ASP ASP A . n 
A 1 93  ALA 93  93  93  ALA ALA A . n 
A 1 94  VAL 94  94  94  VAL VAL A . n 
A 1 95  ARG 95  95  95  ARG ARG A . n 
A 1 96  ARG 96  96  96  ARG ARG A . n 
A 1 97  ALA 97  97  97  ALA ALA A . n 
A 1 98  ALA 98  98  98  ALA ALA A . n 
A 1 99  ALA 99  99  99  ALA ALA A . n 
A 1 100 ILE 100 100 100 ILE ILE A . n 
A 1 101 ASN 101 101 101 ASN ASN A . n 
A 1 102 MET 102 102 102 MET MET A . n 
A 1 103 VAL 103 103 103 VAL VAL A . n 
A 1 104 PHE 104 104 104 PHE PHE A . n 
A 1 105 GLN 105 105 105 GLN GLN A . n 
A 1 106 MET 106 106 106 MET MET A . n 
A 1 107 GLY 107 107 107 GLY GLY A . n 
A 1 108 GLU 108 108 108 GLU GLU A . n 
A 1 109 THR 109 109 109 THR THR A . n 
A 1 110 GLY 110 110 110 GLY GLY A . n 
A 1 111 VAL 111 111 111 VAL VAL A . n 
A 1 112 ALA 112 112 112 ALA ALA A . n 
A 1 113 GLY 113 113 113 GLY GLY A . n 
A 1 114 PHE 114 114 114 PHE PHE A . n 
A 1 115 THR 115 115 115 THR THR A . n 
A 1 116 ASN 116 116 116 ASN ASN A . n 
A 1 117 SER 117 117 117 SER SER A . n 
A 1 118 LEU 118 118 118 LEU LEU A . n 
A 1 119 ARG 119 119 119 ARG ARG A . n 
A 1 120 MET 120 120 120 MET MET A . n 
A 1 121 LEU 121 121 121 LEU LEU A . n 
A 1 122 GLN 122 122 122 GLN GLN A . n 
A 1 123 GLN 123 123 123 GLN GLN A . n 
A 1 124 LYS 124 124 124 LYS LYS A . n 
A 1 125 ARG 125 125 125 ARG ARG A . n 
A 1 126 TRP 126 126 126 TRP TRP A . n 
A 1 127 ASP 127 127 127 ASP ASP A . n 
A 1 128 GLU 128 128 128 GLU GLU A . n 
A 1 129 ALA 129 129 129 ALA ALA A . n 
A 1 130 ALA 130 130 130 ALA ALA A . n 
A 1 131 VAL 131 131 131 VAL VAL A . n 
A 1 132 ASN 132 132 132 ASN ASN A . n 
A 1 133 LEU 133 133 133 LEU LEU A . n 
A 1 134 ALA 134 134 134 ALA ALA A . n 
A 1 135 LYS 135 135 135 LYS LYS A . n 
A 1 136 SER 136 136 136 SER SER A . n 
A 1 137 ARG 137 137 137 ARG ARG A . n 
A 1 138 TRP 138 138 138 TRP TRP A . n 
A 1 139 TYR 139 139 139 TYR TYR A . n 
A 1 140 ASN 140 140 140 ASN ASN A . n 
A 1 141 GLN 141 141 141 GLN GLN A . n 
A 1 142 THR 142 142 142 THR THR A . n 
A 1 143 PRO 143 143 143 PRO PRO A . n 
A 1 144 ASN 144 144 144 ASN ASN A . n 
A 1 145 ARG 145 145 145 ARG ARG A . n 
A 1 146 ALA 146 146 146 ALA ALA A . n 
A 1 147 LYS 147 147 147 LYS LYS A . n 
A 1 148 ARG 148 148 148 ARG ARG A . n 
A 1 149 VAL 149 149 149 VAL VAL A . n 
A 1 150 ILE 150 150 150 ILE ILE A . n 
A 1 151 THR 151 151 151 THR THR A . n 
A 1 152 THR 152 152 152 THR THR A . n 
A 1 153 ALA 153 153 153 ALA ALA A . n 
A 1 154 ARG 154 154 154 ARG ARG A . n 
A 1 155 THR 155 155 155 THR THR A . n 
A 1 156 GLY 156 156 156 GLY GLY A . n 
A 1 157 THR 157 157 157 THR THR A . n 
A 1 158 TRP 158 158 158 TRP TRP A . n 
A 1 159 ASP 159 159 159 ASP ASP A . n 
A 1 160 ALA 160 160 160 ALA ALA A . n 
A 1 161 TYR 161 161 161 TYR TYR A . n 
A 1 162 LYS 162 162 162 LYS LYS A . n 
A 1 163 ASN 163 163 ?   ?   ?   A . n 
A 1 164 LEU 164 164 ?   ?   ?   A . n 
# 
loop_
_pdbx_nonpoly_scheme.asym_id 
_pdbx_nonpoly_scheme.entity_id 
_pdbx_nonpoly_scheme.mon_id 
_pdbx_nonpoly_scheme.ndb_seq_num 
_pdbx_nonpoly_scheme.pdb_seq_num 
_pdbx_nonpoly_scheme.auth_seq_num 
_pdbx_nonpoly_scheme.pdb_mon_id 
_pdbx_nonpoly_scheme.auth_mon_id 
_pdbx_nonpoly_scheme.pdb_strand_id 
_pdbx_nonpoly_scheme.pdb_ins_code 
B 2 CL  1   173 173 CL  CL  A . 
C 2 CL  1   178 178 CL  CL  A . 
D 3 BME 1   901 901 BME SEO A . 
E 3 BME 1   902 902 BME SEO A . 
F 4 BNZ 1   400 400 BNZ BNZ A . 
G 5 HOH 1   171 171 HOH HOH A . 
G 5 HOH 2   172 172 HOH HOH A . 
G 5 HOH 3   174 174 HOH HOH A . 
G 5 HOH 4   175 175 HOH HOH A . 
G 5 HOH 5   177 177 HOH HOH A . 
G 5 HOH 6   179 179 HOH HOH A . 
G 5 HOH 7   180 180 HOH HOH A . 
G 5 HOH 8   181 181 HOH HOH A . 
G 5 HOH 9   182 182 HOH HOH A . 
G 5 HOH 10  183 183 HOH HOH A . 
G 5 HOH 11  185 185 HOH HOH A . 
G 5 HOH 12  186 186 HOH HOH A . 
G 5 HOH 13  187 187 HOH HOH A . 
G 5 HOH 14  188 188 HOH HOH A . 
G 5 HOH 15  189 189 HOH HOH A . 
G 5 HOH 16  190 190 HOH HOH A . 
G 5 HOH 17  191 191 HOH HOH A . 
G 5 HOH 18  192 192 HOH HOH A . 
G 5 HOH 19  193 193 HOH HOH A . 
G 5 HOH 20  194 194 HOH HOH A . 
G 5 HOH 21  195 195 HOH HOH A . 
G 5 HOH 22  196 196 HOH HOH A . 
G 5 HOH 23  197 197 HOH HOH A . 
G 5 HOH 24  198 198 HOH HOH A . 
G 5 HOH 25  200 200 HOH HOH A . 
G 5 HOH 26  201 201 HOH HOH A . 
G 5 HOH 27  202 202 HOH HOH A . 
G 5 HOH 28  203 203 HOH HOH A . 
G 5 HOH 29  204 204 HOH HOH A . 
G 5 HOH 30  206 206 HOH HOH A . 
G 5 HOH 31  207 207 HOH HOH A . 
G 5 HOH 32  208 208 HOH HOH A . 
G 5 HOH 33  209 209 HOH HOH A . 
G 5 HOH 34  210 210 HOH HOH A . 
G 5 HOH 35  211 211 HOH HOH A . 
G 5 HOH 36  212 212 HOH HOH A . 
G 5 HOH 37  213 213 HOH HOH A . 
G 5 HOH 38  214 214 HOH HOH A . 
G 5 HOH 39  215 215 HOH HOH A . 
G 5 HOH 40  216 216 HOH HOH A . 
G 5 HOH 41  217 217 HOH HOH A . 
G 5 HOH 42  218 218 HOH HOH A . 
G 5 HOH 43  219 219 HOH HOH A . 
G 5 HOH 44  220 220 HOH HOH A . 
G 5 HOH 45  221 221 HOH HOH A . 
G 5 HOH 46  222 222 HOH HOH A . 
G 5 HOH 47  223 223 HOH HOH A . 
G 5 HOH 48  224 224 HOH HOH A . 
G 5 HOH 49  225 225 HOH HOH A . 
G 5 HOH 50  226 226 HOH HOH A . 
G 5 HOH 51  227 227 HOH HOH A . 
G 5 HOH 52  228 228 HOH HOH A . 
G 5 HOH 53  229 229 HOH HOH A . 
G 5 HOH 54  230 230 HOH HOH A . 
G 5 HOH 55  231 231 HOH HOH A . 
G 5 HOH 56  232 232 HOH HOH A . 
G 5 HOH 57  233 233 HOH HOH A . 
G 5 HOH 58  234 234 HOH HOH A . 
G 5 HOH 59  235 235 HOH HOH A . 
G 5 HOH 60  237 237 HOH HOH A . 
G 5 HOH 61  238 238 HOH HOH A . 
G 5 HOH 62  239 239 HOH HOH A . 
G 5 HOH 63  240 240 HOH HOH A . 
G 5 HOH 64  242 242 HOH HOH A . 
G 5 HOH 65  244 244 HOH HOH A . 
G 5 HOH 66  246 246 HOH HOH A . 
G 5 HOH 67  247 247 HOH HOH A . 
G 5 HOH 68  248 248 HOH HOH A . 
G 5 HOH 69  249 249 HOH HOH A . 
G 5 HOH 70  250 250 HOH HOH A . 
G 5 HOH 71  251 251 HOH HOH A . 
G 5 HOH 72  253 253 HOH HOH A . 
G 5 HOH 73  254 254 HOH HOH A . 
G 5 HOH 74  256 256 HOH HOH A . 
G 5 HOH 75  259 259 HOH HOH A . 
G 5 HOH 76  260 260 HOH HOH A . 
G 5 HOH 77  261 261 HOH HOH A . 
G 5 HOH 78  262 262 HOH HOH A . 
G 5 HOH 79  266 266 HOH HOH A . 
G 5 HOH 80  267 267 HOH HOH A . 
G 5 HOH 81  268 268 HOH HOH A . 
G 5 HOH 82  269 269 HOH HOH A . 
G 5 HOH 83  270 270 HOH HOH A . 
G 5 HOH 84  271 271 HOH HOH A . 
G 5 HOH 85  272 272 HOH HOH A . 
G 5 HOH 86  273 273 HOH HOH A . 
G 5 HOH 87  274 274 HOH HOH A . 
G 5 HOH 88  275 275 HOH HOH A . 
G 5 HOH 89  276 276 HOH HOH A . 
G 5 HOH 90  277 277 HOH HOH A . 
G 5 HOH 91  278 278 HOH HOH A . 
G 5 HOH 92  279 279 HOH HOH A . 
G 5 HOH 93  280 280 HOH HOH A . 
G 5 HOH 94  281 281 HOH HOH A . 
G 5 HOH 95  282 282 HOH HOH A . 
G 5 HOH 96  283 283 HOH HOH A . 
G 5 HOH 97  284 284 HOH HOH A . 
G 5 HOH 98  285 285 HOH HOH A . 
G 5 HOH 99  286 286 HOH HOH A . 
G 5 HOH 100 288 288 HOH HOH A . 
G 5 HOH 101 289 289 HOH HOH A . 
G 5 HOH 102 290 290 HOH HOH A . 
G 5 HOH 103 293 293 HOH HOH A . 
G 5 HOH 104 294 294 HOH HOH A . 
G 5 HOH 105 295 295 HOH HOH A . 
G 5 HOH 106 296 296 HOH HOH A . 
G 5 HOH 107 297 297 HOH HOH A . 
G 5 HOH 108 298 298 HOH HOH A . 
G 5 HOH 109 299 299 HOH HOH A . 
G 5 HOH 110 300 300 HOH HOH A . 
G 5 HOH 111 302 302 HOH HOH A . 
G 5 HOH 112 303 303 HOH HOH A . 
G 5 HOH 113 306 306 HOH HOH A . 
G 5 HOH 114 307 307 HOH HOH A . 
G 5 HOH 115 308 308 HOH HOH A . 
G 5 HOH 116 311 311 HOH HOH A . 
G 5 HOH 117 312 312 HOH HOH A . 
G 5 HOH 118 316 316 HOH HOH A . 
G 5 HOH 119 317 317 HOH HOH A . 
G 5 HOH 120 323 323 HOH HOH A . 
G 5 HOH 121 324 324 HOH HOH A . 
G 5 HOH 122 325 325 HOH HOH A . 
G 5 HOH 123 326 326 HOH HOH A . 
G 5 HOH 124 327 327 HOH HOH A . 
G 5 HOH 125 328 328 HOH HOH A . 
# 
_software.name             TNT 
_software.classification   refinement 
_software.version          . 
_software.citation_id      ? 
_software.pdbx_ordinal     1 
# 
_cell.entry_id           1L84 
_cell.length_a           61.000 
_cell.length_b           61.000 
_cell.length_c           95.800 
_cell.angle_alpha        90.00 
_cell.angle_beta         90.00 
_cell.angle_gamma        120.00 
_cell.Z_PDB              6 
_cell.pdbx_unique_axis   ? 
# 
_symmetry.entry_id                         1L84 
_symmetry.space_group_name_H-M             'P 32 2 1' 
_symmetry.pdbx_full_space_group_name_H-M   ? 
_symmetry.cell_setting                     ? 
_symmetry.Int_Tables_number                154 
# 
_exptl.entry_id          1L84 
_exptl.method            'X-RAY DIFFRACTION' 
_exptl.crystals_number   ? 
# 
_exptl_crystal.id                    1 
_exptl_crystal.density_meas          ? 
_exptl_crystal.density_Matthews      2.78 
_exptl_crystal.density_percent_sol   55.74 
_exptl_crystal.description           ? 
# 
_diffrn.id                     1 
_diffrn.ambient_temp           ? 
_diffrn.ambient_temp_details   ? 
_diffrn.crystal_id             1 
# 
_diffrn_radiation.diffrn_id                        1 
_diffrn_radiation.wavelength_id                    1 
_diffrn_radiation.pdbx_monochromatic_or_laue_m_l   ? 
_diffrn_radiation.monochromator                    ? 
_diffrn_radiation.pdbx_diffrn_protocol             ? 
_diffrn_radiation.pdbx_scattering_type             x-ray 
# 
_diffrn_radiation_wavelength.id           1 
_diffrn_radiation_wavelength.wavelength   . 
_diffrn_radiation_wavelength.wt           1.0 
# 
_refine.entry_id                                 1L84 
_refine.ls_number_reflns_obs                     ? 
_refine.ls_number_reflns_all                     ? 
_refine.pdbx_ls_sigma_I                          ? 
_refine.pdbx_ls_sigma_F                          ? 
_refine.pdbx_data_cutoff_high_absF               ? 
_refine.pdbx_data_cutoff_low_absF                ? 
_refine.pdbx_data_cutoff_high_rms_absF           ? 
_refine.ls_d_res_low                             ? 
_refine.ls_d_res_high                            1.90 
_refine.ls_percent_reflns_obs                    ? 
_refine.ls_R_factor_obs                          0.162 
_refine.ls_R_factor_all                          ? 
_refine.ls_R_factor_R_work                       ? 
_refine.ls_R_factor_R_free                       ? 
_refine.ls_R_factor_R_free_error                 ? 
_refine.ls_R_factor_R_free_error_details         ? 
_refine.ls_percent_reflns_R_free                 ? 
_refine.ls_number_reflns_R_free                  ? 
_refine.ls_number_parameters                     ? 
_refine.ls_number_restraints                     ? 
_refine.occupancy_min                            ? 
_refine.occupancy_max                            ? 
_refine.B_iso_mean                               ? 
_refine.aniso_B[1][1]                            ? 
_refine.aniso_B[2][2]                            ? 
_refine.aniso_B[3][3]                            ? 
_refine.aniso_B[1][2]                            ? 
_refine.aniso_B[1][3]                            ? 
_refine.aniso_B[2][3]                            ? 
_refine.solvent_model_details                    ? 
_refine.solvent_model_param_ksol                 ? 
_refine.solvent_model_param_bsol                 ? 
_refine.pdbx_ls_cross_valid_method               ? 
_refine.details                                  
;RESIDUES 162 - 164 IN WILD-TYPE AND ALL MUTANT LYSOZYMES
ARE EXTREMELY MOBILE.  THUS THE COORDINATES FOR THESE
RESIDUES ARE VERY UNRELIABLE.  THIS ENTRY DOES NOT INCLUDE
RESIDUES 163 AND 164.
;
_refine.pdbx_starting_model                      ? 
_refine.pdbx_method_to_determine_struct          ? 
_refine.pdbx_isotropic_thermal_model             ? 
_refine.pdbx_stereochemistry_target_values       ? 
_refine.pdbx_stereochem_target_val_spec_case     ? 
_refine.pdbx_R_Free_selection_details            ? 
_refine.pdbx_overall_ESU_R                       ? 
_refine.pdbx_overall_ESU_R_Free                  ? 
_refine.overall_SU_ML                            ? 
_refine.overall_SU_B                             ? 
_refine.pdbx_refine_id                           'X-RAY DIFFRACTION' 
_refine.pdbx_diffrn_id                           1 
_refine.pdbx_TLS_residual_ADP_flag               ? 
_refine.correlation_coeff_Fo_to_Fc               ? 
_refine.correlation_coeff_Fo_to_Fc_free          ? 
_refine.pdbx_solvent_vdw_probe_radii             ? 
_refine.pdbx_solvent_ion_probe_radii             ? 
_refine.pdbx_solvent_shrinkage_radii             ? 
_refine.pdbx_overall_phase_error                 ? 
_refine.overall_SU_R_Cruickshank_DPI             ? 
_refine.pdbx_overall_SU_R_free_Cruickshank_DPI   ? 
_refine.pdbx_overall_SU_R_Blow_DPI               ? 
_refine.pdbx_overall_SU_R_free_Blow_DPI          ? 
# 
_refine_hist.pdbx_refine_id                   'X-RAY DIFFRACTION' 
_refine_hist.cycle_id                         LAST 
_refine_hist.pdbx_number_atoms_protein        1283 
_refine_hist.pdbx_number_atoms_nucleic_acid   0 
_refine_hist.pdbx_number_atoms_ligand         16 
_refine_hist.number_atoms_solvent             125 
_refine_hist.number_atoms_total               1424 
_refine_hist.d_res_high                       1.90 
_refine_hist.d_res_low                        . 
# 
loop_
_refine_ls_restr.type 
_refine_ls_restr.dev_ideal 
_refine_ls_restr.dev_ideal_target 
_refine_ls_restr.weight 
_refine_ls_restr.number 
_refine_ls_restr.pdbx_refine_id 
_refine_ls_restr.pdbx_restraint_function 
t_bond_d           0.016 ? ? ? 'X-RAY DIFFRACTION' ? 
t_angle_deg        2.2   ? ? ? 'X-RAY DIFFRACTION' ? 
t_dihedral_angle_d ?     ? ? ? 'X-RAY DIFFRACTION' ? 
t_incorr_chiral_ct ?     ? ? ? 'X-RAY DIFFRACTION' ? 
t_pseud_angle      ?     ? ? ? 'X-RAY DIFFRACTION' ? 
t_trig_c_planes    ?     ? ? ? 'X-RAY DIFFRACTION' ? 
t_gen_planes       ?     ? ? ? 'X-RAY DIFFRACTION' ? 
t_it               ?     ? ? ? 'X-RAY DIFFRACTION' ? 
t_nbd              ?     ? ? ? 'X-RAY DIFFRACTION' ? 
# 
_struct.entry_id                  1L84 
_struct.title                     'A CAVITY-CONTAINING MUTANT OF T4 LYSOZYME IS STABILIZED BY BURIED BENZENE' 
_struct.pdbx_model_details        ? 
_struct.pdbx_CASP_flag            ? 
_struct.pdbx_model_type_details   ? 
# 
_struct_keywords.entry_id        1L84 
_struct_keywords.pdbx_keywords   'HYDROLASE(O-GLYCOSYL)' 
_struct_keywords.text            'HYDROLASE(O-GLYCOSYL)' 
# 
loop_
_struct_asym.id 
_struct_asym.pdbx_blank_PDB_chainid_flag 
_struct_asym.pdbx_modified 
_struct_asym.entity_id 
_struct_asym.details 
A N N 1 ? 
B N N 2 ? 
C N N 2 ? 
D N N 3 ? 
E N N 3 ? 
F N N 4 ? 
G N N 5 ? 
# 
_struct_ref.id                         1 
_struct_ref.db_name                    UNP 
_struct_ref.db_code                    LYCV_BPT4 
_struct_ref.entity_id                  1 
_struct_ref.pdbx_db_accession          P00720 
_struct_ref.pdbx_align_begin           1 
_struct_ref.pdbx_seq_one_letter_code   
;MNIFEMLRIDEGLRLKIYKDTEGYYTIGIGHLLTKSPSLNAAKSELDKAIGRNCNGVITKDEAEKLFNQDVDAAVRGILR
NAKLKPVYDSLDAVRRCALINMVFQMGETGVAGFTNSLRMLQQKRWDEAAVNLAKSRWYNQTPNRAKRVITTFRTGTWDA
YKNL
;
_struct_ref.pdbx_db_isoform            ? 
# 
_struct_ref_seq.align_id                      1 
_struct_ref_seq.ref_id                        1 
_struct_ref_seq.pdbx_PDB_id_code              1L84 
_struct_ref_seq.pdbx_strand_id                A 
_struct_ref_seq.seq_align_beg                 1 
_struct_ref_seq.pdbx_seq_align_beg_ins_code   ? 
_struct_ref_seq.seq_align_end                 164 
_struct_ref_seq.pdbx_seq_align_end_ins_code   ? 
_struct_ref_seq.pdbx_db_accession             P00720 
_struct_ref_seq.db_align_beg                  1 
_struct_ref_seq.pdbx_db_align_beg_ins_code    ? 
_struct_ref_seq.db_align_end                  164 
_struct_ref_seq.pdbx_db_align_end_ins_code    ? 
_struct_ref_seq.pdbx_auth_seq_align_beg       1 
_struct_ref_seq.pdbx_auth_seq_align_end       164 
# 
loop_
_struct_ref_seq_dif.align_id 
_struct_ref_seq_dif.pdbx_pdb_id_code 
_struct_ref_seq_dif.mon_id 
_struct_ref_seq_dif.pdbx_pdb_strand_id 
_struct_ref_seq_dif.seq_num 
_struct_ref_seq_dif.pdbx_pdb_ins_code 
_struct_ref_seq_dif.pdbx_seq_db_name 
_struct_ref_seq_dif.pdbx_seq_db_accession_code 
_struct_ref_seq_dif.db_mon_id 
_struct_ref_seq_dif.pdbx_seq_db_seq_num 
_struct_ref_seq_dif.details 
_struct_ref_seq_dif.pdbx_auth_seq_num 
_struct_ref_seq_dif.pdbx_ordinal 
1 1L84 THR A 54  ? UNP P00720 CYS 54  conflict 54  1 
1 1L84 ALA A 97  ? UNP P00720 CYS 97  conflict 97  2 
1 1L84 ALA A 99  ? UNP P00720 LEU 99  conflict 99  3 
1 1L84 ALA A 153 ? UNP P00720 PHE 153 conflict 153 4 
# 
_pdbx_struct_assembly.id                   1 
_pdbx_struct_assembly.details              author_defined_assembly 
_pdbx_struct_assembly.method_details       ? 
_pdbx_struct_assembly.oligomeric_details   monomeric 
_pdbx_struct_assembly.oligomeric_count     1 
# 
_pdbx_struct_assembly_gen.assembly_id       1 
_pdbx_struct_assembly_gen.oper_expression   1 
_pdbx_struct_assembly_gen.asym_id_list      A,B,C,D,E,F,G 
# 
_pdbx_struct_oper_list.id                   1 
_pdbx_struct_oper_list.type                 'identity operation' 
_pdbx_struct_oper_list.name                 1_555 
_pdbx_struct_oper_list.symmetry_operation   x,y,z 
_pdbx_struct_oper_list.matrix[1][1]         1.0000000000 
_pdbx_struct_oper_list.matrix[1][2]         0.0000000000 
_pdbx_struct_oper_list.matrix[1][3]         0.0000000000 
_pdbx_struct_oper_list.vector[1]            0.0000000000 
_pdbx_struct_oper_list.matrix[2][1]         0.0000000000 
_pdbx_struct_oper_list.matrix[2][2]         1.0000000000 
_pdbx_struct_oper_list.matrix[2][3]         0.0000000000 
_pdbx_struct_oper_list.vector[2]            0.0000000000 
_pdbx_struct_oper_list.matrix[3][1]         0.0000000000 
_pdbx_struct_oper_list.matrix[3][2]         0.0000000000 
_pdbx_struct_oper_list.matrix[3][3]         1.0000000000 
_pdbx_struct_oper_list.vector[3]            0.0000000000 
# 
_struct_biol.id   1 
# 
loop_
_struct_conf.conf_type_id 
_struct_conf.id 
_struct_conf.pdbx_PDB_helix_id 
_struct_conf.beg_label_comp_id 
_struct_conf.beg_label_asym_id 
_struct_conf.beg_label_seq_id 
_struct_conf.pdbx_beg_PDB_ins_code 
_struct_conf.end_label_comp_id 
_struct_conf.end_label_asym_id 
_struct_conf.end_label_seq_id 
_struct_conf.pdbx_end_PDB_ins_code 
_struct_conf.beg_auth_comp_id 
_struct_conf.beg_auth_asym_id 
_struct_conf.beg_auth_seq_id 
_struct_conf.end_auth_comp_id 
_struct_conf.end_auth_asym_id 
_struct_conf.end_auth_seq_id 
_struct_conf.pdbx_PDB_helix_class 
_struct_conf.details 
_struct_conf.pdbx_PDB_helix_length 
HELX_P HELX_P1  H1  ILE A 3   ? GLU A 11  ? ILE A 3   GLU A 11  1 ? 9  
HELX_P HELX_P2  H2  LEU A 39  ? ILE A 50  ? LEU A 39  ILE A 50  1 ? 12 
HELX_P HELX_P3  H3  LYS A 60  ? ARG A 80  ? LYS A 60  ARG A 80  1 ? 21 
HELX_P HELX_P4  H4  ALA A 82  ? SER A 90  ? ALA A 82  SER A 90  1 ? 9  
HELX_P HELX_P5  H5  ALA A 93  ? MET A 106 ? ALA A 93  MET A 106 1 ? 14 
HELX_P HELX_P6  H6  GLU A 108 ? GLY A 113 ? GLU A 108 GLY A 113 1 ? 6  
HELX_P HELX_P7  H7  THR A 115 ? GLN A 123 ? THR A 115 GLN A 123 1 ? 9  
HELX_P HELX_P8  H8  TRP A 126 ? ALA A 134 ? TRP A 126 ALA A 134 1 ? 9  
HELX_P HELX_P9  H9  ARG A 137 ? GLN A 141 ? ARG A 137 GLN A 141 1 ? 5  
HELX_P HELX_P10 H10 PRO A 143 ? THR A 155 ? PRO A 143 THR A 155 1 ? 13 
# 
_struct_conf_type.id          HELX_P 
_struct_conf_type.criteria    ? 
_struct_conf_type.reference   ? 
# 
_struct_conn.id                            covale1 
_struct_conn.conn_type_id                  covale 
_struct_conn.pdbx_leaving_atom_flag        none 
_struct_conn.pdbx_PDB_id                   ? 
_struct_conn.ptnr1_label_asym_id           D 
_struct_conn.ptnr1_label_comp_id           BME 
_struct_conn.ptnr1_label_seq_id            . 
_struct_conn.ptnr1_label_atom_id           S2 
_struct_conn.pdbx_ptnr1_label_alt_id       ? 
_struct_conn.pdbx_ptnr1_PDB_ins_code       ? 
_struct_conn.pdbx_ptnr1_standard_comp_id   ? 
_struct_conn.ptnr1_symmetry                1_555 
_struct_conn.ptnr2_label_asym_id           E 
_struct_conn.ptnr2_label_comp_id           BME 
_struct_conn.ptnr2_label_seq_id            . 
_struct_conn.ptnr2_label_atom_id           S2 
_struct_conn.pdbx_ptnr2_label_alt_id       ? 
_struct_conn.pdbx_ptnr2_PDB_ins_code       ? 
_struct_conn.ptnr1_auth_asym_id            A 
_struct_conn.ptnr1_auth_comp_id            BME 
_struct_conn.ptnr1_auth_seq_id             901 
_struct_conn.ptnr2_auth_asym_id            A 
_struct_conn.ptnr2_auth_comp_id            BME 
_struct_conn.ptnr2_auth_seq_id             902 
_struct_conn.ptnr2_symmetry                1_555 
_struct_conn.pdbx_ptnr3_label_atom_id      ? 
_struct_conn.pdbx_ptnr3_label_seq_id       ? 
_struct_conn.pdbx_ptnr3_label_comp_id      ? 
_struct_conn.pdbx_ptnr3_label_asym_id      ? 
_struct_conn.pdbx_ptnr3_label_alt_id       ? 
_struct_conn.pdbx_ptnr3_PDB_ins_code       ? 
_struct_conn.details                       ? 
_struct_conn.pdbx_dist_value               2.073 
_struct_conn.pdbx_value_order              ? 
_struct_conn.pdbx_role                     ? 
# 
_struct_conn_type.id          covale 
_struct_conn_type.criteria    ? 
_struct_conn_type.reference   ? 
# 
_struct_sheet.id               S1 
_struct_sheet.type             ? 
_struct_sheet.number_strands   4 
_struct_sheet.details          ? 
# 
loop_
_struct_sheet_order.sheet_id 
_struct_sheet_order.range_id_1 
_struct_sheet_order.range_id_2 
_struct_sheet_order.offset 
_struct_sheet_order.sense 
S1 1 2 ? anti-parallel 
S1 2 3 ? anti-parallel 
S1 3 4 ? anti-parallel 
# 
loop_
_struct_sheet_range.sheet_id 
_struct_sheet_range.id 
_struct_sheet_range.beg_label_comp_id 
_struct_sheet_range.beg_label_asym_id 
_struct_sheet_range.beg_label_seq_id 
_struct_sheet_range.pdbx_beg_PDB_ins_code 
_struct_sheet_range.end_label_comp_id 
_struct_sheet_range.end_label_asym_id 
_struct_sheet_range.end_label_seq_id 
_struct_sheet_range.pdbx_end_PDB_ins_code 
_struct_sheet_range.beg_auth_comp_id 
_struct_sheet_range.beg_auth_asym_id 
_struct_sheet_range.beg_auth_seq_id 
_struct_sheet_range.end_auth_comp_id 
_struct_sheet_range.end_auth_asym_id 
_struct_sheet_range.end_auth_seq_id 
S1 1 GLY A 56 ? ILE A 58 ? GLY A 56 ILE A 58 
S1 2 ARG A 14 ? ASP A 20 ? ARG A 14 ASP A 20 
S1 3 TYR A 24 ? ILE A 27 ? TYR A 24 ILE A 27 
S1 4 HIS A 31 ? LEU A 33 ? HIS A 31 LEU A 33 
# 
loop_
_pdbx_struct_sheet_hbond.sheet_id 
_pdbx_struct_sheet_hbond.range_id_1 
_pdbx_struct_sheet_hbond.range_id_2 
_pdbx_struct_sheet_hbond.range_1_label_atom_id 
_pdbx_struct_sheet_hbond.range_1_label_comp_id 
_pdbx_struct_sheet_hbond.range_1_label_asym_id 
_pdbx_struct_sheet_hbond.range_1_label_seq_id 
_pdbx_struct_sheet_hbond.range_1_PDB_ins_code 
_pdbx_struct_sheet_hbond.range_1_auth_atom_id 
_pdbx_struct_sheet_hbond.range_1_auth_comp_id 
_pdbx_struct_sheet_hbond.range_1_auth_asym_id 
_pdbx_struct_sheet_hbond.range_1_auth_seq_id 
_pdbx_struct_sheet_hbond.range_2_label_atom_id 
_pdbx_struct_sheet_hbond.range_2_label_comp_id 
_pdbx_struct_sheet_hbond.range_2_label_asym_id 
_pdbx_struct_sheet_hbond.range_2_label_seq_id 
_pdbx_struct_sheet_hbond.range_2_PDB_ins_code 
_pdbx_struct_sheet_hbond.range_2_auth_atom_id 
_pdbx_struct_sheet_hbond.range_2_auth_comp_id 
_pdbx_struct_sheet_hbond.range_2_auth_asym_id 
_pdbx_struct_sheet_hbond.range_2_auth_seq_id 
S1 1 2 N ILE A 58 ? N ILE A 58 O LEU A 15 ? O LEU A 15 
S1 2 3 N ASP A 20 ? N ASP A 20 O TYR A 24 ? O TYR A 24 
S1 3 4 O ILE A 27 ? O ILE A 27 N HIS A 31 ? N HIS A 31 
# 
loop_
_struct_site.id 
_struct_site.pdbx_evidence_code 
_struct_site.pdbx_auth_asym_id 
_struct_site.pdbx_auth_comp_id 
_struct_site.pdbx_auth_seq_id 
_struct_site.pdbx_auth_ins_code 
_struct_site.pdbx_num_residues 
_struct_site.details 
AC1 Software A CL  173 ? 5 'BINDING SITE FOR RESIDUE CL A 173'  
AC2 Software A CL  178 ? 3 'BINDING SITE FOR RESIDUE CL A 178'  
AC3 Software A BME 901 ? 1 'BINDING SITE FOR RESIDUE BME A 901' 
AC4 Software A BME 902 ? 3 'BINDING SITE FOR RESIDUE BME A 902' 
AC5 Software A BNZ 400 ? 4 'BINDING SITE FOR RESIDUE BNZ A 400' 
# 
loop_
_struct_site_gen.id 
_struct_site_gen.site_id 
_struct_site_gen.pdbx_num_res 
_struct_site_gen.label_comp_id 
_struct_site_gen.label_asym_id 
_struct_site_gen.label_seq_id 
_struct_site_gen.pdbx_auth_ins_code 
_struct_site_gen.auth_comp_id 
_struct_site_gen.auth_asym_id 
_struct_site_gen.auth_seq_id 
_struct_site_gen.label_atom_id 
_struct_site_gen.label_alt_id 
_struct_site_gen.symmetry 
_struct_site_gen.details 
1  AC1 5 LYS A 124 ? LYS A 124 . ? 4_655 ? 
2  AC1 5 THR A 142 ? THR A 142 . ? 1_555 ? 
3  AC1 5 ASN A 144 ? ASN A 144 . ? 1_555 ? 
4  AC1 5 ARG A 145 ? ARG A 145 . ? 1_555 ? 
5  AC1 5 HOH G .   ? HOH A 209 . ? 1_555 ? 
6  AC2 3 LYS A 135 ? LYS A 135 . ? 3_665 ? 
7  AC2 3 HOH G .   ? HOH A 215 . ? 1_555 ? 
8  AC2 3 HOH G .   ? HOH A 246 . ? 1_555 ? 
9  AC3 1 BME E .   ? BME A 902 . ? 1_555 ? 
10 AC4 3 ASN A 68  ? ASN A 68  . ? 5_555 ? 
11 AC4 3 ALA A 93  ? ALA A 93  . ? 1_555 ? 
12 AC4 3 BME D .   ? BME A 901 . ? 1_555 ? 
13 AC5 4 VAL A 87  ? VAL A 87  . ? 1_555 ? 
14 AC5 4 ALA A 99  ? ALA A 99  . ? 1_555 ? 
15 AC5 4 VAL A 111 ? VAL A 111 . ? 1_555 ? 
16 AC5 4 LEU A 118 ? LEU A 118 . ? 1_555 ? 
# 
_pdbx_validate_symm_contact.id                1 
_pdbx_validate_symm_contact.PDB_model_num     1 
_pdbx_validate_symm_contact.auth_atom_id_1    O1 
_pdbx_validate_symm_contact.auth_asym_id_1    A 
_pdbx_validate_symm_contact.auth_comp_id_1    BME 
_pdbx_validate_symm_contact.auth_seq_id_1     901 
_pdbx_validate_symm_contact.PDB_ins_code_1    ? 
_pdbx_validate_symm_contact.label_alt_id_1    ? 
_pdbx_validate_symm_contact.site_symmetry_1   1_555 
_pdbx_validate_symm_contact.auth_atom_id_2    O1 
_pdbx_validate_symm_contact.auth_asym_id_2    A 
_pdbx_validate_symm_contact.auth_comp_id_2    BME 
_pdbx_validate_symm_contact.auth_seq_id_2     901 
_pdbx_validate_symm_contact.PDB_ins_code_2    ? 
_pdbx_validate_symm_contact.label_alt_id_2    ? 
_pdbx_validate_symm_contact.site_symmetry_2   5_555 
_pdbx_validate_symm_contact.dist              2.04 
# 
_pdbx_validate_rmsd_bond.id                        1 
_pdbx_validate_rmsd_bond.PDB_model_num             1 
_pdbx_validate_rmsd_bond.auth_atom_id_1            CD 
_pdbx_validate_rmsd_bond.auth_asym_id_1            A 
_pdbx_validate_rmsd_bond.auth_comp_id_1            GLU 
_pdbx_validate_rmsd_bond.auth_seq_id_1             128 
_pdbx_validate_rmsd_bond.PDB_ins_code_1            ? 
_pdbx_validate_rmsd_bond.label_alt_id_1            ? 
_pdbx_validate_rmsd_bond.auth_atom_id_2            OE1 
_pdbx_validate_rmsd_bond.auth_asym_id_2            A 
_pdbx_validate_rmsd_bond.auth_comp_id_2            GLU 
_pdbx_validate_rmsd_bond.auth_seq_id_2             128 
_pdbx_validate_rmsd_bond.PDB_ins_code_2            ? 
_pdbx_validate_rmsd_bond.label_alt_id_2            ? 
_pdbx_validate_rmsd_bond.bond_value                1.325 
_pdbx_validate_rmsd_bond.bond_target_value         1.252 
_pdbx_validate_rmsd_bond.bond_deviation            0.073 
_pdbx_validate_rmsd_bond.bond_standard_deviation   0.011 
_pdbx_validate_rmsd_bond.linker_flag               N 
# 
loop_
_pdbx_validate_rmsd_angle.id 
_pdbx_validate_rmsd_angle.PDB_model_num 
_pdbx_validate_rmsd_angle.auth_atom_id_1 
_pdbx_validate_rmsd_angle.auth_asym_id_1 
_pdbx_validate_rmsd_angle.auth_comp_id_1 
_pdbx_validate_rmsd_angle.auth_seq_id_1 
_pdbx_validate_rmsd_angle.PDB_ins_code_1 
_pdbx_validate_rmsd_angle.label_alt_id_1 
_pdbx_validate_rmsd_angle.auth_atom_id_2 
_pdbx_validate_rmsd_angle.auth_asym_id_2 
_pdbx_validate_rmsd_angle.auth_comp_id_2 
_pdbx_validate_rmsd_angle.auth_seq_id_2 
_pdbx_validate_rmsd_angle.PDB_ins_code_2 
_pdbx_validate_rmsd_angle.label_alt_id_2 
_pdbx_validate_rmsd_angle.auth_atom_id_3 
_pdbx_validate_rmsd_angle.auth_asym_id_3 
_pdbx_validate_rmsd_angle.auth_comp_id_3 
_pdbx_validate_rmsd_angle.auth_seq_id_3 
_pdbx_validate_rmsd_angle.PDB_ins_code_3 
_pdbx_validate_rmsd_angle.label_alt_id_3 
_pdbx_validate_rmsd_angle.angle_value 
_pdbx_validate_rmsd_angle.angle_target_value 
_pdbx_validate_rmsd_angle.angle_deviation 
_pdbx_validate_rmsd_angle.angle_standard_deviation 
_pdbx_validate_rmsd_angle.linker_flag 
1 1 NE A ARG 14 ? ? CZ A ARG 14 ? ? NH2 A ARG 14 ? ? 116.53 120.30 -3.77 0.50 N 
2 1 CB A ASP 47 ? ? CG A ASP 47 ? ? OD1 A ASP 47 ? ? 125.63 118.30 7.33  0.90 N 
3 1 CB A ASP 47 ? ? CG A ASP 47 ? ? OD2 A ASP 47 ? ? 111.19 118.30 -7.11 0.90 N 
4 1 CB A ASP 61 ? ? CG A ASP 61 ? ? OD1 A ASP 61 ? ? 112.80 118.30 -5.50 0.90 N 
5 1 CB A ASP 70 ? ? CG A ASP 70 ? ? OD2 A ASP 70 ? ? 110.94 118.30 -7.36 0.90 N 
6 1 NE A ARG 80 ? ? CZ A ARG 80 ? ? NH1 A ARG 80 ? ? 123.40 120.30 3.10  0.50 N 
7 1 NE A ARG 80 ? ? CZ A ARG 80 ? ? NH2 A ARG 80 ? ? 116.96 120.30 -3.34 0.50 N 
8 1 CB A ASP 89 ? ? CG A ASP 89 ? ? OD1 A ASP 89 ? ? 112.08 118.30 -6.22 0.90 N 
9 1 CB A ASP 92 ? ? CG A ASP 92 ? ? OD1 A ASP 92 ? ? 112.24 118.30 -6.06 0.90 N 
# 
loop_
_pdbx_validate_torsion.id 
_pdbx_validate_torsion.PDB_model_num 
_pdbx_validate_torsion.auth_comp_id 
_pdbx_validate_torsion.auth_asym_id 
_pdbx_validate_torsion.auth_seq_id 
_pdbx_validate_torsion.PDB_ins_code 
_pdbx_validate_torsion.label_alt_id 
_pdbx_validate_torsion.phi 
_pdbx_validate_torsion.psi 
1 1 ILE A 29  ? ? -105.90 72.05 
2 1 PHE A 114 ? ? -41.49  47.88 
# 
_pdbx_database_remark.id     700 
_pdbx_database_remark.text   
;SHEET
THERE ARE SEVERAL SUBTLE ASPECTS OF THE SECONDARY STRUCTURE
OF THIS MOLECULE WHICH CANNOT CONVENIENTLY BE REPRESENTED
IN HELIX AND SHEET RECORDS BELOW.  THESE ASPECTS INFLUENCE
THE REPRESENTATION OF HELIX 6 AND STRAND 3 OF SHEET *S1*.
THE PAPER J.MOL.BIOL., V. 118, P. 81, 1978 SHOULD BE
CONSULTED FOR THESE SUBTLETIES.
;
# 
loop_
_pdbx_unobs_or_zero_occ_residues.id 
_pdbx_unobs_or_zero_occ_residues.PDB_model_num 
_pdbx_unobs_or_zero_occ_residues.polymer_flag 
_pdbx_unobs_or_zero_occ_residues.occupancy_flag 
_pdbx_unobs_or_zero_occ_residues.auth_asym_id 
_pdbx_unobs_or_zero_occ_residues.auth_comp_id 
_pdbx_unobs_or_zero_occ_residues.auth_seq_id 
_pdbx_unobs_or_zero_occ_residues.PDB_ins_code 
_pdbx_unobs_or_zero_occ_residues.label_asym_id 
_pdbx_unobs_or_zero_occ_residues.label_comp_id 
_pdbx_unobs_or_zero_occ_residues.label_seq_id 
1 1 Y 1 A ASN 163 ? A ASN 163 
2 1 Y 1 A LEU 164 ? A LEU 164 
# 
loop_
_chem_comp_atom.comp_id 
_chem_comp_atom.atom_id 
_chem_comp_atom.type_symbol 
_chem_comp_atom.pdbx_aromatic_flag 
_chem_comp_atom.pdbx_stereo_config 
_chem_comp_atom.pdbx_ordinal 
ALA N    N  N N 1   
ALA CA   C  N S 2   
ALA C    C  N N 3   
ALA O    O  N N 4   
ALA CB   C  N N 5   
ALA OXT  O  N N 6   
ALA H    H  N N 7   
ALA H2   H  N N 8   
ALA HA   H  N N 9   
ALA HB1  H  N N 10  
ALA HB2  H  N N 11  
ALA HB3  H  N N 12  
ALA HXT  H  N N 13  
ARG N    N  N N 14  
ARG CA   C  N S 15  
ARG C    C  N N 16  
ARG O    O  N N 17  
ARG CB   C  N N 18  
ARG CG   C  N N 19  
ARG CD   C  N N 20  
ARG NE   N  N N 21  
ARG CZ   C  N N 22  
ARG NH1  N  N N 23  
ARG NH2  N  N N 24  
ARG OXT  O  N N 25  
ARG H    H  N N 26  
ARG H2   H  N N 27  
ARG HA   H  N N 28  
ARG HB2  H  N N 29  
ARG HB3  H  N N 30  
ARG HG2  H  N N 31  
ARG HG3  H  N N 32  
ARG HD2  H  N N 33  
ARG HD3  H  N N 34  
ARG HE   H  N N 35  
ARG HH11 H  N N 36  
ARG HH12 H  N N 37  
ARG HH21 H  N N 38  
ARG HH22 H  N N 39  
ARG HXT  H  N N 40  
ASN N    N  N N 41  
ASN CA   C  N S 42  
ASN C    C  N N 43  
ASN O    O  N N 44  
ASN CB   C  N N 45  
ASN CG   C  N N 46  
ASN OD1  O  N N 47  
ASN ND2  N  N N 48  
ASN OXT  O  N N 49  
ASN H    H  N N 50  
ASN H2   H  N N 51  
ASN HA   H  N N 52  
ASN HB2  H  N N 53  
ASN HB3  H  N N 54  
ASN HD21 H  N N 55  
ASN HD22 H  N N 56  
ASN HXT  H  N N 57  
ASP N    N  N N 58  
ASP CA   C  N S 59  
ASP C    C  N N 60  
ASP O    O  N N 61  
ASP CB   C  N N 62  
ASP CG   C  N N 63  
ASP OD1  O  N N 64  
ASP OD2  O  N N 65  
ASP OXT  O  N N 66  
ASP H    H  N N 67  
ASP H2   H  N N 68  
ASP HA   H  N N 69  
ASP HB2  H  N N 70  
ASP HB3  H  N N 71  
ASP HD2  H  N N 72  
ASP HXT  H  N N 73  
BME C1   C  N N 74  
BME C2   C  N N 75  
BME O1   O  N N 76  
BME S2   S  N N 77  
BME H11  H  N N 78  
BME H12  H  N N 79  
BME H21  H  N N 80  
BME H22  H  N N 81  
BME HO1  H  N N 82  
BME HS2  H  N N 83  
BNZ C1   C  Y N 84  
BNZ C2   C  Y N 85  
BNZ C3   C  Y N 86  
BNZ C4   C  Y N 87  
BNZ C5   C  Y N 88  
BNZ C6   C  Y N 89  
BNZ H1   H  N N 90  
BNZ H2   H  N N 91  
BNZ H3   H  N N 92  
BNZ H4   H  N N 93  
BNZ H5   H  N N 94  
BNZ H6   H  N N 95  
CL  CL   CL N N 96  
CYS N    N  N N 97  
CYS CA   C  N R 98  
CYS C    C  N N 99  
CYS O    O  N N 100 
CYS CB   C  N N 101 
CYS SG   S  N N 102 
CYS OXT  O  N N 103 
CYS H    H  N N 104 
CYS H2   H  N N 105 
CYS HA   H  N N 106 
CYS HB2  H  N N 107 
CYS HB3  H  N N 108 
CYS HG   H  N N 109 
CYS HXT  H  N N 110 
GLN N    N  N N 111 
GLN CA   C  N S 112 
GLN C    C  N N 113 
GLN O    O  N N 114 
GLN CB   C  N N 115 
GLN CG   C  N N 116 
GLN CD   C  N N 117 
GLN OE1  O  N N 118 
GLN NE2  N  N N 119 
GLN OXT  O  N N 120 
GLN H    H  N N 121 
GLN H2   H  N N 122 
GLN HA   H  N N 123 
GLN HB2  H  N N 124 
GLN HB3  H  N N 125 
GLN HG2  H  N N 126 
GLN HG3  H  N N 127 
GLN HE21 H  N N 128 
GLN HE22 H  N N 129 
GLN HXT  H  N N 130 
GLU N    N  N N 131 
GLU CA   C  N S 132 
GLU C    C  N N 133 
GLU O    O  N N 134 
GLU CB   C  N N 135 
GLU CG   C  N N 136 
GLU CD   C  N N 137 
GLU OE1  O  N N 138 
GLU OE2  O  N N 139 
GLU OXT  O  N N 140 
GLU H    H  N N 141 
GLU H2   H  N N 142 
GLU HA   H  N N 143 
GLU HB2  H  N N 144 
GLU HB3  H  N N 145 
GLU HG2  H  N N 146 
GLU HG3  H  N N 147 
GLU HE2  H  N N 148 
GLU HXT  H  N N 149 
GLY N    N  N N 150 
GLY CA   C  N N 151 
GLY C    C  N N 152 
GLY O    O  N N 153 
GLY OXT  O  N N 154 
GLY H    H  N N 155 
GLY H2   H  N N 156 
GLY HA2  H  N N 157 
GLY HA3  H  N N 158 
GLY HXT  H  N N 159 
HIS N    N  N N 160 
HIS CA   C  N S 161 
HIS C    C  N N 162 
HIS O    O  N N 163 
HIS CB   C  N N 164 
HIS CG   C  Y N 165 
HIS ND1  N  Y N 166 
HIS CD2  C  Y N 167 
HIS CE1  C  Y N 168 
HIS NE2  N  Y N 169 
HIS OXT  O  N N 170 
HIS H    H  N N 171 
HIS H2   H  N N 172 
HIS HA   H  N N 173 
HIS HB2  H  N N 174 
HIS HB3  H  N N 175 
HIS HD1  H  N N 176 
HIS HD2  H  N N 177 
HIS HE1  H  N N 178 
HIS HE2  H  N N 179 
HIS HXT  H  N N 180 
HOH O    O  N N 181 
HOH H1   H  N N 182 
HOH H2   H  N N 183 
ILE N    N  N N 184 
ILE CA   C  N S 185 
ILE C    C  N N 186 
ILE O    O  N N 187 
ILE CB   C  N S 188 
ILE CG1  C  N N 189 
ILE CG2  C  N N 190 
ILE CD1  C  N N 191 
ILE OXT  O  N N 192 
ILE H    H  N N 193 
ILE H2   H  N N 194 
ILE HA   H  N N 195 
ILE HB   H  N N 196 
ILE HG12 H  N N 197 
ILE HG13 H  N N 198 
ILE HG21 H  N N 199 
ILE HG22 H  N N 200 
ILE HG23 H  N N 201 
ILE HD11 H  N N 202 
ILE HD12 H  N N 203 
ILE HD13 H  N N 204 
ILE HXT  H  N N 205 
LEU N    N  N N 206 
LEU CA   C  N S 207 
LEU C    C  N N 208 
LEU O    O  N N 209 
LEU CB   C  N N 210 
LEU CG   C  N N 211 
LEU CD1  C  N N 212 
LEU CD2  C  N N 213 
LEU OXT  O  N N 214 
LEU H    H  N N 215 
LEU H2   H  N N 216 
LEU HA   H  N N 217 
LEU HB2  H  N N 218 
LEU HB3  H  N N 219 
LEU HG   H  N N 220 
LEU HD11 H  N N 221 
LEU HD12 H  N N 222 
LEU HD13 H  N N 223 
LEU HD21 H  N N 224 
LEU HD22 H  N N 225 
LEU HD23 H  N N 226 
LEU HXT  H  N N 227 
LYS N    N  N N 228 
LYS CA   C  N S 229 
LYS C    C  N N 230 
LYS O    O  N N 231 
LYS CB   C  N N 232 
LYS CG   C  N N 233 
LYS CD   C  N N 234 
LYS CE   C  N N 235 
LYS NZ   N  N N 236 
LYS OXT  O  N N 237 
LYS H    H  N N 238 
LYS H2   H  N N 239 
LYS HA   H  N N 240 
LYS HB2  H  N N 241 
LYS HB3  H  N N 242 
LYS HG2  H  N N 243 
LYS HG3  H  N N 244 
LYS HD2  H  N N 245 
LYS HD3  H  N N 246 
LYS HE2  H  N N 247 
LYS HE3  H  N N 248 
LYS HZ1  H  N N 249 
LYS HZ2  H  N N 250 
LYS HZ3  H  N N 251 
LYS HXT  H  N N 252 
MET N    N  N N 253 
MET CA   C  N S 254 
MET C    C  N N 255 
MET O    O  N N 256 
MET CB   C  N N 257 
MET CG   C  N N 258 
MET SD   S  N N 259 
MET CE   C  N N 260 
MET OXT  O  N N 261 
MET H    H  N N 262 
MET H2   H  N N 263 
MET HA   H  N N 264 
MET HB2  H  N N 265 
MET HB3  H  N N 266 
MET HG2  H  N N 267 
MET HG3  H  N N 268 
MET HE1  H  N N 269 
MET HE2  H  N N 270 
MET HE3  H  N N 271 
MET HXT  H  N N 272 
PHE N    N  N N 273 
PHE CA   C  N S 274 
PHE C    C  N N 275 
PHE O    O  N N 276 
PHE CB   C  N N 277 
PHE CG   C  Y N 278 
PHE CD1  C  Y N 279 
PHE CD2  C  Y N 280 
PHE CE1  C  Y N 281 
PHE CE2  C  Y N 282 
PHE CZ   C  Y N 283 
PHE OXT  O  N N 284 
PHE H    H  N N 285 
PHE H2   H  N N 286 
PHE HA   H  N N 287 
PHE HB2  H  N N 288 
PHE HB3  H  N N 289 
PHE HD1  H  N N 290 
PHE HD2  H  N N 291 
PHE HE1  H  N N 292 
PHE HE2  H  N N 293 
PHE HZ   H  N N 294 
PHE HXT  H  N N 295 
PRO N    N  N N 296 
PRO CA   C  N S 297 
PRO C    C  N N 298 
PRO O    O  N N 299 
PRO CB   C  N N 300 
PRO CG   C  N N 301 
PRO CD   C  N N 302 
PRO OXT  O  N N 303 
PRO H    H  N N 304 
PRO HA   H  N N 305 
PRO HB2  H  N N 306 
PRO HB3  H  N N 307 
PRO HG2  H  N N 308 
PRO HG3  H  N N 309 
PRO HD2  H  N N 310 
PRO HD3  H  N N 311 
PRO HXT  H  N N 312 
SER N    N  N N 313 
SER CA   C  N S 314 
SER C    C  N N 315 
SER O    O  N N 316 
SER CB   C  N N 317 
SER OG   O  N N 318 
SER OXT  O  N N 319 
SER H    H  N N 320 
SER H2   H  N N 321 
SER HA   H  N N 322 
SER HB2  H  N N 323 
SER HB3  H  N N 324 
SER HG   H  N N 325 
SER HXT  H  N N 326 
THR N    N  N N 327 
THR CA   C  N S 328 
THR C    C  N N 329 
THR O    O  N N 330 
THR CB   C  N R 331 
THR OG1  O  N N 332 
THR CG2  C  N N 333 
THR OXT  O  N N 334 
THR H    H  N N 335 
THR H2   H  N N 336 
THR HA   H  N N 337 
THR HB   H  N N 338 
THR HG1  H  N N 339 
THR HG21 H  N N 340 
THR HG22 H  N N 341 
THR HG23 H  N N 342 
THR HXT  H  N N 343 
TRP N    N  N N 344 
TRP CA   C  N S 345 
TRP C    C  N N 346 
TRP O    O  N N 347 
TRP CB   C  N N 348 
TRP CG   C  Y N 349 
TRP CD1  C  Y N 350 
TRP CD2  C  Y N 351 
TRP NE1  N  Y N 352 
TRP CE2  C  Y N 353 
TRP CE3  C  Y N 354 
TRP CZ2  C  Y N 355 
TRP CZ3  C  Y N 356 
TRP CH2  C  Y N 357 
TRP OXT  O  N N 358 
TRP H    H  N N 359 
TRP H2   H  N N 360 
TRP HA   H  N N 361 
TRP HB2  H  N N 362 
TRP HB3  H  N N 363 
TRP HD1  H  N N 364 
TRP HE1  H  N N 365 
TRP HE3  H  N N 366 
TRP HZ2  H  N N 367 
TRP HZ3  H  N N 368 
TRP HH2  H  N N 369 
TRP HXT  H  N N 370 
TYR N    N  N N 371 
TYR CA   C  N S 372 
TYR C    C  N N 373 
TYR O    O  N N 374 
TYR CB   C  N N 375 
TYR CG   C  Y N 376 
TYR CD1  C  Y N 377 
TYR CD2  C  Y N 378 
TYR CE1  C  Y N 379 
TYR CE2  C  Y N 380 
TYR CZ   C  Y N 381 
TYR OH   O  N N 382 
TYR OXT  O  N N 383 
TYR H    H  N N 384 
TYR H2   H  N N 385 
TYR HA   H  N N 386 
TYR HB2  H  N N 387 
TYR HB3  H  N N 388 
TYR HD1  H  N N 389 
TYR HD2  H  N N 390 
TYR HE1  H  N N 391 
TYR HE2  H  N N 392 
TYR HH   H  N N 393 
TYR HXT  H  N N 394 
VAL N    N  N N 395 
VAL CA   C  N S 396 
VAL C    C  N N 397 
VAL O    O  N N 398 
VAL CB   C  N N 399 
VAL CG1  C  N N 400 
VAL CG2  C  N N 401 
VAL OXT  O  N N 402 
VAL H    H  N N 403 
VAL H2   H  N N 404 
VAL HA   H  N N 405 
VAL HB   H  N N 406 
VAL HG11 H  N N 407 
VAL HG12 H  N N 408 
VAL HG13 H  N N 409 
VAL HG21 H  N N 410 
VAL HG22 H  N N 411 
VAL HG23 H  N N 412 
VAL HXT  H  N N 413 
# 
loop_
_chem_comp_bond.comp_id 
_chem_comp_bond.atom_id_1 
_chem_comp_bond.atom_id_2 
_chem_comp_bond.value_order 
_chem_comp_bond.pdbx_aromatic_flag 
_chem_comp_bond.pdbx_stereo_config 
_chem_comp_bond.pdbx_ordinal 
ALA N   CA   sing N N 1   
ALA N   H    sing N N 2   
ALA N   H2   sing N N 3   
ALA CA  C    sing N N 4   
ALA CA  CB   sing N N 5   
ALA CA  HA   sing N N 6   
ALA C   O    doub N N 7   
ALA C   OXT  sing N N 8   
ALA CB  HB1  sing N N 9   
ALA CB  HB2  sing N N 10  
ALA CB  HB3  sing N N 11  
ALA OXT HXT  sing N N 12  
ARG N   CA   sing N N 13  
ARG N   H    sing N N 14  
ARG N   H2   sing N N 15  
ARG CA  C    sing N N 16  
ARG CA  CB   sing N N 17  
ARG CA  HA   sing N N 18  
ARG C   O    doub N N 19  
ARG C   OXT  sing N N 20  
ARG CB  CG   sing N N 21  
ARG CB  HB2  sing N N 22  
ARG CB  HB3  sing N N 23  
ARG CG  CD   sing N N 24  
ARG CG  HG2  sing N N 25  
ARG CG  HG3  sing N N 26  
ARG CD  NE   sing N N 27  
ARG CD  HD2  sing N N 28  
ARG CD  HD3  sing N N 29  
ARG NE  CZ   sing N N 30  
ARG NE  HE   sing N N 31  
ARG CZ  NH1  sing N N 32  
ARG CZ  NH2  doub N N 33  
ARG NH1 HH11 sing N N 34  
ARG NH1 HH12 sing N N 35  
ARG NH2 HH21 sing N N 36  
ARG NH2 HH22 sing N N 37  
ARG OXT HXT  sing N N 38  
ASN N   CA   sing N N 39  
ASN N   H    sing N N 40  
ASN N   H2   sing N N 41  
ASN CA  C    sing N N 42  
ASN CA  CB   sing N N 43  
ASN CA  HA   sing N N 44  
ASN C   O    doub N N 45  
ASN C   OXT  sing N N 46  
ASN CB  CG   sing N N 47  
ASN CB  HB2  sing N N 48  
ASN CB  HB3  sing N N 49  
ASN CG  OD1  doub N N 50  
ASN CG  ND2  sing N N 51  
ASN ND2 HD21 sing N N 52  
ASN ND2 HD22 sing N N 53  
ASN OXT HXT  sing N N 54  
ASP N   CA   sing N N 55  
ASP N   H    sing N N 56  
ASP N   H2   sing N N 57  
ASP CA  C    sing N N 58  
ASP CA  CB   sing N N 59  
ASP CA  HA   sing N N 60  
ASP C   O    doub N N 61  
ASP C   OXT  sing N N 62  
ASP CB  CG   sing N N 63  
ASP CB  HB2  sing N N 64  
ASP CB  HB3  sing N N 65  
ASP CG  OD1  doub N N 66  
ASP CG  OD2  sing N N 67  
ASP OD2 HD2  sing N N 68  
ASP OXT HXT  sing N N 69  
BME C1  C2   sing N N 70  
BME C1  O1   sing N N 71  
BME C1  H11  sing N N 72  
BME C1  H12  sing N N 73  
BME C2  S2   sing N N 74  
BME C2  H21  sing N N 75  
BME C2  H22  sing N N 76  
BME O1  HO1  sing N N 77  
BME S2  HS2  sing N N 78  
BNZ C1  C2   doub Y N 79  
BNZ C1  C6   sing Y N 80  
BNZ C1  H1   sing N N 81  
BNZ C2  C3   sing Y N 82  
BNZ C2  H2   sing N N 83  
BNZ C3  C4   doub Y N 84  
BNZ C3  H3   sing N N 85  
BNZ C4  C5   sing Y N 86  
BNZ C4  H4   sing N N 87  
BNZ C5  C6   doub Y N 88  
BNZ C5  H5   sing N N 89  
BNZ C6  H6   sing N N 90  
CYS N   CA   sing N N 91  
CYS N   H    sing N N 92  
CYS N   H2   sing N N 93  
CYS CA  C    sing N N 94  
CYS CA  CB   sing N N 95  
CYS CA  HA   sing N N 96  
CYS C   O    doub N N 97  
CYS C   OXT  sing N N 98  
CYS CB  SG   sing N N 99  
CYS CB  HB2  sing N N 100 
CYS CB  HB3  sing N N 101 
CYS SG  HG   sing N N 102 
CYS OXT HXT  sing N N 103 
GLN N   CA   sing N N 104 
GLN N   H    sing N N 105 
GLN N   H2   sing N N 106 
GLN CA  C    sing N N 107 
GLN CA  CB   sing N N 108 
GLN CA  HA   sing N N 109 
GLN C   O    doub N N 110 
GLN C   OXT  sing N N 111 
GLN CB  CG   sing N N 112 
GLN CB  HB2  sing N N 113 
GLN CB  HB3  sing N N 114 
GLN CG  CD   sing N N 115 
GLN CG  HG2  sing N N 116 
GLN CG  HG3  sing N N 117 
GLN CD  OE1  doub N N 118 
GLN CD  NE2  sing N N 119 
GLN NE2 HE21 sing N N 120 
GLN NE2 HE22 sing N N 121 
GLN OXT HXT  sing N N 122 
GLU N   CA   sing N N 123 
GLU N   H    sing N N 124 
GLU N   H2   sing N N 125 
GLU CA  C    sing N N 126 
GLU CA  CB   sing N N 127 
GLU CA  HA   sing N N 128 
GLU C   O    doub N N 129 
GLU C   OXT  sing N N 130 
GLU CB  CG   sing N N 131 
GLU CB  HB2  sing N N 132 
GLU CB  HB3  sing N N 133 
GLU CG  CD   sing N N 134 
GLU CG  HG2  sing N N 135 
GLU CG  HG3  sing N N 136 
GLU CD  OE1  doub N N 137 
GLU CD  OE2  sing N N 138 
GLU OE2 HE2  sing N N 139 
GLU OXT HXT  sing N N 140 
GLY N   CA   sing N N 141 
GLY N   H    sing N N 142 
GLY N   H2   sing N N 143 
GLY CA  C    sing N N 144 
GLY CA  HA2  sing N N 145 
GLY CA  HA3  sing N N 146 
GLY C   O    doub N N 147 
GLY C   OXT  sing N N 148 
GLY OXT HXT  sing N N 149 
HIS N   CA   sing N N 150 
HIS N   H    sing N N 151 
HIS N   H2   sing N N 152 
HIS CA  C    sing N N 153 
HIS CA  CB   sing N N 154 
HIS CA  HA   sing N N 155 
HIS C   O    doub N N 156 
HIS C   OXT  sing N N 157 
HIS CB  CG   sing N N 158 
HIS CB  HB2  sing N N 159 
HIS CB  HB3  sing N N 160 
HIS CG  ND1  sing Y N 161 
HIS CG  CD2  doub Y N 162 
HIS ND1 CE1  doub Y N 163 
HIS ND1 HD1  sing N N 164 
HIS CD2 NE2  sing Y N 165 
HIS CD2 HD2  sing N N 166 
HIS CE1 NE2  sing Y N 167 
HIS CE1 HE1  sing N N 168 
HIS NE2 HE2  sing N N 169 
HIS OXT HXT  sing N N 170 
HOH O   H1   sing N N 171 
HOH O   H2   sing N N 172 
ILE N   CA   sing N N 173 
ILE N   H    sing N N 174 
ILE N   H2   sing N N 175 
ILE CA  C    sing N N 176 
ILE CA  CB   sing N N 177 
ILE CA  HA   sing N N 178 
ILE C   O    doub N N 179 
ILE C   OXT  sing N N 180 
ILE CB  CG1  sing N N 181 
ILE CB  CG2  sing N N 182 
ILE CB  HB   sing N N 183 
ILE CG1 CD1  sing N N 184 
ILE CG1 HG12 sing N N 185 
ILE CG1 HG13 sing N N 186 
ILE CG2 HG21 sing N N 187 
ILE CG2 HG22 sing N N 188 
ILE CG2 HG23 sing N N 189 
ILE CD1 HD11 sing N N 190 
ILE CD1 HD12 sing N N 191 
ILE CD1 HD13 sing N N 192 
ILE OXT HXT  sing N N 193 
LEU N   CA   sing N N 194 
LEU N   H    sing N N 195 
LEU N   H2   sing N N 196 
LEU CA  C    sing N N 197 
LEU CA  CB   sing N N 198 
LEU CA  HA   sing N N 199 
LEU C   O    doub N N 200 
LEU C   OXT  sing N N 201 
LEU CB  CG   sing N N 202 
LEU CB  HB2  sing N N 203 
LEU CB  HB3  sing N N 204 
LEU CG  CD1  sing N N 205 
LEU CG  CD2  sing N N 206 
LEU CG  HG   sing N N 207 
LEU CD1 HD11 sing N N 208 
LEU CD1 HD12 sing N N 209 
LEU CD1 HD13 sing N N 210 
LEU CD2 HD21 sing N N 211 
LEU CD2 HD22 sing N N 212 
LEU CD2 HD23 sing N N 213 
LEU OXT HXT  sing N N 214 
LYS N   CA   sing N N 215 
LYS N   H    sing N N 216 
LYS N   H2   sing N N 217 
LYS CA  C    sing N N 218 
LYS CA  CB   sing N N 219 
LYS CA  HA   sing N N 220 
LYS C   O    doub N N 221 
LYS C   OXT  sing N N 222 
LYS CB  CG   sing N N 223 
LYS CB  HB2  sing N N 224 
LYS CB  HB3  sing N N 225 
LYS CG  CD   sing N N 226 
LYS CG  HG2  sing N N 227 
LYS CG  HG3  sing N N 228 
LYS CD  CE   sing N N 229 
LYS CD  HD2  sing N N 230 
LYS CD  HD3  sing N N 231 
LYS CE  NZ   sing N N 232 
LYS CE  HE2  sing N N 233 
LYS CE  HE3  sing N N 234 
LYS NZ  HZ1  sing N N 235 
LYS NZ  HZ2  sing N N 236 
LYS NZ  HZ3  sing N N 237 
LYS OXT HXT  sing N N 238 
MET N   CA   sing N N 239 
MET N   H    sing N N 240 
MET N   H2   sing N N 241 
MET CA  C    sing N N 242 
MET CA  CB   sing N N 243 
MET CA  HA   sing N N 244 
MET C   O    doub N N 245 
MET C   OXT  sing N N 246 
MET CB  CG   sing N N 247 
MET CB  HB2  sing N N 248 
MET CB  HB3  sing N N 249 
MET CG  SD   sing N N 250 
MET CG  HG2  sing N N 251 
MET CG  HG3  sing N N 252 
MET SD  CE   sing N N 253 
MET CE  HE1  sing N N 254 
MET CE  HE2  sing N N 255 
MET CE  HE3  sing N N 256 
MET OXT HXT  sing N N 257 
PHE N   CA   sing N N 258 
PHE N   H    sing N N 259 
PHE N   H2   sing N N 260 
PHE CA  C    sing N N 261 
PHE CA  CB   sing N N 262 
PHE CA  HA   sing N N 263 
PHE C   O    doub N N 264 
PHE C   OXT  sing N N 265 
PHE CB  CG   sing N N 266 
PHE CB  HB2  sing N N 267 
PHE CB  HB3  sing N N 268 
PHE CG  CD1  doub Y N 269 
PHE CG  CD2  sing Y N 270 
PHE CD1 CE1  sing Y N 271 
PHE CD1 HD1  sing N N 272 
PHE CD2 CE2  doub Y N 273 
PHE CD2 HD2  sing N N 274 
PHE CE1 CZ   doub Y N 275 
PHE CE1 HE1  sing N N 276 
PHE CE2 CZ   sing Y N 277 
PHE CE2 HE2  sing N N 278 
PHE CZ  HZ   sing N N 279 
PHE OXT HXT  sing N N 280 
PRO N   CA   sing N N 281 
PRO N   CD   sing N N 282 
PRO N   H    sing N N 283 
PRO CA  C    sing N N 284 
PRO CA  CB   sing N N 285 
PRO CA  HA   sing N N 286 
PRO C   O    doub N N 287 
PRO C   OXT  sing N N 288 
PRO CB  CG   sing N N 289 
PRO CB  HB2  sing N N 290 
PRO CB  HB3  sing N N 291 
PRO CG  CD   sing N N 292 
PRO CG  HG2  sing N N 293 
PRO CG  HG3  sing N N 294 
PRO CD  HD2  sing N N 295 
PRO CD  HD3  sing N N 296 
PRO OXT HXT  sing N N 297 
SER N   CA   sing N N 298 
SER N   H    sing N N 299 
SER N   H2   sing N N 300 
SER CA  C    sing N N 301 
SER CA  CB   sing N N 302 
SER CA  HA   sing N N 303 
SER C   O    doub N N 304 
SER C   OXT  sing N N 305 
SER CB  OG   sing N N 306 
SER CB  HB2  sing N N 307 
SER CB  HB3  sing N N 308 
SER OG  HG   sing N N 309 
SER OXT HXT  sing N N 310 
THR N   CA   sing N N 311 
THR N   H    sing N N 312 
THR N   H2   sing N N 313 
THR CA  C    sing N N 314 
THR CA  CB   sing N N 315 
THR CA  HA   sing N N 316 
THR C   O    doub N N 317 
THR C   OXT  sing N N 318 
THR CB  OG1  sing N N 319 
THR CB  CG2  sing N N 320 
THR CB  HB   sing N N 321 
THR OG1 HG1  sing N N 322 
THR CG2 HG21 sing N N 323 
THR CG2 HG22 sing N N 324 
THR CG2 HG23 sing N N 325 
THR OXT HXT  sing N N 326 
TRP N   CA   sing N N 327 
TRP N   H    sing N N 328 
TRP N   H2   sing N N 329 
TRP CA  C    sing N N 330 
TRP CA  CB   sing N N 331 
TRP CA  HA   sing N N 332 
TRP C   O    doub N N 333 
TRP C   OXT  sing N N 334 
TRP CB  CG   sing N N 335 
TRP CB  HB2  sing N N 336 
TRP CB  HB3  sing N N 337 
TRP CG  CD1  doub Y N 338 
TRP CG  CD2  sing Y N 339 
TRP CD1 NE1  sing Y N 340 
TRP CD1 HD1  sing N N 341 
TRP CD2 CE2  doub Y N 342 
TRP CD2 CE3  sing Y N 343 
TRP NE1 CE2  sing Y N 344 
TRP NE1 HE1  sing N N 345 
TRP CE2 CZ2  sing Y N 346 
TRP CE3 CZ3  doub Y N 347 
TRP CE3 HE3  sing N N 348 
TRP CZ2 CH2  doub Y N 349 
TRP CZ2 HZ2  sing N N 350 
TRP CZ3 CH2  sing Y N 351 
TRP CZ3 HZ3  sing N N 352 
TRP CH2 HH2  sing N N 353 
TRP OXT HXT  sing N N 354 
TYR N   CA   sing N N 355 
TYR N   H    sing N N 356 
TYR N   H2   sing N N 357 
TYR CA  C    sing N N 358 
TYR CA  CB   sing N N 359 
TYR CA  HA   sing N N 360 
TYR C   O    doub N N 361 
TYR C   OXT  sing N N 362 
TYR CB  CG   sing N N 363 
TYR CB  HB2  sing N N 364 
TYR CB  HB3  sing N N 365 
TYR CG  CD1  doub Y N 366 
TYR CG  CD2  sing Y N 367 
TYR CD1 CE1  sing Y N 368 
TYR CD1 HD1  sing N N 369 
TYR CD2 CE2  doub Y N 370 
TYR CD2 HD2  sing N N 371 
TYR CE1 CZ   doub Y N 372 
TYR CE1 HE1  sing N N 373 
TYR CE2 CZ   sing Y N 374 
TYR CE2 HE2  sing N N 375 
TYR CZ  OH   sing N N 376 
TYR OH  HH   sing N N 377 
TYR OXT HXT  sing N N 378 
VAL N   CA   sing N N 379 
VAL N   H    sing N N 380 
VAL N   H2   sing N N 381 
VAL CA  C    sing N N 382 
VAL CA  CB   sing N N 383 
VAL CA  HA   sing N N 384 
VAL C   O    doub N N 385 
VAL C   OXT  sing N N 386 
VAL CB  CG1  sing N N 387 
VAL CB  CG2  sing N N 388 
VAL CB  HB   sing N N 389 
VAL CG1 HG11 sing N N 390 
VAL CG1 HG12 sing N N 391 
VAL CG1 HG13 sing N N 392 
VAL CG2 HG21 sing N N 393 
VAL CG2 HG22 sing N N 394 
VAL CG2 HG23 sing N N 395 
VAL OXT HXT  sing N N 396 
# 
_atom_sites.entry_id                    1L84 
_atom_sites.fract_transf_matrix[1][1]   -0.01538671 
_atom_sites.fract_transf_matrix[1][2]   0.01101735 
_atom_sites.fract_transf_matrix[1][3]   -0.00042872 
_atom_sites.fract_transf_matrix[2][1]   -0.00335328 
_atom_sites.fract_transf_matrix[2][2]   0.01099431 
_atom_sites.fract_transf_matrix[2][3]   -0.01504079 
_atom_sites.fract_transf_matrix[3][1]   -0.00541532 
_atom_sites.fract_transf_matrix[3][2]   -0.00773604 
_atom_sites.fract_transf_matrix[3][3]   -0.00444746 
_atom_sites.fract_transf_vector[1]      0.679293 
_atom_sites.fract_transf_vector[2]      0.219547 
_atom_sites.fract_transf_vector[3]      0.100970 
# 
loop_
_atom_sites_footnote.id 
_atom_sites_footnote.text 
1 
;RESIDUES 162 - 164 IN WILD-TYPE AND ALL MUTANT LYSOZYMES ARE EXTREMELY MOBILE.  THUS THE COORDINATES FOR THESE RESIDUES ARE VERY UNRELIABLE.  THIS ENTRY DOES NOT INCLUDE RESIDUES 163 AND 164.
;
2 'SEO 901 FORMS AN S-S LINKAGE TO SEO 902.' 
# 
loop_
_atom_type.symbol 
C  
CL 
N  
O  
S  
# 
loop_
_atom_site.group_PDB 
_atom_site.id 
_atom_site.type_symbol 
_atom_site.label_atom_id 
_atom_site.label_alt_id 
_atom_site.label_comp_id 
_atom_site.label_asym_id 
_atom_site.label_entity_id 
_atom_site.label_seq_id 
_atom_site.pdbx_PDB_ins_code 
_atom_site.Cartn_x 
_atom_site.Cartn_y 
_atom_site.Cartn_z 
_atom_site.occupancy 
_atom_site.B_iso_or_equiv 
_atom_site.pdbx_formal_charge 
_atom_site.auth_seq_id 
_atom_site.auth_comp_id 
_atom_site.auth_asym_id 
_atom_site.auth_atom_id 
_atom_site.pdbx_PDB_model_num 
ATOM   1    N  N   . MET A 1 1   ? -4.696  -4.900  16.101  1.00 27.79  ? 1   MET A N   1 
ATOM   2    C  CA  . MET A 1 1   ? -4.498  -4.290  14.808  1.00 33.02  ? 1   MET A CA  1 
ATOM   3    C  C   . MET A 1 1   ? -3.637  -5.235  14.036  1.00 36.58  ? 1   MET A C   1 
ATOM   4    O  O   . MET A 1 1   ? -2.916  -6.009  14.626  1.00 25.16  ? 1   MET A O   1 
ATOM   5    C  CB  . MET A 1 1   ? -3.802  -2.919  14.946  1.00 27.19  ? 1   MET A CB  1 
ATOM   6    C  CG  . MET A 1 1   ? -3.631  -2.158  13.641  1.00 56.15  ? 1   MET A CG  1 
ATOM   7    S  SD  . MET A 1 1   ? -5.193  -1.497  13.041  1.00 42.14  ? 1   MET A SD  1 
ATOM   8    C  CE  . MET A 1 1   ? -5.392  -0.173  14.232  1.00 41.10  ? 1   MET A CE  1 
ATOM   9    N  N   . ASN A 1 2   ? -3.751  -5.209  12.739  1.00 26.47  ? 2   ASN A N   1 
ATOM   10   C  CA  . ASN A 1 2   ? -2.967  -6.045  11.869  1.00 29.18  ? 2   ASN A CA  1 
ATOM   11   C  C   . ASN A 1 2   ? -2.884  -5.323  10.536  1.00 26.20  ? 2   ASN A C   1 
ATOM   12   O  O   . ASN A 1 2   ? -3.585  -4.347  10.377  1.00 16.19  ? 2   ASN A O   1 
ATOM   13   C  CB  . ASN A 1 2   ? -3.506  -7.494  11.815  1.00 13.10  ? 2   ASN A CB  1 
ATOM   14   C  CG  . ASN A 1 2   ? -4.903  -7.603  11.281  1.00 20.86  ? 2   ASN A CG  1 
ATOM   15   O  OD1 . ASN A 1 2   ? -5.213  -7.116  10.170  1.00 25.49  ? 2   ASN A OD1 1 
ATOM   16   N  ND2 . ASN A 1 2   ? -5.741  -8.292  12.036  1.00 16.90  ? 2   ASN A ND2 1 
ATOM   17   N  N   . ILE A 1 3   ? -2.114  -5.825  9.595   1.00 12.94  ? 3   ILE A N   1 
ATOM   18   C  CA  . ILE A 1 3   ? -1.902  -5.237  8.284   1.00 24.67  ? 3   ILE A CA  1 
ATOM   19   C  C   . ILE A 1 3   ? -3.227  -5.093  7.508   1.00 47.58  ? 3   ILE A C   1 
ATOM   20   O  O   . ILE A 1 3   ? -3.442  -4.123  6.801   1.00 20.24  ? 3   ILE A O   1 
ATOM   21   C  CB  . ILE A 1 3   ? -0.779  -5.971  7.477   1.00 12.38  ? 3   ILE A CB  1 
ATOM   22   C  CG1 . ILE A 1 3   ? -0.528  -5.273  6.119   1.00 11.66  ? 3   ILE A CG1 1 
ATOM   23   C  CG2 . ILE A 1 3   ? -1.248  -7.422  7.216   1.00 15.02  ? 3   ILE A CG2 1 
ATOM   24   C  CD1 . ILE A 1 3   ? -0.123  -3.765  6.158   1.00 10.22  ? 3   ILE A CD1 1 
ATOM   25   N  N   . PHE A 1 4   ? -4.135  -6.059  7.632   1.00 15.49  ? 4   PHE A N   1 
ATOM   26   C  CA  . PHE A 1 4   ? -5.421  -5.944  6.965   1.00 14.13  ? 4   PHE A CA  1 
ATOM   27   C  C   . PHE A 1 4   ? -6.288  -4.863  7.516   1.00 28.58  ? 4   PHE A C   1 
ATOM   28   O  O   . PHE A 1 4   ? -6.928  -4.156  6.778   1.00 26.75  ? 4   PHE A O   1 
ATOM   29   C  CB  . PHE A 1 4   ? -6.262  -7.178  6.977   1.00 9.91   ? 4   PHE A CB  1 
ATOM   30   C  CG  . PHE A 1 4   ? -5.683  -8.221  6.100   1.00 24.80  ? 4   PHE A CG  1 
ATOM   31   C  CD1 . PHE A 1 4   ? -4.668  -9.035  6.612   1.00 18.11  ? 4   PHE A CD1 1 
ATOM   32   C  CD2 . PHE A 1 4   ? -6.113  -8.406  4.781   1.00 29.70  ? 4   PHE A CD2 1 
ATOM   33   C  CE1 . PHE A 1 4   ? -4.114  -10.048 5.823   1.00 16.22  ? 4   PHE A CE1 1 
ATOM   34   C  CE2 . PHE A 1 4   ? -5.554  -9.408  3.979   1.00 19.65  ? 4   PHE A CE2 1 
ATOM   35   C  CZ  . PHE A 1 4   ? -4.546  -10.226 4.507   1.00 13.26  ? 4   PHE A CZ  1 
ATOM   36   N  N   . GLU A 1 5   ? -6.360  -4.739  8.804   1.00 13.32  ? 5   GLU A N   1 
ATOM   37   C  CA  . GLU A 1 5   ? -7.199  -3.681  9.340   1.00 19.92  ? 5   GLU A CA  1 
ATOM   38   C  C   . GLU A 1 5   ? -6.540  -2.354  9.129   1.00 26.41  ? 5   GLU A C   1 
ATOM   39   O  O   . GLU A 1 5   ? -7.221  -1.369  9.102   1.00 18.39  ? 5   GLU A O   1 
ATOM   40   C  CB  . GLU A 1 5   ? -7.471  -3.804  10.841  1.00 25.20  ? 5   GLU A CB  1 
ATOM   41   C  CG  . GLU A 1 5   ? -8.127  -5.135  11.184  1.00 28.26  ? 5   GLU A CG  1 
ATOM   42   C  CD  . GLU A 1 5   ? -8.012  -5.528  12.617  1.00 67.57  ? 5   GLU A CD  1 
ATOM   43   O  OE1 . GLU A 1 5   ? -7.598  -4.791  13.485  1.00 36.63  ? 5   GLU A OE1 1 
ATOM   44   O  OE2 . GLU A 1 5   ? -8.447  -6.741  12.827  1.00 47.18  ? 5   GLU A OE2 1 
ATOM   45   N  N   . MET A 1 6   ? -5.207  -2.340  9.031   1.00 23.73  ? 6   MET A N   1 
ATOM   46   C  CA  . MET A 1 6   ? -4.457  -1.110  8.830   1.00 20.13  ? 6   MET A CA  1 
ATOM   47   C  C   . MET A 1 6   ? -4.721  -0.539  7.453   1.00 34.47  ? 6   MET A C   1 
ATOM   48   O  O   . MET A 1 6   ? -5.011  0.641   7.268   1.00 26.17  ? 6   MET A O   1 
ATOM   49   C  CB  . MET A 1 6   ? -2.978  -1.387  8.962   1.00 19.36  ? 6   MET A CB  1 
ATOM   50   C  CG  . MET A 1 6   ? -2.115  -0.166  8.861   1.00 14.16  ? 6   MET A CG  1 
ATOM   51   S  SD  . MET A 1 6   ? -0.386  -0.628  8.513   1.00 19.53  ? 6   MET A SD  1 
ATOM   52   C  CE  . MET A 1 6   ? 0.534   0.758   9.163   1.00 19.82  ? 6   MET A CE  1 
ATOM   53   N  N   . LEU A 1 7   ? -4.623  -1.411  6.469   1.00 15.51  ? 7   LEU A N   1 
ATOM   54   C  CA  . LEU A 1 7   ? -4.865  -0.993  5.094   1.00 17.66  ? 7   LEU A CA  1 
ATOM   55   C  C   . LEU A 1 7   ? -6.328  -0.692  4.809   1.00 33.92  ? 7   LEU A C   1 
ATOM   56   O  O   . LEU A 1 7   ? -6.666  0.136   3.989   1.00 23.78  ? 7   LEU A O   1 
ATOM   57   C  CB  . LEU A 1 7   ? -4.304  -1.967  4.065   1.00 18.41  ? 7   LEU A CB  1 
ATOM   58   C  CG  . LEU A 1 7   ? -2.818  -1.808  3.918   1.00 30.84  ? 7   LEU A CG  1 
ATOM   59   C  CD1 . LEU A 1 7   ? -2.248  -3.100  3.343   1.00 18.41  ? 7   LEU A CD1 1 
ATOM   60   C  CD2 . LEU A 1 7   ? -2.577  -0.595  3.010   1.00 15.80  ? 7   LEU A CD2 1 
ATOM   61   N  N   . ARG A 1 8   ? -7.210  -1.370  5.490   1.00 15.25  ? 8   ARG A N   1 
ATOM   62   C  CA  . ARG A 1 8   ? -8.628  -1.123  5.278   1.00 21.77  ? 8   ARG A CA  1 
ATOM   63   C  C   . ARG A 1 8   ? -9.019  0.257   5.757   1.00 23.77  ? 8   ARG A C   1 
ATOM   64   O  O   . ARG A 1 8   ? -9.934  0.838   5.202   1.00 27.78  ? 8   ARG A O   1 
ATOM   65   C  CB  . ARG A 1 8   ? -9.495  -2.223  5.847   1.00 18.68  ? 8   ARG A CB  1 
ATOM   66   C  CG  . ARG A 1 8   ? -10.955 -1.864  6.039   1.00 38.37  ? 8   ARG A CG  1 
ATOM   67   C  CD  . ARG A 1 8   ? -11.741 -1.860  4.735   1.00 44.80  ? 8   ARG A CD  1 
ATOM   68   N  NE  . ARG A 1 8   ? -13.156 -1.495  4.878   1.00 49.29  ? 8   ARG A NE  1 
ATOM   69   C  CZ  . ARG A 1 8   ? -13.585 -0.268  5.166   1.00 94.21  ? 8   ARG A CZ  1 
ATOM   70   N  NH1 . ARG A 1 8   ? -12.747 0.746   5.376   1.00 27.56  ? 8   ARG A NH1 1 
ATOM   71   N  NH2 . ARG A 1 8   ? -14.895 -0.056  5.257   1.00 100.00 ? 8   ARG A NH2 1 
ATOM   72   N  N   . ILE A 1 9   ? -8.252  0.803   6.716   1.00 18.86  ? 9   ILE A N   1 
ATOM   73   C  CA  . ILE A 1 9   ? -8.477  2.117   7.244   1.00 13.36  ? 9   ILE A CA  1 
ATOM   74   C  C   . ILE A 1 9   ? -7.909  3.177   6.302   1.00 34.20  ? 9   ILE A C   1 
ATOM   75   O  O   . ILE A 1 9   ? -8.529  4.167   5.994   1.00 36.69  ? 9   ILE A O   1 
ATOM   76   C  CB  . ILE A 1 9   ? -7.824  2.275   8.624   1.00 25.89  ? 9   ILE A CB  1 
ATOM   77   C  CG1 . ILE A 1 9   ? -8.646  1.609   9.687   1.00 32.39  ? 9   ILE A CG1 1 
ATOM   78   C  CG2 . ILE A 1 9   ? -7.578  3.735   8.989   1.00 21.94  ? 9   ILE A CG2 1 
ATOM   79   C  CD1 . ILE A 1 9   ? -7.946  1.567   11.034  1.00 33.87  ? 9   ILE A CD1 1 
ATOM   80   N  N   . ASP A 1 10  ? -6.710  2.946   5.852   1.00 25.67  ? 10  ASP A N   1 
ATOM   81   C  CA  . ASP A 1 10  ? -5.996  3.856   4.987   1.00 16.14  ? 10  ASP A CA  1 
ATOM   82   C  C   . ASP A 1 10  ? -6.634  3.942   3.594   1.00 40.77  ? 10  ASP A C   1 
ATOM   83   O  O   . ASP A 1 10  ? -6.702  4.971   3.020   1.00 22.61  ? 10  ASP A O   1 
ATOM   84   C  CB  . ASP A 1 10  ? -4.533  3.373   4.897   1.00 16.02  ? 10  ASP A CB  1 
ATOM   85   C  CG  . ASP A 1 10  ? -3.779  3.826   6.080   1.00 24.32  ? 10  ASP A CG  1 
ATOM   86   O  OD1 . ASP A 1 10  ? -4.164  4.746   6.775   1.00 26.59  ? 10  ASP A OD1 1 
ATOM   87   O  OD2 . ASP A 1 10  ? -2.707  3.131   6.293   1.00 33.30  ? 10  ASP A OD2 1 
ATOM   88   N  N   . GLU A 1 11  ? -7.098  2.848   3.041   1.00 12.80  ? 11  GLU A N   1 
ATOM   89   C  CA  . GLU A 1 11  ? -7.664  2.839   1.707   1.00 24.19  ? 11  GLU A CA  1 
ATOM   90   C  C   . GLU A 1 11  ? -9.176  2.907   1.642   1.00 18.15  ? 11  GLU A C   1 
ATOM   91   O  O   . GLU A 1 11  ? -9.725  3.106   0.571   1.00 28.09  ? 11  GLU A O   1 
ATOM   92   C  CB  . GLU A 1 11  ? -7.308  1.524   0.957   1.00 9.02   ? 11  GLU A CB  1 
ATOM   93   C  CG  . GLU A 1 11  ? -5.841  1.243   0.883   1.00 12.72  ? 11  GLU A CG  1 
ATOM   94   C  CD  . GLU A 1 11  ? -5.024  2.108   -0.058  1.00 36.80  ? 11  GLU A CD  1 
ATOM   95   O  OE1 . GLU A 1 11  ? -5.714  2.733   -0.979  1.00 32.32  ? 11  GLU A OE1 1 
ATOM   96   O  OE2 . GLU A 1 11  ? -3.827  2.152   0.006   1.00 25.42  ? 11  GLU A OE2 1 
ATOM   97   N  N   . GLY A 1 12  ? -9.882  2.609   2.700   1.00 24.17  ? 12  GLY A N   1 
ATOM   98   C  CA  . GLY A 1 12  ? -11.338 2.615   2.611   1.00 20.36  ? 12  GLY A CA  1 
ATOM   99   C  C   . GLY A 1 12  ? -11.828 1.453   1.768   1.00 22.08  ? 12  GLY A C   1 
ATOM   100  O  O   . GLY A 1 12  ? -11.030 0.592   1.408   1.00 27.89  ? 12  GLY A O   1 
ATOM   101  N  N   . LEU A 1 13  ? -13.141 1.363   1.537   1.00 22.58  ? 13  LEU A N   1 
ATOM   102  C  CA  . LEU A 1 13  ? -13.737 0.294   0.706   1.00 24.05  ? 13  LEU A CA  1 
ATOM   103  C  C   . LEU A 1 13  ? -14.699 0.903   -0.306  1.00 47.81  ? 13  LEU A C   1 
ATOM   104  O  O   . LEU A 1 13  ? -15.550 1.697   0.039   1.00 47.50  ? 13  LEU A O   1 
ATOM   105  C  CB  . LEU A 1 13  ? -14.528 -0.695  1.554   1.00 24.90  ? 13  LEU A CB  1 
ATOM   106  C  CG  . LEU A 1 13  ? -15.395 -1.705  0.801   1.00 53.39  ? 13  LEU A CG  1 
ATOM   107  C  CD1 . LEU A 1 13  ? -14.571 -2.751  0.042   1.00 35.87  ? 13  LEU A CD1 1 
ATOM   108  C  CD2 . LEU A 1 13  ? -16.213 -2.432  1.845   1.00 18.95  ? 13  LEU A CD2 1 
ATOM   109  N  N   . ARG A 1 14  ? -14.592 0.572   -1.576  1.00 42.73  ? 14  ARG A N   1 
ATOM   110  C  CA  . ARG A 1 14  ? -15.545 1.148   -2.474  1.00 26.02  ? 14  ARG A CA  1 
ATOM   111  C  C   . ARG A 1 14  ? -16.012 0.147   -3.453  1.00 26.23  ? 14  ARG A C   1 
ATOM   112  O  O   . ARG A 1 14  ? -15.184 -0.451  -4.100  1.00 31.01  ? 14  ARG A O   1 
ATOM   113  C  CB  . ARG A 1 14  ? -15.013 2.374   -3.124  1.00 26.66  ? 14  ARG A CB  1 
ATOM   114  C  CG  . ARG A 1 14  ? -15.068 3.499   -2.131  1.00 35.12  ? 14  ARG A CG  1 
ATOM   115  C  CD  . ARG A 1 14  ? -15.255 4.866   -2.754  1.00 40.90  ? 14  ARG A CD  1 
ATOM   116  N  NE  . ARG A 1 14  ? -14.100 5.695   -2.493  1.00 100.00 ? 14  ARG A NE  1 
ATOM   117  C  CZ  . ARG A 1 14  ? -13.785 6.786   -3.185  1.00 100.00 ? 14  ARG A CZ  1 
ATOM   118  N  NH1 . ARG A 1 14  ? -14.537 7.229   -4.218  1.00 47.82  ? 14  ARG A NH1 1 
ATOM   119  N  NH2 . ARG A 1 14  ? -12.684 7.460   -2.781  1.00 56.10  ? 14  ARG A NH2 1 
ATOM   120  N  N   . LEU A 1 15  ? -17.314 -0.071  -3.472  1.00 22.59  ? 15  LEU A N   1 
ATOM   121  C  CA  . LEU A 1 15  ? -17.930 -1.079  -4.323  1.00 18.32  ? 15  LEU A CA  1 
ATOM   122  C  C   . LEU A 1 15  ? -18.107 -0.723  -5.795  1.00 67.92  ? 15  LEU A C   1 
ATOM   123  O  O   . LEU A 1 15  ? -18.634 -1.518  -6.572  1.00 36.11  ? 15  LEU A O   1 
ATOM   124  C  CB  . LEU A 1 15  ? -19.240 -1.649  -3.740  1.00 29.73  ? 15  LEU A CB  1 
ATOM   125  C  CG  . LEU A 1 15  ? -19.046 -2.398  -2.434  1.00 34.40  ? 15  LEU A CG  1 
ATOM   126  C  CD1 . LEU A 1 15  ? -20.083 -3.495  -2.307  1.00 48.20  ? 15  LEU A CD1 1 
ATOM   127  C  CD2 . LEU A 1 15  ? -17.657 -3.025  -2.462  1.00 42.55  ? 15  LEU A CD2 1 
ATOM   128  N  N   . LYS A 1 16  ? -17.677 0.454   -6.204  1.00 20.74  ? 16  LYS A N   1 
ATOM   129  C  CA  . LYS A 1 16  ? -17.862 0.865   -7.583  1.00 28.38  ? 16  LYS A CA  1 
ATOM   130  C  C   . LYS A 1 16  ? -16.582 1.499   -8.054  1.00 21.34  ? 16  LYS A C   1 
ATOM   131  O  O   . LYS A 1 16  ? -15.896 2.067   -7.193  1.00 36.62  ? 16  LYS A O   1 
ATOM   132  C  CB  . LYS A 1 16  ? -19.092 1.803   -7.707  1.00 41.36  ? 16  LYS A CB  1 
ATOM   133  C  CG  . LYS A 1 16  ? -19.254 2.427   -9.083  1.00 100.00 ? 16  LYS A CG  1 
ATOM   134  C  CD  . LYS A 1 16  ? -20.512 1.954   -9.808  1.00 100.00 ? 16  LYS A CD  1 
ATOM   135  C  CE  . LYS A 1 16  ? -20.220 1.446   -11.217 1.00 100.00 ? 16  LYS A CE  1 
ATOM   136  N  NZ  . LYS A 1 16  ? -21.312 1.682   -12.201 1.00 100.00 ? 16  LYS A NZ  1 
ATOM   137  N  N   . ILE A 1 17  ? -16.228 1.344   -9.368  1.00 34.57  ? 17  ILE A N   1 
ATOM   138  C  CA  . ILE A 1 17  ? -14.981 1.924   -9.896  1.00 17.85  ? 17  ILE A CA  1 
ATOM   139  C  C   . ILE A 1 17  ? -14.845 3.354   -9.407  1.00 37.08  ? 17  ILE A C   1 
ATOM   140  O  O   . ILE A 1 17  ? -15.858 4.042   -9.229  1.00 40.55  ? 17  ILE A O   1 
ATOM   141  C  CB  . ILE A 1 17  ? -14.800 1.815   -11.422 1.00 31.07  ? 17  ILE A CB  1 
ATOM   142  C  CG1 . ILE A 1 17  ? -14.746 0.353   -11.894 1.00 32.50  ? 17  ILE A CG1 1 
ATOM   143  C  CG2 . ILE A 1 17  ? -13.534 2.555   -11.902 1.00 21.76  ? 17  ILE A CG2 1 
ATOM   144  C  CD1 . ILE A 1 17  ? -14.275 0.198   -13.338 1.00 27.54  ? 17  ILE A CD1 1 
ATOM   145  N  N   . TYR A 1 18  ? -13.647 3.793   -9.123  1.00 19.54  ? 18  TYR A N   1 
ATOM   146  C  CA  . TYR A 1 18  ? -13.537 5.150   -8.645  1.00 29.48  ? 18  TYR A CA  1 
ATOM   147  C  C   . TYR A 1 18  ? -12.171 5.607   -8.966  1.00 24.05  ? 18  TYR A C   1 
ATOM   148  O  O   . TYR A 1 18  ? -11.364 4.821   -9.452  1.00 40.44  ? 18  TYR A O   1 
ATOM   149  C  CB  . TYR A 1 18  ? -13.949 5.414   -7.157  1.00 31.52  ? 18  TYR A CB  1 
ATOM   150  C  CG  . TYR A 1 18  ? -12.896 4.914   -6.220  1.00 27.41  ? 18  TYR A CG  1 
ATOM   151  C  CD1 . TYR A 1 18  ? -12.939 3.575   -5.827  1.00 33.38  ? 18  TYR A CD1 1 
ATOM   152  C  CD2 . TYR A 1 18  ? -11.824 5.711   -5.823  1.00 42.26  ? 18  TYR A CD2 1 
ATOM   153  C  CE1 . TYR A 1 18  ? -11.943 3.033   -5.021  1.00 33.59  ? 18  TYR A CE1 1 
ATOM   154  C  CE2 . TYR A 1 18  ? -10.807 5.184   -5.018  1.00 34.45  ? 18  TYR A CE2 1 
ATOM   155  C  CZ  . TYR A 1 18  ? -10.873 3.843   -4.640  1.00 23.74  ? 18  TYR A CZ  1 
ATOM   156  O  OH  . TYR A 1 18  ? -9.909  3.322   -3.855  1.00 32.80  ? 18  TYR A OH  1 
ATOM   157  N  N   . LYS A 1 19  ? -11.927 6.875   -8.741  1.00 22.80  ? 19  LYS A N   1 
ATOM   158  C  CA  . LYS A 1 19  ? -10.625 7.397   -9.004  1.00 23.33  ? 19  LYS A CA  1 
ATOM   159  C  C   . LYS A 1 19  ? -9.930  7.636   -7.706  1.00 58.89  ? 19  LYS A C   1 
ATOM   160  O  O   . LYS A 1 19  ? -10.489 8.111   -6.708  1.00 31.88  ? 19  LYS A O   1 
ATOM   161  C  CB  . LYS A 1 19  ? -10.570 8.658   -9.827  1.00 29.70  ? 19  LYS A CB  1 
ATOM   162  C  CG  . LYS A 1 19  ? -10.946 8.499   -11.292 1.00 25.77  ? 19  LYS A CG  1 
ATOM   163  C  CD  . LYS A 1 19  ? -10.436 9.668   -12.116 1.00 43.73  ? 19  LYS A CD  1 
ATOM   164  C  CE  . LYS A 1 19  ? -11.541 10.447  -12.801 1.00 51.25  ? 19  LYS A CE  1 
ATOM   165  N  NZ  . LYS A 1 19  ? -11.440 10.400  -14.256 1.00 53.06  ? 19  LYS A NZ  1 
ATOM   166  N  N   . ASP A 1 20  ? -8.688  7.271   -7.760  1.00 35.59  ? 20  ASP A N   1 
ATOM   167  C  CA  . ASP A 1 20  ? -7.818  7.383   -6.657  1.00 51.97  ? 20  ASP A CA  1 
ATOM   168  C  C   . ASP A 1 20  ? -7.277  8.784   -6.558  1.00 38.45  ? 20  ASP A C   1 
ATOM   169  O  O   . ASP A 1 20  ? -7.643  9.664   -7.317  1.00 32.15  ? 20  ASP A O   1 
ATOM   170  C  CB  . ASP A 1 20  ? -6.807  6.216   -6.565  1.00 30.34  ? 20  ASP A CB  1 
ATOM   171  C  CG  . ASP A 1 20  ? -5.484  6.309   -7.314  1.00 39.26  ? 20  ASP A CG  1 
ATOM   172  O  OD1 . ASP A 1 20  ? -5.164  7.469   -7.810  1.00 28.41  ? 20  ASP A OD1 1 
ATOM   173  O  OD2 . ASP A 1 20  ? -4.726  5.371   -7.346  1.00 49.72  ? 20  ASP A OD2 1 
ATOM   174  N  N   . THR A 1 21  ? -6.402  8.982   -5.612  1.00 33.60  ? 21  THR A N   1 
ATOM   175  C  CA  . THR A 1 21  ? -5.838  10.274  -5.376  1.00 25.36  ? 21  THR A CA  1 
ATOM   176  C  C   . THR A 1 21  ? -5.035  10.764  -6.521  1.00 52.78  ? 21  THR A C   1 
ATOM   177  O  O   . THR A 1 21  ? -4.830  11.967  -6.638  1.00 31.70  ? 21  THR A O   1 
ATOM   178  C  CB  . THR A 1 21  ? -4.845  10.228  -4.200  1.00 77.48  ? 21  THR A CB  1 
ATOM   179  O  OG1 . THR A 1 21  ? -5.368  9.574   -3.031  1.00 45.09  ? 21  THR A OG1 1 
ATOM   180  C  CG2 . THR A 1 21  ? -4.423  11.658  -3.901  1.00 30.85  ? 21  THR A CG2 1 
ATOM   181  N  N   . GLU A 1 22  ? -4.475  9.837   -7.302  1.00 43.05  ? 22  GLU A N   1 
ATOM   182  C  CA  . GLU A 1 22  ? -3.605  10.237  -8.407  1.00 42.86  ? 22  GLU A CA  1 
ATOM   183  C  C   . GLU A 1 22  ? -4.353  10.503  -9.699  1.00 30.25  ? 22  GLU A C   1 
ATOM   184  O  O   . GLU A 1 22  ? -3.764  11.001  -10.653 1.00 46.41  ? 22  GLU A O   1 
ATOM   185  C  CB  . GLU A 1 22  ? -2.589  9.137   -8.690  1.00 30.50  ? 22  GLU A CB  1 
ATOM   186  C  CG  . GLU A 1 22  ? -1.430  9.102   -7.664  1.00 40.31  ? 22  GLU A CG  1 
ATOM   187  C  CD  . GLU A 1 22  ? -0.691  10.386  -7.622  1.00 56.92  ? 22  GLU A CD  1 
ATOM   188  O  OE1 . GLU A 1 22  ? -0.960  11.122  -8.672  1.00 78.01  ? 22  GLU A OE1 1 
ATOM   189  O  OE2 . GLU A 1 22  ? 0.049   10.714  -6.715  1.00 100.00 ? 22  GLU A OE2 1 
ATOM   190  N  N   . GLY A 1 23  ? -5.619  10.067  -9.677  1.00 30.08  ? 23  GLY A N   1 
ATOM   191  C  CA  . GLY A 1 23  ? -6.560  10.092  -10.772 1.00 58.17  ? 23  GLY A CA  1 
ATOM   192  C  C   . GLY A 1 23  ? -6.792  8.702   -11.399 1.00 48.21  ? 23  GLY A C   1 
ATOM   193  O  O   . GLY A 1 23  ? -7.469  8.601   -12.400 1.00 36.43  ? 23  GLY A O   1 
ATOM   194  N  N   . TYR A 1 24  ? -6.248  7.614   -10.843 1.00 46.86  ? 24  TYR A N   1 
ATOM   195  C  CA  . TYR A 1 24  ? -6.423  6.295   -11.476 1.00 11.33  ? 24  TYR A CA  1 
ATOM   196  C  C   . TYR A 1 24  ? -7.640  5.522   -11.084 1.00 49.79  ? 24  TYR A C   1 
ATOM   197  O  O   . TYR A 1 24  ? -8.123  5.575   -9.973  1.00 35.51  ? 24  TYR A O   1 
ATOM   198  C  CB  . TYR A 1 24  ? -5.234  5.398   -11.379 1.00 27.60  ? 24  TYR A CB  1 
ATOM   199  C  CG  . TYR A 1 24  ? -3.987  6.118   -11.751 1.00 20.69  ? 24  TYR A CG  1 
ATOM   200  C  CD1 . TYR A 1 24  ? -3.882  6.726   -13.000 1.00 48.52  ? 24  TYR A CD1 1 
ATOM   201  C  CD2 . TYR A 1 24  ? -2.912  6.176   -10.867 1.00 16.77  ? 24  TYR A CD2 1 
ATOM   202  C  CE1 . TYR A 1 24  ? -2.717  7.398   -13.368 1.00 100.00 ? 24  TYR A CE1 1 
ATOM   203  C  CE2 . TYR A 1 24  ? -1.758  6.874   -11.204 1.00 23.85  ? 24  TYR A CE2 1 
ATOM   204  C  CZ  . TYR A 1 24  ? -1.660  7.464   -12.465 1.00 38.69  ? 24  TYR A CZ  1 
ATOM   205  O  OH  . TYR A 1 24  ? -0.506  8.126   -12.793 1.00 57.35  ? 24  TYR A OH  1 
ATOM   206  N  N   . TYR A 1 25  ? -8.107  4.759   -12.035 1.00 17.05  ? 25  TYR A N   1 
ATOM   207  C  CA  . TYR A 1 25  ? -9.269  3.980   -11.834 1.00 22.18  ? 25  TYR A CA  1 
ATOM   208  C  C   . TYR A 1 25  ? -8.959  2.867   -10.848 1.00 34.33  ? 25  TYR A C   1 
ATOM   209  O  O   . TYR A 1 25  ? -8.071  2.075   -11.099 1.00 32.34  ? 25  TYR A O   1 
ATOM   210  C  CB  . TYR A 1 25  ? -9.756  3.460   -13.195 1.00 31.21  ? 25  TYR A CB  1 
ATOM   211  C  CG  . TYR A 1 25  ? -10.591 4.473   -13.926 1.00 57.93  ? 25  TYR A CG  1 
ATOM   212  C  CD1 . TYR A 1 25  ? -11.842 4.857   -13.440 1.00 33.69  ? 25  TYR A CD1 1 
ATOM   213  C  CD2 . TYR A 1 25  ? -10.131 5.038   -15.115 1.00 42.38  ? 25  TYR A CD2 1 
ATOM   214  C  CE1 . TYR A 1 25  ? -12.614 5.794   -14.124 1.00 77.35  ? 25  TYR A CE1 1 
ATOM   215  C  CE2 . TYR A 1 25  ? -10.898 5.963   -15.822 1.00 48.11  ? 25  TYR A CE2 1 
ATOM   216  C  CZ  . TYR A 1 25  ? -12.145 6.334   -15.323 1.00 60.64  ? 25  TYR A CZ  1 
ATOM   217  O  OH  . TYR A 1 25  ? -12.925 7.234   -16.006 1.00 57.79  ? 25  TYR A OH  1 
ATOM   218  N  N   . THR A 1 26  ? -9.726  2.836   -9.754  1.00 27.29  ? 26  THR A N   1 
ATOM   219  C  CA  . THR A 1 26  ? -9.595  1.914   -8.673  1.00 21.35  ? 26  THR A CA  1 
ATOM   220  C  C   . THR A 1 26  ? -10.970 1.338   -8.299  1.00 23.54  ? 26  THR A C   1 
ATOM   221  O  O   . THR A 1 26  ? -12.024 1.875   -8.629  1.00 31.77  ? 26  THR A O   1 
ATOM   222  C  CB  . THR A 1 26  ? -8.918  2.688   -7.466  1.00 23.98  ? 26  THR A CB  1 
ATOM   223  O  OG1 . THR A 1 26  ? -7.694  3.245   -7.873  1.00 20.56  ? 26  THR A OG1 1 
ATOM   224  C  CG2 . THR A 1 26  ? -8.697  1.909   -6.136  1.00 15.51  ? 26  THR A CG2 1 
ATOM   225  N  N   . ILE A 1 27  ? -10.946 0.229   -7.567  1.00 29.74  ? 27  ILE A N   1 
ATOM   226  C  CA  . ILE A 1 27  ? -12.142 -0.403  -7.041  1.00 21.54  ? 27  ILE A CA  1 
ATOM   227  C  C   . ILE A 1 27  ? -11.832 -1.097  -5.668  1.00 32.64  ? 27  ILE A C   1 
ATOM   228  O  O   . ILE A 1 27  ? -10.700 -1.209  -5.281  1.00 21.87  ? 27  ILE A O   1 
ATOM   229  C  CB  . ILE A 1 27  ? -12.848 -1.273  -8.055  1.00 27.90  ? 27  ILE A CB  1 
ATOM   230  C  CG1 . ILE A 1 27  ? -14.335 -1.296  -7.740  1.00 25.58  ? 27  ILE A CG1 1 
ATOM   231  C  CG2 . ILE A 1 27  ? -12.237 -2.666  -8.020  1.00 19.96  ? 27  ILE A CG2 1 
ATOM   232  C  CD1 . ILE A 1 27  ? -15.041 -2.466  -8.355  1.00 23.84  ? 27  ILE A CD1 1 
ATOM   233  N  N   . GLY A 1 28  ? -12.834 -1.505  -4.895  1.00 26.77  ? 28  GLY A N   1 
ATOM   234  C  CA  . GLY A 1 28  ? -12.653 -2.213  -3.620  1.00 23.09  ? 28  GLY A CA  1 
ATOM   235  C  C   . GLY A 1 28  ? -11.817 -1.502  -2.573  1.00 30.66  ? 28  GLY A C   1 
ATOM   236  O  O   . GLY A 1 28  ? -12.045 -0.340  -2.227  1.00 25.00  ? 28  GLY A O   1 
ATOM   237  N  N   . ILE A 1 29  ? -10.801 -2.224  -2.110  1.00 26.98  ? 29  ILE A N   1 
ATOM   238  C  CA  . ILE A 1 29  ? -9.888  -1.730  -1.112  1.00 14.96  ? 29  ILE A CA  1 
ATOM   239  C  C   . ILE A 1 29  ? -8.510  -1.350  -1.643  1.00 24.52  ? 29  ILE A C   1 
ATOM   240  O  O   . ILE A 1 29  ? -7.501  -2.005  -1.354  1.00 18.73  ? 29  ILE A O   1 
ATOM   241  C  CB  . ILE A 1 29  ? -9.771  -2.674  0.092   1.00 29.99  ? 29  ILE A CB  1 
ATOM   242  C  CG1 . ILE A 1 29  ? -11.122 -2.964  0.705   1.00 18.20  ? 29  ILE A CG1 1 
ATOM   243  C  CG2 . ILE A 1 29  ? -8.848  -2.089  1.158   1.00 26.43  ? 29  ILE A CG2 1 
ATOM   244  C  CD1 . ILE A 1 29  ? -11.223 -4.332  1.338   1.00 22.47  ? 29  ILE A CD1 1 
ATOM   245  N  N   . GLY A 1 30  ? -8.451  -0.247  -2.374  1.00 17.27  ? 30  GLY A N   1 
ATOM   246  C  CA  . GLY A 1 30  ? -7.201  0.237   -2.882  1.00 18.69  ? 30  GLY A CA  1 
ATOM   247  C  C   . GLY A 1 30  ? -6.656  -0.575  -4.065  1.00 27.05  ? 30  GLY A C   1 
ATOM   248  O  O   . GLY A 1 30  ? -5.462  -0.536  -4.330  1.00 17.82  ? 30  GLY A O   1 
ATOM   249  N  N   . HIS A 1 31  ? -7.530  -1.284  -4.787  1.00 13.94  ? 31  HIS A N   1 
ATOM   250  C  CA  . HIS A 1 31  ? -7.064  -2.081  -5.926  1.00 14.95  ? 31  HIS A CA  1 
ATOM   251  C  C   . HIS A 1 31  ? -6.961  -1.250  -7.221  1.00 26.43  ? 31  HIS A C   1 
ATOM   252  O  O   . HIS A 1 31  ? -7.973  -0.979  -7.868  1.00 36.01  ? 31  HIS A O   1 
ATOM   253  C  CB  . HIS A 1 31  ? -7.995  -3.308  -6.143  1.00 13.65  ? 31  HIS A CB  1 
ATOM   254  C  CG  . HIS A 1 31  ? -7.467  -4.213  -7.242  1.00 27.15  ? 31  HIS A CG  1 
ATOM   255  N  ND1 . HIS A 1 31  ? -6.329  -5.000  -7.069  1.00 29.13  ? 31  HIS A ND1 1 
ATOM   256  C  CD2 . HIS A 1 31  ? -7.896  -4.415  -8.520  1.00 34.51  ? 31  HIS A CD2 1 
ATOM   257  C  CE1 . HIS A 1 31  ? -6.077  -5.620  -8.203  1.00 20.85  ? 31  HIS A CE1 1 
ATOM   258  N  NE2 . HIS A 1 31  ? -7.027  -5.329  -9.101  1.00 17.94  ? 31  HIS A NE2 1 
ATOM   259  N  N   . LEU A 1 32  ? -5.750  -0.862  -7.615  1.00 27.58  ? 32  LEU A N   1 
ATOM   260  C  CA  . LEU A 1 32  ? -5.565  -0.103  -8.835  1.00 23.80  ? 32  LEU A CA  1 
ATOM   261  C  C   . LEU A 1 32  ? -6.028  -0.906  -10.034 1.00 29.71  ? 32  LEU A C   1 
ATOM   262  O  O   . LEU A 1 32  ? -5.696  -2.077  -10.196 1.00 26.03  ? 32  LEU A O   1 
ATOM   263  C  CB  . LEU A 1 32  ? -4.102  0.238   -9.032  1.00 31.31  ? 32  LEU A CB  1 
ATOM   264  C  CG  . LEU A 1 32  ? -3.859  0.950   -10.363 1.00 41.62  ? 32  LEU A CG  1 
ATOM   265  C  CD1 . LEU A 1 32  ? -4.877  2.063   -10.507 1.00 45.71  ? 32  LEU A CD1 1 
ATOM   266  C  CD2 . LEU A 1 32  ? -2.466  1.558   -10.380 1.00 27.75  ? 32  LEU A CD2 1 
ATOM   267  N  N   . LEU A 1 33  ? -6.869  -0.346  -10.857 1.00 29.20  ? 33  LEU A N   1 
ATOM   268  C  CA  . LEU A 1 33  ? -7.295  -1.139  -11.970 1.00 25.82  ? 33  LEU A CA  1 
ATOM   269  C  C   . LEU A 1 33  ? -6.384  -0.826  -13.156 1.00 35.41  ? 33  LEU A C   1 
ATOM   270  O  O   . LEU A 1 33  ? -5.868  -1.721  -13.812 1.00 29.84  ? 33  LEU A O   1 
ATOM   271  C  CB  . LEU A 1 33  ? -8.784  -0.916  -12.340 1.00 17.42  ? 33  LEU A CB  1 
ATOM   272  C  CG  . LEU A 1 33  ? -9.792  -1.587  -11.451 1.00 24.44  ? 33  LEU A CG  1 
ATOM   273  C  CD1 . LEU A 1 33  ? -11.129 -0.961  -11.807 1.00 31.85  ? 33  LEU A CD1 1 
ATOM   274  C  CD2 . LEU A 1 33  ? -9.862  -3.081  -11.801 1.00 23.84  ? 33  LEU A CD2 1 
ATOM   275  N  N   . THR A 1 34  ? -6.211  0.473   -13.420 1.00 32.77  ? 34  THR A N   1 
ATOM   276  C  CA  . THR A 1 34  ? -5.417  0.960   -14.530 1.00 32.46  ? 34  THR A CA  1 
ATOM   277  C  C   . THR A 1 34  ? -5.080  2.420   -14.456 1.00 48.60  ? 34  THR A C   1 
ATOM   278  O  O   . THR A 1 34  ? -5.843  3.191   -13.878 1.00 36.91  ? 34  THR A O   1 
ATOM   279  C  CB  . THR A 1 34  ? -6.166  0.775   -15.888 1.00 40.60  ? 34  THR A CB  1 
ATOM   280  O  OG1 . THR A 1 34  ? -5.426  1.403   -16.909 1.00 58.30  ? 34  THR A OG1 1 
ATOM   281  C  CG2 . THR A 1 34  ? -7.594  1.317   -15.904 1.00 37.67  ? 34  THR A CG2 1 
ATOM   282  N  N   . LYS A 1 35  ? -3.980  2.791   -15.137 1.00 27.83  ? 35  LYS A N   1 
ATOM   283  C  CA  . LYS A 1 35  ? -3.587  4.183   -15.239 1.00 69.78  ? 35  LYS A CA  1 
ATOM   284  C  C   . LYS A 1 35  ? -4.068  4.862   -16.521 1.00 29.55  ? 35  LYS A C   1 
ATOM   285  O  O   . LYS A 1 35  ? -3.846  6.049   -16.734 1.00 84.99  ? 35  LYS A O   1 
ATOM   286  C  CB  . LYS A 1 35  ? -2.117  4.401   -15.044 1.00 31.42  ? 35  LYS A CB  1 
ATOM   287  C  CG  . LYS A 1 35  ? -1.517  3.411   -14.062 1.00 54.05  ? 35  LYS A CG  1 
ATOM   288  C  CD  . LYS A 1 35  ? -0.045  3.685   -13.801 1.00 31.29  ? 35  LYS A CD  1 
ATOM   289  C  CE  . LYS A 1 35  ? 0.266   3.861   -12.335 1.00 57.98  ? 35  LYS A CE  1 
ATOM   290  N  NZ  . LYS A 1 35  ? 1.464   3.120   -11.905 1.00 69.25  ? 35  LYS A NZ  1 
ATOM   291  N  N   . SER A 1 36  ? -4.771  4.101   -17.334 1.00 54.84  ? 36  SER A N   1 
ATOM   292  C  CA  . SER A 1 36  ? -5.331  4.606   -18.569 1.00 42.09  ? 36  SER A CA  1 
ATOM   293  C  C   . SER A 1 36  ? -6.571  5.415   -18.272 1.00 100.00 ? 36  SER A C   1 
ATOM   294  O  O   . SER A 1 36  ? -7.316  5.092   -17.333 1.00 35.56  ? 36  SER A O   1 
ATOM   295  C  CB  . SER A 1 36  ? -5.579  3.518   -19.615 1.00 51.77  ? 36  SER A CB  1 
ATOM   296  O  OG  . SER A 1 36  ? -6.851  3.653   -20.234 1.00 75.74  ? 36  SER A OG  1 
ATOM   297  N  N   . PRO A 1 37  ? -6.757  6.476   -19.066 1.00 44.44  ? 37  PRO A N   1 
ATOM   298  C  CA  . PRO A 1 37  ? -7.862  7.377   -18.885 1.00 34.23  ? 37  PRO A CA  1 
ATOM   299  C  C   . PRO A 1 37  ? -9.180  6.795   -19.346 1.00 40.96  ? 37  PRO A C   1 
ATOM   300  O  O   . PRO A 1 37  ? -10.209 7.460   -19.398 1.00 55.46  ? 37  PRO A O   1 
ATOM   301  C  CB  . PRO A 1 37  ? -7.495  8.633   -19.647 1.00 48.66  ? 37  PRO A CB  1 
ATOM   302  C  CG  . PRO A 1 37  ? -6.008  8.551   -19.961 1.00 82.53  ? 37  PRO A CG  1 
ATOM   303  C  CD  . PRO A 1 37  ? -5.613  7.110   -19.771 1.00 53.31  ? 37  PRO A CD  1 
ATOM   304  N  N   . SER A 1 38  ? -9.218  5.510   -19.612 1.00 41.39  ? 38  SER A N   1 
ATOM   305  C  CA  . SER A 1 38  ? -10.495 5.049   -20.064 1.00 40.72  ? 38  SER A CA  1 
ATOM   306  C  C   . SER A 1 38  ? -11.283 4.275   -19.079 1.00 36.24  ? 38  SER A C   1 
ATOM   307  O  O   . SER A 1 38  ? -10.848 3.197   -18.730 1.00 34.27  ? 38  SER A O   1 
ATOM   308  C  CB  . SER A 1 38  ? -10.448 4.320   -21.399 1.00 31.27  ? 38  SER A CB  1 
ATOM   309  O  OG  . SER A 1 38  ? -11.647 3.572   -21.563 1.00 72.93  ? 38  SER A OG  1 
ATOM   310  N  N   . LEU A 1 39  ? -12.479 4.794   -18.752 1.00 27.60  ? 39  LEU A N   1 
ATOM   311  C  CA  . LEU A 1 39  ? -13.402 4.102   -17.884 1.00 36.44  ? 39  LEU A CA  1 
ATOM   312  C  C   . LEU A 1 39  ? -13.660 2.736   -18.470 1.00 47.41  ? 39  LEU A C   1 
ATOM   313  O  O   . LEU A 1 39  ? -14.113 1.823   -17.794 1.00 48.34  ? 39  LEU A O   1 
ATOM   314  C  CB  . LEU A 1 39  ? -14.740 4.859   -17.571 1.00 32.78  ? 39  LEU A CB  1 
ATOM   315  C  CG  . LEU A 1 39  ? -15.686 4.019   -16.690 1.00 51.58  ? 39  LEU A CG  1 
ATOM   316  C  CD1 . LEU A 1 39  ? -14.995 3.646   -15.385 1.00 39.01  ? 39  LEU A CD1 1 
ATOM   317  C  CD2 . LEU A 1 39  ? -16.989 4.741   -16.366 1.00 45.41  ? 39  LEU A CD2 1 
ATOM   318  N  N   . ASN A 1 40  ? -13.414 2.613   -19.766 1.00 33.58  ? 40  ASN A N   1 
ATOM   319  C  CA  . ASN A 1 40  ? -13.643 1.357   -20.462 1.00 36.55  ? 40  ASN A CA  1 
ATOM   320  C  C   . ASN A 1 40  ? -12.456 0.408   -20.408 1.00 32.72  ? 40  ASN A C   1 
ATOM   321  O  O   . ASN A 1 40  ? -12.633 -0.803  -20.368 1.00 38.23  ? 40  ASN A O   1 
ATOM   322  C  CB  . ASN A 1 40  ? -14.302 1.442   -21.854 1.00 50.37  ? 40  ASN A CB  1 
ATOM   323  C  CG  . ASN A 1 40  ? -15.727 1.959   -21.804 1.00 100.00 ? 40  ASN A CG  1 
ATOM   324  O  OD1 . ASN A 1 40  ? -16.700 1.188   -21.813 1.00 76.51  ? 40  ASN A OD1 1 
ATOM   325  N  ND2 . ASN A 1 40  ? -15.864 3.280   -21.779 1.00 100.00 ? 40  ASN A ND2 1 
ATOM   326  N  N   . ALA A 1 41  ? -11.235 0.937   -20.398 1.00 24.96  ? 41  ALA A N   1 
ATOM   327  C  CA  . ALA A 1 41  ? -10.116 0.027   -20.266 1.00 20.33  ? 41  ALA A CA  1 
ATOM   328  C  C   . ALA A 1 41  ? -10.283 -0.568  -18.871 1.00 82.08  ? 41  ALA A C   1 
ATOM   329  O  O   . ALA A 1 41  ? -10.164 -1.755  -18.697 1.00 36.72  ? 41  ALA A O   1 
ATOM   330  C  CB  . ALA A 1 41  ? -8.796  0.796   -20.308 1.00 24.32  ? 41  ALA A CB  1 
ATOM   331  N  N   . ALA A 1 42  ? -10.647 0.294   -17.894 1.00 35.26  ? 42  ALA A N   1 
ATOM   332  C  CA  . ALA A 1 42  ? -10.906 -0.054  -16.493 1.00 29.84  ? 42  ALA A CA  1 
ATOM   333  C  C   . ALA A 1 42  ? -12.041 -1.083  -16.320 1.00 31.01  ? 42  ALA A C   1 
ATOM   334  O  O   . ALA A 1 42  ? -11.906 -2.059  -15.574 1.00 46.26  ? 42  ALA A O   1 
ATOM   335  C  CB  . ALA A 1 42  ? -11.163 1.204   -15.666 1.00 36.59  ? 42  ALA A CB  1 
ATOM   336  N  N   . LYS A 1 43  ? -13.170 -0.911  -17.000 1.00 31.47  ? 43  LYS A N   1 
ATOM   337  C  CA  . LYS A 1 43  ? -14.204 -1.924  -16.844 1.00 31.02  ? 43  LYS A CA  1 
ATOM   338  C  C   . LYS A 1 43  ? -13.663 -3.235  -17.409 1.00 32.07  ? 43  LYS A C   1 
ATOM   339  O  O   . LYS A 1 43  ? -14.027 -4.315  -17.033 1.00 29.97  ? 43  LYS A O   1 
ATOM   340  C  CB  . LYS A 1 43  ? -15.540 -1.564  -17.476 1.00 23.62  ? 43  LYS A CB  1 
ATOM   341  C  CG  . LYS A 1 43  ? -16.288 -0.439  -16.785 1.00 41.27  ? 43  LYS A CG  1 
ATOM   342  C  CD  . LYS A 1 43  ? -17.523 -0.009  -17.556 1.00 46.46  ? 43  LYS A CD  1 
ATOM   343  C  CE  . LYS A 1 43  ? -18.692 0.450   -16.693 1.00 100.00 ? 43  LYS A CE  1 
ATOM   344  N  NZ  . LYS A 1 43  ? -20.008 0.041   -17.220 1.00 88.96  ? 43  LYS A NZ  1 
ATOM   345  N  N   . SER A 1 44  ? -12.718 -3.143  -18.303 1.00 33.99  ? 44  SER A N   1 
ATOM   346  C  CA  . SER A 1 44  ? -12.197 -4.350  -18.912 1.00 43.79  ? 44  SER A CA  1 
ATOM   347  C  C   . SER A 1 44  ? -11.280 -5.103  -17.949 1.00 37.02  ? 44  SER A C   1 
ATOM   348  O  O   . SER A 1 44  ? -11.449 -6.314  -17.742 1.00 32.32  ? 44  SER A O   1 
ATOM   349  C  CB  . SER A 1 44  ? -11.609 -4.013  -20.294 1.00 40.28  ? 44  SER A CB  1 
ATOM   350  O  OG  . SER A 1 44  ? -11.093 -5.124  -20.970 1.00 45.46  ? 44  SER A OG  1 
ATOM   351  N  N   . GLU A 1 45  ? -10.349 -4.340  -17.331 1.00 33.44  ? 45  GLU A N   1 
ATOM   352  C  CA  . GLU A 1 45  ? -9.426  -4.811  -16.327 1.00 30.55  ? 45  GLU A CA  1 
ATOM   353  C  C   . GLU A 1 45  ? -10.213 -5.380  -15.151 1.00 38.52  ? 45  GLU A C   1 
ATOM   354  O  O   . GLU A 1 45  ? -9.939  -6.475  -14.662 1.00 40.57  ? 45  GLU A O   1 
ATOM   355  C  CB  . GLU A 1 45  ? -8.545  -3.664  -15.870 1.00 19.42  ? 45  GLU A CB  1 
ATOM   356  C  CG  . GLU A 1 45  ? -7.409  -3.414  -16.871 1.00 25.07  ? 45  GLU A CG  1 
ATOM   357  C  CD  . GLU A 1 45  ? -6.607  -4.630  -17.254 1.00 37.27  ? 45  GLU A CD  1 
ATOM   358  O  OE1 . GLU A 1 45  ? -6.142  -5.400  -16.450 1.00 48.23  ? 45  GLU A OE1 1 
ATOM   359  O  OE2 . GLU A 1 45  ? -6.376  -4.745  -18.542 1.00 55.14  ? 45  GLU A OE2 1 
ATOM   360  N  N   . LEU A 1 46  ? -11.249 -4.656  -14.740 1.00 26.92  ? 46  LEU A N   1 
ATOM   361  C  CA  . LEU A 1 46  ? -12.067 -5.152  -13.652 1.00 40.68  ? 46  LEU A CA  1 
ATOM   362  C  C   . LEU A 1 46  ? -12.642 -6.530  -13.941 1.00 39.39  ? 46  LEU A C   1 
ATOM   363  O  O   . LEU A 1 46  ? -12.588 -7.455  -13.133 1.00 40.60  ? 46  LEU A O   1 
ATOM   364  C  CB  . LEU A 1 46  ? -13.203 -4.191  -13.252 1.00 33.32  ? 46  LEU A CB  1 
ATOM   365  C  CG  . LEU A 1 46  ? -13.992 -4.685  -12.048 1.00 52.64  ? 46  LEU A CG  1 
ATOM   366  C  CD1 . LEU A 1 46  ? -13.063 -4.733  -10.830 1.00 23.79  ? 46  LEU A CD1 1 
ATOM   367  C  CD2 . LEU A 1 46  ? -15.149 -3.728  -11.782 1.00 34.63  ? 46  LEU A CD2 1 
ATOM   368  N  N   . ASP A 1 47  ? -13.234 -6.687  -15.110 1.00 47.45  ? 47  ASP A N   1 
ATOM   369  C  CA  . ASP A 1 47  ? -13.876 -7.954  -15.428 1.00 24.38  ? 47  ASP A CA  1 
ATOM   370  C  C   . ASP A 1 47  ? -12.955 -9.145  -15.463 1.00 19.96  ? 47  ASP A C   1 
ATOM   371  O  O   . ASP A 1 47  ? -13.357 -10.252 -15.095 1.00 30.58  ? 47  ASP A O   1 
ATOM   372  C  CB  . ASP A 1 47  ? -14.724 -7.880  -16.711 1.00 40.75  ? 47  ASP A CB  1 
ATOM   373  C  CG  . ASP A 1 47  ? -16.027 -7.143  -16.546 1.00 52.55  ? 47  ASP A CG  1 
ATOM   374  O  OD1 . ASP A 1 47  ? -16.535 -6.824  -15.481 1.00 48.85  ? 47  ASP A OD1 1 
ATOM   375  O  OD2 . ASP A 1 47  ? -16.570 -6.889  -17.693 1.00 39.22  ? 47  ASP A OD2 1 
ATOM   376  N  N   . LYS A 1 48  ? -11.761 -8.898  -15.972 1.00 27.07  ? 48  LYS A N   1 
ATOM   377  C  CA  . LYS A 1 48  ? -10.700 -9.881  -16.089 1.00 22.86  ? 48  LYS A CA  1 
ATOM   378  C  C   . LYS A 1 48  ? -10.197 -10.240 -14.652 1.00 27.66  ? 48  LYS A C   1 
ATOM   379  O  O   . LYS A 1 48  ? -9.971  -11.389 -14.260 1.00 24.93  ? 48  LYS A O   1 
ATOM   380  C  CB  . LYS A 1 48  ? -9.615  -9.212  -16.921 1.00 27.62  ? 48  LYS A CB  1 
ATOM   381  C  CG  . LYS A 1 48  ? -8.220  -9.707  -16.655 1.00 44.94  ? 48  LYS A CG  1 
ATOM   382  C  CD  . LYS A 1 48  ? -7.324  -9.521  -17.847 1.00 19.65  ? 48  LYS A CD  1 
ATOM   383  C  CE  . LYS A 1 48  ? -6.848  -8.102  -17.910 1.00 22.63  ? 48  LYS A CE  1 
ATOM   384  N  NZ  . LYS A 1 48  ? -5.636  -7.928  -17.158 1.00 24.03  ? 48  LYS A NZ  1 
ATOM   385  N  N   . ALA A 1 49  ? -10.084 -9.217  -13.816 1.00 40.06  ? 49  ALA A N   1 
ATOM   386  C  CA  . ALA A 1 49  ? -9.687  -9.435  -12.444 1.00 25.61  ? 49  ALA A CA  1 
ATOM   387  C  C   . ALA A 1 49  ? -10.707 -10.310 -11.644 1.00 33.07  ? 49  ALA A C   1 
ATOM   388  O  O   . ALA A 1 49  ? -10.310 -11.161 -10.906 1.00 23.46  ? 49  ALA A O   1 
ATOM   389  C  CB  . ALA A 1 49  ? -9.450  -8.109  -11.767 1.00 23.18  ? 49  ALA A CB  1 
ATOM   390  N  N   . ILE A 1 50  ? -12.018 -10.143 -11.842 1.00 17.53  ? 50  ILE A N   1 
ATOM   391  C  CA  . ILE A 1 50  ? -13.117 -10.794 -11.117 1.00 26.28  ? 50  ILE A CA  1 
ATOM   392  C  C   . ILE A 1 50  ? -13.595 -12.078 -11.761 1.00 32.71  ? 50  ILE A C   1 
ATOM   393  O  O   . ILE A 1 50  ? -14.194 -12.963 -11.142 1.00 46.51  ? 50  ILE A O   1 
ATOM   394  C  CB  . ILE A 1 50  ? -14.318 -9.806  -11.004 1.00 36.66  ? 50  ILE A CB  1 
ATOM   395  C  CG1 . ILE A 1 50  ? -13.944 -8.547  -10.225 1.00 30.37  ? 50  ILE A CG1 1 
ATOM   396  C  CG2 . ILE A 1 50  ? -15.552 -10.465 -10.400 1.00 27.05  ? 50  ILE A CG2 1 
ATOM   397  C  CD1 . ILE A 1 50  ? -13.429 -8.899  -8.806  1.00 27.71  ? 50  ILE A CD1 1 
ATOM   398  N  N   . GLY A 1 51  ? -13.380 -12.163 -13.034 1.00 28.35  ? 51  GLY A N   1 
ATOM   399  C  CA  . GLY A 1 51  ? -13.799 -13.359 -13.715 1.00 49.60  ? 51  GLY A CA  1 
ATOM   400  C  C   . GLY A 1 51  ? -15.264 -13.329 -14.121 1.00 27.15  ? 51  GLY A C   1 
ATOM   401  O  O   . GLY A 1 51  ? -15.886 -14.362 -14.336 1.00 46.22  ? 51  GLY A O   1 
ATOM   402  N  N   . ARG A 1 52  ? -15.824 -12.128 -14.230 1.00 53.30  ? 52  ARG A N   1 
ATOM   403  C  CA  . ARG A 1 52  ? -17.203 -11.999 -14.654 1.00 28.23  ? 52  ARG A CA  1 
ATOM   404  C  C   . ARG A 1 52  ? -17.405 -10.632 -15.239 1.00 38.28  ? 52  ARG A C   1 
ATOM   405  O  O   . ARG A 1 52  ? -16.515 -9.793  -15.153 1.00 45.32  ? 52  ARG A O   1 
ATOM   406  C  CB  . ARG A 1 52  ? -18.237 -12.343 -13.575 1.00 42.46  ? 52  ARG A CB  1 
ATOM   407  C  CG  . ARG A 1 52  ? -18.279 -11.411 -12.365 1.00 49.23  ? 52  ARG A CG  1 
ATOM   408  C  CD  . ARG A 1 52  ? -19.424 -11.767 -11.419 1.00 42.66  ? 52  ARG A CD  1 
ATOM   409  N  NE  . ARG A 1 52  ? -19.674 -10.783 -10.364 1.00 54.29  ? 52  ARG A NE  1 
ATOM   410  C  CZ  . ARG A 1 52  ? -20.005 -9.514  -10.571 1.00 50.80  ? 52  ARG A CZ  1 
ATOM   411  N  NH1 . ARG A 1 52  ? -20.126 -8.998  -11.787 1.00 83.05  ? 52  ARG A NH1 1 
ATOM   412  N  NH2 . ARG A 1 52  ? -20.202 -8.733  -9.525  1.00 45.01  ? 52  ARG A NH2 1 
ATOM   413  N  N   . ASN A 1 53  ? -18.559 -10.444 -15.847 1.00 36.68  ? 53  ASN A N   1 
ATOM   414  C  CA  . ASN A 1 53  ? -18.943 -9.190  -16.452 1.00 55.34  ? 53  ASN A CA  1 
ATOM   415  C  C   . ASN A 1 53  ? -19.606 -8.382  -15.361 1.00 25.51  ? 53  ASN A C   1 
ATOM   416  O  O   . ASN A 1 53  ? -20.729 -8.640  -14.964 1.00 52.83  ? 53  ASN A O   1 
ATOM   417  C  CB  . ASN A 1 53  ? -19.913 -9.432  -17.630 1.00 40.39  ? 53  ASN A CB  1 
ATOM   418  C  CG  . ASN A 1 53  ? -19.848 -8.317  -18.661 1.00 100.00 ? 53  ASN A CG  1 
ATOM   419  O  OD1 . ASN A 1 53  ? -19.362 -8.533  -19.772 1.00 100.00 ? 53  ASN A OD1 1 
ATOM   420  N  ND2 . ASN A 1 53  ? -20.324 -7.116  -18.302 1.00 75.47  ? 53  ASN A ND2 1 
ATOM   421  N  N   . THR A 1 54  ? -18.892 -7.433  -14.825 1.00 36.45  ? 54  THR A N   1 
ATOM   422  C  CA  . THR A 1 54  ? -19.415 -6.698  -13.700 1.00 53.81  ? 54  THR A CA  1 
ATOM   423  C  C   . THR A 1 54  ? -20.145 -5.422  -13.969 1.00 61.69  ? 54  THR A C   1 
ATOM   424  O  O   . THR A 1 54  ? -20.920 -4.980  -13.129 1.00 96.75  ? 54  THR A O   1 
ATOM   425  C  CB  . THR A 1 54  ? -18.273 -6.348  -12.758 1.00 36.36  ? 54  THR A CB  1 
ATOM   426  O  OG1 . THR A 1 54  ? -17.289 -5.522  -13.417 1.00 32.07  ? 54  THR A OG1 1 
ATOM   427  C  CG2 . THR A 1 54  ? -17.719 -7.662  -12.254 1.00 37.37  ? 54  THR A CG2 1 
ATOM   428  N  N   . ASN A 1 55  ? -19.803 -4.770  -15.052 1.00 48.22  ? 55  ASN A N   1 
ATOM   429  C  CA  . ASN A 1 55  ? -20.416 -3.514  -15.282 1.00 100.00 ? 55  ASN A CA  1 
ATOM   430  C  C   . ASN A 1 55  ? -19.920 -2.507  -14.246 1.00 41.40  ? 55  ASN A C   1 
ATOM   431  O  O   . ASN A 1 55  ? -20.673 -1.636  -13.808 1.00 100.00 ? 55  ASN A O   1 
ATOM   432  C  CB  . ASN A 1 55  ? -21.957 -3.637  -15.348 1.00 52.15  ? 55  ASN A CB  1 
ATOM   433  C  CG  . ASN A 1 55  ? -22.607 -2.446  -16.028 1.00 86.97  ? 55  ASN A CG  1 
ATOM   434  O  OD1 . ASN A 1 55  ? -22.111 -1.945  -17.048 1.00 47.95  ? 55  ASN A OD1 1 
ATOM   435  N  ND2 . ASN A 1 55  ? -23.689 -1.964  -15.433 1.00 70.62  ? 55  ASN A ND2 1 
ATOM   436  N  N   . GLY A 1 56  ? -18.630 -2.603  -13.882 1.00 42.40  ? 56  GLY A N   1 
ATOM   437  C  CA  . GLY A 1 56  ? -18.000 -1.648  -12.972 1.00 30.73  ? 56  GLY A CA  1 
ATOM   438  C  C   . GLY A 1 56  ? -18.485 -1.698  -11.541 1.00 21.46  ? 56  GLY A C   1 
ATOM   439  O  O   . GLY A 1 56  ? -18.234 -0.791  -10.762 1.00 37.42  ? 56  GLY A O   1 
ATOM   440  N  N   . VAL A 1 57  ? -19.165 -2.784  -11.196 1.00 33.82  ? 57  VAL A N   1 
ATOM   441  C  CA  . VAL A 1 57  ? -19.649 -2.919  -9.839  1.00 30.09  ? 57  VAL A CA  1 
ATOM   442  C  C   . VAL A 1 57  ? -19.359 -4.321  -9.220  1.00 52.67  ? 57  VAL A C   1 
ATOM   443  O  O   . VAL A 1 57  ? -19.563 -5.364  -9.801  1.00 36.83  ? 57  VAL A O   1 
ATOM   444  C  CB  . VAL A 1 57  ? -21.100 -2.479  -9.741  1.00 30.08  ? 57  VAL A CB  1 
ATOM   445  C  CG1 . VAL A 1 57  ? -21.716 -2.961  -8.445  1.00 36.61  ? 57  VAL A CG1 1 
ATOM   446  C  CG2 . VAL A 1 57  ? -21.096 -0.986  -9.702  1.00 41.15  ? 57  VAL A CG2 1 
ATOM   447  N  N   . ILE A 1 58  ? -18.830 -4.365  -8.017  1.00 47.46  ? 58  ILE A N   1 
ATOM   448  C  CA  . ILE A 1 58  ? -18.511 -5.643  -7.395  1.00 38.00  ? 58  ILE A CA  1 
ATOM   449  C  C   . ILE A 1 58  ? -19.130 -5.705  -5.984  1.00 34.06  ? 58  ILE A C   1 
ATOM   450  O  O   . ILE A 1 58  ? -19.536 -4.691  -5.433  1.00 47.05  ? 58  ILE A O   1 
ATOM   451  C  CB  . ILE A 1 58  ? -16.972 -5.854  -7.289  1.00 43.20  ? 58  ILE A CB  1 
ATOM   452  C  CG1 . ILE A 1 58  ? -16.336 -4.734  -6.473  1.00 29.57  ? 58  ILE A CG1 1 
ATOM   453  C  CG2 . ILE A 1 58  ? -16.252 -5.920  -8.638  1.00 25.19  ? 58  ILE A CG2 1 
ATOM   454  C  CD1 . ILE A 1 58  ? -15.023 -5.129  -5.788  1.00 29.91  ? 58  ILE A CD1 1 
ATOM   455  N  N   . THR A 1 59  ? -19.178 -6.906  -5.395  1.00 33.99  ? 59  THR A N   1 
ATOM   456  C  CA  . THR A 1 59  ? -19.669 -7.118  -4.035  1.00 23.48  ? 59  THR A CA  1 
ATOM   457  C  C   . THR A 1 59  ? -18.503 -7.063  -3.015  1.00 32.21  ? 59  THR A C   1 
ATOM   458  O  O   . THR A 1 59  ? -17.325 -7.129  -3.417  1.00 27.60  ? 59  THR A O   1 
ATOM   459  C  CB  . THR A 1 59  ? -20.364 -8.510  -3.998  1.00 47.84  ? 59  THR A CB  1 
ATOM   460  O  OG1 . THR A 1 59  ? -19.451 -9.572  -4.180  1.00 33.30  ? 59  THR A OG1 1 
ATOM   461  C  CG2 . THR A 1 59  ? -21.359 -8.612  -5.124  1.00 38.68  ? 59  THR A CG2 1 
ATOM   462  N  N   . LYS A 1 60  ? -18.828 -6.960  -1.701  1.00 48.31  ? 60  LYS A N   1 
ATOM   463  C  CA  . LYS A 1 60  ? -17.865 -6.926  -0.577  1.00 31.32  ? 60  LYS A CA  1 
ATOM   464  C  C   . LYS A 1 60  ? -16.885 -8.076  -0.627  1.00 33.49  ? 60  LYS A C   1 
ATOM   465  O  O   . LYS A 1 60  ? -15.655 -7.925  -0.478  1.00 30.12  ? 60  LYS A O   1 
ATOM   466  C  CB  . LYS A 1 60  ? -18.575 -6.972  0.761   1.00 37.80  ? 60  LYS A CB  1 
ATOM   467  C  CG  . LYS A 1 60  ? -17.663 -6.777  1.977   1.00 59.91  ? 60  LYS A CG  1 
ATOM   468  C  CD  . LYS A 1 60  ? -18.013 -5.530  2.775   1.00 49.12  ? 60  LYS A CD  1 
ATOM   469  C  CE  . LYS A 1 60  ? -17.746 -5.676  4.271   1.00 100.00 ? 60  LYS A CE  1 
ATOM   470  N  NZ  . LYS A 1 60  ? -17.530 -4.388  4.963   1.00 96.92  ? 60  LYS A NZ  1 
ATOM   471  N  N   . ASP A 1 61  ? -17.492 -9.240  -0.877  1.00 28.14  ? 61  ASP A N   1 
ATOM   472  C  CA  . ASP A 1 61  ? -16.780 -10.482 -1.018  1.00 27.28  ? 61  ASP A CA  1 
ATOM   473  C  C   . ASP A 1 61  ? -15.715 -10.404 -2.117  1.00 53.24  ? 61  ASP A C   1 
ATOM   474  O  O   . ASP A 1 61  ? -14.565 -10.752 -1.871  1.00 25.79  ? 61  ASP A O   1 
ATOM   475  C  CB  . ASP A 1 61  ? -17.737 -11.682 -1.191  1.00 27.75  ? 61  ASP A CB  1 
ATOM   476  C  CG  . ASP A 1 61  ? -18.424 -12.025 0.101   1.00 100.00 ? 61  ASP A CG  1 
ATOM   477  O  OD1 . ASP A 1 61  ? -17.974 -11.324 1.120   1.00 100.00 ? 61  ASP A OD1 1 
ATOM   478  O  OD2 . ASP A 1 61  ? -19.301 -12.868 0.193   1.00 90.71  ? 61  ASP A OD2 1 
ATOM   479  N  N   . GLU A 1 62  ? -16.093 -9.941  -3.321  1.00 25.95  ? 62  GLU A N   1 
ATOM   480  C  CA  . GLU A 1 62  ? -15.139 -9.809  -4.436  1.00 23.01  ? 62  GLU A CA  1 
ATOM   481  C  C   . GLU A 1 62  ? -13.989 -8.885  -4.091  1.00 17.87  ? 62  GLU A C   1 
ATOM   482  O  O   . GLU A 1 62  ? -12.834 -9.155  -4.384  1.00 33.13  ? 62  GLU A O   1 
ATOM   483  C  CB  . GLU A 1 62  ? -15.869 -9.292  -5.661  1.00 21.54  ? 62  GLU A CB  1 
ATOM   484  C  CG  . GLU A 1 62  ? -16.869 -10.384 -6.075  1.00 28.53  ? 62  GLU A CG  1 
ATOM   485  C  CD  . GLU A 1 62  ? -17.710 -9.980  -7.241  1.00 44.65  ? 62  GLU A CD  1 
ATOM   486  O  OE1 . GLU A 1 62  ? -18.028 -8.831  -7.477  1.00 37.82  ? 62  GLU A OE1 1 
ATOM   487  O  OE2 . GLU A 1 62  ? -18.029 -11.005 -7.970  1.00 30.97  ? 62  GLU A OE2 1 
ATOM   488  N  N   . ALA A 1 63  ? -14.348 -7.792  -3.406  1.00 23.72  ? 63  ALA A N   1 
ATOM   489  C  CA  . ALA A 1 63  ? -13.428 -6.764  -2.966  1.00 34.22  ? 63  ALA A CA  1 
ATOM   490  C  C   . ALA A 1 63  ? -12.430 -7.290  -1.975  1.00 33.01  ? 63  ALA A C   1 
ATOM   491  O  O   . ALA A 1 63  ? -11.257 -6.874  -1.957  1.00 18.73  ? 63  ALA A O   1 
ATOM   492  C  CB  . ALA A 1 63  ? -14.206 -5.632  -2.322  1.00 21.06  ? 63  ALA A CB  1 
ATOM   493  N  N   . GLU A 1 64  ? -12.940 -8.180  -1.117  1.00 26.11  ? 64  GLU A N   1 
ATOM   494  C  CA  . GLU A 1 64  ? -12.109 -8.773  -0.102  1.00 21.60  ? 64  GLU A CA  1 
ATOM   495  C  C   . GLU A 1 64  ? -11.206 -9.787  -0.704  1.00 17.51  ? 64  GLU A C   1 
ATOM   496  O  O   . GLU A 1 64  ? -10.036 -9.937  -0.300  1.00 20.22  ? 64  GLU A O   1 
ATOM   497  C  CB  . GLU A 1 64  ? -12.918 -9.309  1.060   1.00 31.30  ? 64  GLU A CB  1 
ATOM   498  C  CG  . GLU A 1 64  ? -13.096 -8.199  2.101   1.00 37.62  ? 64  GLU A CG  1 
ATOM   499  C  CD  . GLU A 1 64  ? -14.275 -8.481  2.931   1.00 47.60  ? 64  GLU A CD  1 
ATOM   500  O  OE1 . GLU A 1 64  ? -14.856 -9.543  2.834   1.00 36.72  ? 64  GLU A OE1 1 
ATOM   501  O  OE2 . GLU A 1 64  ? -14.604 -7.492  3.726   1.00 52.94  ? 64  GLU A OE2 1 
ATOM   502  N  N   . LYS A 1 65  ? -11.730 -10.461 -1.713  1.00 23.25  ? 65  LYS A N   1 
ATOM   503  C  CA  . LYS A 1 65  ? -10.861 -11.378 -2.432  1.00 19.26  ? 65  LYS A CA  1 
ATOM   504  C  C   . LYS A 1 65  ? -9.659  -10.638 -3.080  1.00 31.32  ? 65  LYS A C   1 
ATOM   505  O  O   . LYS A 1 65  ? -8.502  -10.985 -2.866  1.00 26.66  ? 65  LYS A O   1 
ATOM   506  C  CB  . LYS A 1 65  ? -11.630 -12.215 -3.407  1.00 23.88  ? 65  LYS A CB  1 
ATOM   507  C  CG  . LYS A 1 65  ? -10.726 -13.277 -3.990  1.00 34.94  ? 65  LYS A CG  1 
ATOM   508  C  CD  . LYS A 1 65  ? -11.305 -14.670 -3.851  1.00 100.00 ? 65  LYS A CD  1 
ATOM   509  C  CE  . LYS A 1 65  ? -10.368 -15.728 -4.399  1.00 96.96  ? 65  LYS A CE  1 
ATOM   510  N  NZ  . LYS A 1 65  ? -10.955 -16.418 -5.546  1.00 54.88  ? 65  LYS A NZ  1 
ATOM   511  N  N   . LEU A 1 66  ? -9.936  -9.560  -3.814  1.00 22.76  ? 66  LEU A N   1 
ATOM   512  C  CA  . LEU A 1 66  ? -8.904  -8.732  -4.392  1.00 22.25  ? 66  LEU A CA  1 
ATOM   513  C  C   . LEU A 1 66  ? -7.934  -8.287  -3.331  1.00 15.43  ? 66  LEU A C   1 
ATOM   514  O  O   . LEU A 1 66  ? -6.721  -8.387  -3.490  1.00 23.07  ? 66  LEU A O   1 
ATOM   515  C  CB  . LEU A 1 66  ? -9.448  -7.469  -5.137  1.00 18.86  ? 66  LEU A CB  1 
ATOM   516  C  CG  . LEU A 1 66  ? -10.356 -7.816  -6.345  1.00 18.57  ? 66  LEU A CG  1 
ATOM   517  C  CD1 . LEU A 1 66  ? -10.892 -6.574  -7.088  1.00 20.35  ? 66  LEU A CD1 1 
ATOM   518  C  CD2 . LEU A 1 66  ? -9.662  -8.804  -7.301  1.00 18.16  ? 66  LEU A CD2 1 
ATOM   519  N  N   . PHE A 1 67  ? -8.473  -7.761  -2.243  1.00 20.76  ? 67  PHE A N   1 
ATOM   520  C  CA  . PHE A 1 67  ? -7.666  -7.296  -1.138  1.00 18.22  ? 67  PHE A CA  1 
ATOM   521  C  C   . PHE A 1 67  ? -6.676  -8.372  -0.654  1.00 21.30  ? 67  PHE A C   1 
ATOM   522  O  O   . PHE A 1 67  ? -5.475  -8.132  -0.437  1.00 19.91  ? 67  PHE A O   1 
ATOM   523  C  CB  . PHE A 1 67  ? -8.579  -6.906  0.023   1.00 21.16  ? 67  PHE A CB  1 
ATOM   524  C  CG  . PHE A 1 67  ? -7.915  -6.176  1.171   1.00 23.90  ? 67  PHE A CG  1 
ATOM   525  C  CD1 . PHE A 1 67  ? -6.827  -5.324  0.983   1.00 17.65  ? 67  PHE A CD1 1 
ATOM   526  C  CD2 . PHE A 1 67  ? -8.429  -6.303  2.462   1.00 14.11  ? 67  PHE A CD2 1 
ATOM   527  C  CE1 . PHE A 1 67  ? -6.243  -4.607  2.026   1.00 10.52  ? 67  PHE A CE1 1 
ATOM   528  C  CE2 . PHE A 1 67  ? -7.886  -5.571  3.517   1.00 20.16  ? 67  PHE A CE2 1 
ATOM   529  C  CZ  . PHE A 1 67  ? -6.785  -4.738  3.303   1.00 12.52  ? 67  PHE A CZ  1 
ATOM   530  N  N   . ASN A 1 68  ? -7.197  -9.563  -0.432  1.00 15.84  ? 68  ASN A N   1 
ATOM   531  C  CA  . ASN A 1 68  ? -6.369  -10.636 0.049   1.00 14.44  ? 68  ASN A CA  1 
ATOM   532  C  C   . ASN A 1 68  ? -5.245  -10.949 -0.940  1.00 24.56  ? 68  ASN A C   1 
ATOM   533  O  O   . ASN A 1 68  ? -4.103  -11.208 -0.581  1.00 19.02  ? 68  ASN A O   1 
ATOM   534  C  CB  . ASN A 1 68  ? -7.214  -11.911 0.268   1.00 20.00  ? 68  ASN A CB  1 
ATOM   535  C  CG  . ASN A 1 68  ? -7.930  -11.942 1.594   1.00 42.34  ? 68  ASN A CG  1 
ATOM   536  O  OD1 . ASN A 1 68  ? -7.327  -11.582 2.598   1.00 44.51  ? 68  ASN A OD1 1 
ATOM   537  N  ND2 . ASN A 1 68  ? -9.215  -12.379 1.607   1.00 40.19  ? 68  ASN A ND2 1 
ATOM   538  N  N   . GLN A 1 69  ? -5.573  -10.983 -2.220  1.00 19.01  ? 69  GLN A N   1 
ATOM   539  C  CA  . GLN A 1 69  ? -4.547  -11.265 -3.201  1.00 19.93  ? 69  GLN A CA  1 
ATOM   540  C  C   . GLN A 1 69  ? -3.513  -10.161 -3.214  1.00 14.75  ? 69  GLN A C   1 
ATOM   541  O  O   . GLN A 1 69  ? -2.350  -10.388 -3.491  1.00 28.91  ? 69  GLN A O   1 
ATOM   542  C  CB  . GLN A 1 69  ? -5.121  -11.374 -4.626  1.00 14.98  ? 69  GLN A CB  1 
ATOM   543  C  CG  . GLN A 1 69  ? -6.157  -12.493 -4.786  1.00 19.30  ? 69  GLN A CG  1 
ATOM   544  C  CD  . GLN A 1 69  ? -6.892  -12.421 -6.092  1.00 29.42  ? 69  GLN A CD  1 
ATOM   545  O  OE1 . GLN A 1 69  ? -7.671  -13.324 -6.408  1.00 32.99  ? 69  GLN A OE1 1 
ATOM   546  N  NE2 . GLN A 1 69  ? -6.638  -11.347 -6.852  1.00 28.34  ? 69  GLN A NE2 1 
ATOM   547  N  N   . ASP A 1 70  ? -3.948  -8.921  -2.987  1.00 18.25  ? 70  ASP A N   1 
ATOM   548  C  CA  . ASP A 1 70  ? -2.997  -7.809  -3.040  1.00 11.92  ? 70  ASP A CA  1 
ATOM   549  C  C   . ASP A 1 70  ? -2.093  -7.721  -1.827  1.00 25.96  ? 70  ASP A C   1 
ATOM   550  O  O   . ASP A 1 70  ? -0.981  -7.197  -1.929  1.00 14.23  ? 70  ASP A O   1 
ATOM   551  C  CB  . ASP A 1 70  ? -3.622  -6.415  -3.303  1.00 16.87  ? 70  ASP A CB  1 
ATOM   552  C  CG  . ASP A 1 70  ? -4.307  -6.300  -4.602  1.00 27.95  ? 70  ASP A CG  1 
ATOM   553  O  OD1 . ASP A 1 70  ? -4.024  -6.976  -5.573  1.00 26.39  ? 70  ASP A OD1 1 
ATOM   554  O  OD2 . ASP A 1 70  ? -5.249  -5.420  -4.550  1.00 24.41  ? 70  ASP A OD2 1 
ATOM   555  N  N   . VAL A 1 71  ? -2.569  -8.180  -0.661  1.00 19.08  ? 71  VAL A N   1 
ATOM   556  C  CA  . VAL A 1 71  ? -1.692  -8.112  0.509   1.00 24.54  ? 71  VAL A CA  1 
ATOM   557  C  C   . VAL A 1 71  ? -0.665  -9.212  0.310   1.00 20.70  ? 71  VAL A C   1 
ATOM   558  O  O   . VAL A 1 71  ? 0.536   -9.086  0.519   1.00 23.23  ? 71  VAL A O   1 
ATOM   559  C  CB  . VAL A 1 71  ? -2.470  -8.261  1.852   1.00 22.75  ? 71  VAL A CB  1 
ATOM   560  C  CG1 . VAL A 1 71  ? -1.533  -8.316  3.045   1.00 9.83   ? 71  VAL A CG1 1 
ATOM   561  C  CG2 . VAL A 1 71  ? -3.344  -7.052  2.079   1.00 14.17  ? 71  VAL A CG2 1 
ATOM   562  N  N   . ASP A 1 72  ? -1.160  -10.319 -0.187  1.00 18.13  ? 72  ASP A N   1 
ATOM   563  C  CA  . ASP A 1 72  ? -0.303  -11.456 -0.442  1.00 21.83  ? 72  ASP A CA  1 
ATOM   564  C  C   . ASP A 1 72  ? 0.799   -11.109 -1.433  1.00 27.15  ? 72  ASP A C   1 
ATOM   565  O  O   . ASP A 1 72  ? 1.964   -11.324 -1.158  1.00 28.25  ? 72  ASP A O   1 
ATOM   566  C  CB  . ASP A 1 72  ? -1.130  -12.727 -0.771  1.00 16.63  ? 72  ASP A CB  1 
ATOM   567  C  CG  . ASP A 1 72  ? -0.352  -14.010 -0.921  1.00 28.19  ? 72  ASP A CG  1 
ATOM   568  O  OD1 . ASP A 1 72  ? 0.556   -14.218 0.011   1.00 62.51  ? 72  ASP A OD1 1 
ATOM   569  O  OD2 . ASP A 1 72  ? -0.609  -14.790 -1.800  1.00 45.51  ? 72  ASP A OD2 1 
ATOM   570  N  N   . ALA A 1 73  ? 0.427   -10.489 -2.541  1.00 23.18  ? 73  ALA A N   1 
ATOM   571  C  CA  . ALA A 1 73  ? 1.380   -10.061 -3.587  1.00 29.35  ? 73  ALA A CA  1 
ATOM   572  C  C   . ALA A 1 73  ? 2.394   -9.041  -3.110  1.00 14.54  ? 73  ALA A C   1 
ATOM   573  O  O   . ALA A 1 73  ? 3.548   -9.086  -3.573  1.00 22.83  ? 73  ALA A O   1 
ATOM   574  C  CB  . ALA A 1 73  ? 0.666   -9.549  -4.827  1.00 25.40  ? 73  ALA A CB  1 
ATOM   575  N  N   . ALA A 1 74  ? 1.986   -8.108  -2.171  1.00 24.29  ? 74  ALA A N   1 
ATOM   576  C  CA  . ALA A 1 74  ? 2.909   -7.130  -1.562  1.00 46.10  ? 74  ALA A CA  1 
ATOM   577  C  C   . ALA A 1 74  ? 3.982   -7.869  -0.735  1.00 33.60  ? 74  ALA A C   1 
ATOM   578  O  O   . ALA A 1 74  ? 5.179   -7.636  -0.892  1.00 21.04  ? 74  ALA A O   1 
ATOM   579  C  CB  . ALA A 1 74  ? 2.193   -6.107  -0.660  1.00 23.52  ? 74  ALA A CB  1 
ATOM   580  N  N   . VAL A 1 75  ? 3.535   -8.787  0.136   1.00 30.42  ? 75  VAL A N   1 
ATOM   581  C  CA  . VAL A 1 75  ? 4.475   -9.550  0.921   1.00 34.89  ? 75  VAL A CA  1 
ATOM   582  C  C   . VAL A 1 75  ? 5.491   -10.263 0.031   1.00 28.07  ? 75  VAL A C   1 
ATOM   583  O  O   . VAL A 1 75  ? 6.712   -10.120 0.221   1.00 31.44  ? 75  VAL A O   1 
ATOM   584  C  CB  . VAL A 1 75  ? 3.842   -10.498 1.935   1.00 44.04  ? 75  VAL A CB  1 
ATOM   585  C  CG1 . VAL A 1 75  ? 4.956   -11.139 2.774   1.00 23.68  ? 75  VAL A CG1 1 
ATOM   586  C  CG2 . VAL A 1 75  ? 2.982   -9.700  2.892   1.00 27.46  ? 75  VAL A CG2 1 
ATOM   587  N  N   . ARG A 1 76  ? 4.971   -11.003 -0.953  1.00 24.31  ? 76  ARG A N   1 
ATOM   588  C  CA  . ARG A 1 76  ? 5.822   -11.722 -1.871  1.00 26.81  ? 76  ARG A CA  1 
ATOM   589  C  C   . ARG A 1 76  ? 6.745   -10.799 -2.691  1.00 33.19  ? 76  ARG A C   1 
ATOM   590  O  O   . ARG A 1 76  ? 7.924   -11.082 -2.918  1.00 42.54  ? 76  ARG A O   1 
ATOM   591  C  CB  . ARG A 1 76  ? 5.073   -12.814 -2.623  1.00 17.02  ? 76  ARG A CB  1 
ATOM   592  C  CG  . ARG A 1 76  ? 4.634   -13.976 -1.699  1.00 31.80  ? 76  ARG A CG  1 
ATOM   593  C  CD  . ARG A 1 76  ? 3.977   -15.183 -2.400  1.00 100.00 ? 76  ARG A CD  1 
ATOM   594  N  NE  . ARG A 1 76  ? 2.619   -14.927 -2.903  1.00 53.84  ? 76  ARG A NE  1 
ATOM   595  C  CZ  . ARG A 1 76  ? 2.332   -14.121 -3.953  1.00 100.00 ? 76  ARG A CZ  1 
ATOM   596  N  NH1 . ARG A 1 76  ? 3.276   -13.502 -4.637  1.00 100.00 ? 76  ARG A NH1 1 
ATOM   597  N  NH2 . ARG A 1 76  ? 1.075   -13.911 -4.345  1.00 42.17  ? 76  ARG A NH2 1 
ATOM   598  N  N   . GLY A 1 77  ? 6.262   -9.615  -3.063  1.00 27.83  ? 77  GLY A N   1 
ATOM   599  C  CA  . GLY A 1 77  ? 7.136   -8.689  -3.754  1.00 23.54  ? 77  GLY A CA  1 
ATOM   600  C  C   . GLY A 1 77  ? 8.275   -8.238  -2.825  1.00 33.20  ? 77  GLY A C   1 
ATOM   601  O  O   . GLY A 1 77  ? 9.412   -7.963  -3.211  1.00 28.97  ? 77  GLY A O   1 
ATOM   602  N  N   . ILE A 1 78  ? 7.969   -8.113  -1.557  1.00 34.92  ? 78  ILE A N   1 
ATOM   603  C  CA  . ILE A 1 78  ? 9.011   -7.686  -0.641  1.00 26.61  ? 78  ILE A CA  1 
ATOM   604  C  C   . ILE A 1 78  ? 10.060  -8.787  -0.503  1.00 50.15  ? 78  ILE A C   1 
ATOM   605  O  O   . ILE A 1 78  ? 11.255  -8.545  -0.631  1.00 32.21  ? 78  ILE A O   1 
ATOM   606  C  CB  . ILE A 1 78  ? 8.474   -7.304  0.751   1.00 24.09  ? 78  ILE A CB  1 
ATOM   607  C  CG1 . ILE A 1 78  ? 7.794   -5.931  0.723   1.00 30.11  ? 78  ILE A CG1 1 
ATOM   608  C  CG2 . ILE A 1 78  ? 9.612   -7.282  1.786   1.00 19.61  ? 78  ILE A CG2 1 
ATOM   609  C  CD1 . ILE A 1 78  ? 6.811   -5.716  1.881   1.00 22.39  ? 78  ILE A CD1 1 
ATOM   610  N  N   . LEU A 1 79  ? 9.599   -10.009 -0.218  1.00 30.52  ? 79  LEU A N   1 
ATOM   611  C  CA  . LEU A 1 79  ? 10.503  -11.129 -0.009  1.00 20.98  ? 79  LEU A CA  1 
ATOM   612  C  C   . LEU A 1 79  ? 11.393  -11.461 -1.216  1.00 36.67  ? 79  LEU A C   1 
ATOM   613  O  O   . LEU A 1 79  ? 12.483  -11.979 -1.056  1.00 43.91  ? 79  LEU A O   1 
ATOM   614  C  CB  . LEU A 1 79  ? 9.789   -12.361 0.582   1.00 27.42  ? 79  LEU A CB  1 
ATOM   615  C  CG  . LEU A 1 79  ? 9.049   -12.057 1.888   1.00 22.67  ? 79  LEU A CG  1 
ATOM   616  C  CD1 . LEU A 1 79  ? 8.144   -13.232 2.228   1.00 24.92  ? 79  LEU A CD1 1 
ATOM   617  C  CD2 . LEU A 1 79  ? 9.983   -11.811 3.043   1.00 27.54  ? 79  LEU A CD2 1 
ATOM   618  N  N   . ARG A 1 80  ? 10.921  -11.170 -2.427  1.00 27.49  ? 80  ARG A N   1 
ATOM   619  C  CA  . ARG A 1 80  ? 11.651  -11.415 -3.668  1.00 25.39  ? 80  ARG A CA  1 
ATOM   620  C  C   . ARG A 1 80  ? 12.587  -10.271 -4.006  1.00 37.22  ? 80  ARG A C   1 
ATOM   621  O  O   . ARG A 1 80  ? 13.415  -10.336 -4.888  1.00 49.99  ? 80  ARG A O   1 
ATOM   622  C  CB  . ARG A 1 80  ? 10.648  -11.349 -4.802  1.00 32.92  ? 80  ARG A CB  1 
ATOM   623  C  CG  . ARG A 1 80  ? 10.305  -12.655 -5.460  1.00 73.22  ? 80  ARG A CG  1 
ATOM   624  C  CD  . ARG A 1 80  ? 9.571   -12.382 -6.770  1.00 100.00 ? 80  ARG A CD  1 
ATOM   625  N  NE  . ARG A 1 80  ? 8.127   -12.367 -6.603  1.00 100.00 ? 80  ARG A NE  1 
ATOM   626  C  CZ  . ARG A 1 80  ? 7.328   -11.315 -6.807  1.00 100.00 ? 80  ARG A CZ  1 
ATOM   627  N  NH1 . ARG A 1 80  ? 7.773   -10.118 -7.215  1.00 74.13  ? 80  ARG A NH1 1 
ATOM   628  N  NH2 . ARG A 1 80  ? 6.031   -11.493 -6.588  1.00 100.00 ? 80  ARG A NH2 1 
ATOM   629  N  N   . ASN A 1 81  ? 12.380  -9.149  -3.389  1.00 30.89  ? 81  ASN A N   1 
ATOM   630  C  CA  . ASN A 1 81  ? 13.185  -8.040  -3.760  1.00 27.38  ? 81  ASN A CA  1 
ATOM   631  C  C   . ASN A 1 81  ? 14.515  -7.997  -3.007  1.00 58.45  ? 81  ASN A C   1 
ATOM   632  O  O   . ASN A 1 81  ? 14.575  -8.033  -1.794  1.00 32.55  ? 81  ASN A O   1 
ATOM   633  C  CB  . ASN A 1 81  ? 12.341  -6.772  -3.693  1.00 30.44  ? 81  ASN A CB  1 
ATOM   634  C  CG  . ASN A 1 81  ? 13.068  -5.592  -4.276  1.00 40.84  ? 81  ASN A CG  1 
ATOM   635  O  OD1 . ASN A 1 81  ? 14.165  -5.258  -3.842  1.00 36.52  ? 81  ASN A OD1 1 
ATOM   636  N  ND2 . ASN A 1 81  ? 12.484  -4.974  -5.283  1.00 34.27  ? 81  ASN A ND2 1 
ATOM   637  N  N   . ALA A 1 82  ? 15.608  -7.967  -3.741  1.00 28.53  ? 82  ALA A N   1 
ATOM   638  C  CA  . ALA A 1 82  ? 16.932  -7.972  -3.128  1.00 18.80  ? 82  ALA A CA  1 
ATOM   639  C  C   . ALA A 1 82  ? 17.220  -6.755  -2.305  1.00 23.60  ? 82  ALA A C   1 
ATOM   640  O  O   . ALA A 1 82  ? 18.146  -6.743  -1.492  1.00 35.44  ? 82  ALA A O   1 
ATOM   641  C  CB  . ALA A 1 82  ? 17.995  -8.066  -4.223  1.00 27.61  ? 82  ALA A CB  1 
ATOM   642  N  N   . LYS A 1 83  ? 16.475  -5.696  -2.562  1.00 31.64  ? 83  LYS A N   1 
ATOM   643  C  CA  . LYS A 1 83  ? 16.727  -4.493  -1.821  1.00 26.80  ? 83  LYS A CA  1 
ATOM   644  C  C   . LYS A 1 83  ? 15.884  -4.410  -0.579  1.00 47.46  ? 83  LYS A C   1 
ATOM   645  O  O   . LYS A 1 83  ? 16.333  -3.995  0.468   1.00 34.00  ? 83  LYS A O   1 
ATOM   646  C  CB  . LYS A 1 83  ? 16.566  -3.253  -2.671  1.00 45.78  ? 83  LYS A CB  1 
ATOM   647  C  CG  . LYS A 1 83  ? 17.913  -2.725  -3.072  1.00 61.85  ? 83  LYS A CG  1 
ATOM   648  C  CD  . LYS A 1 83  ? 18.340  -3.274  -4.422  1.00 100.00 ? 83  LYS A CD  1 
ATOM   649  C  CE  . LYS A 1 83  ? 18.310  -2.200  -5.494  1.00 100.00 ? 83  LYS A CE  1 
ATOM   650  N  NZ  . LYS A 1 83  ? 18.765  -0.897  -4.973  1.00 100.00 ? 83  LYS A NZ  1 
ATOM   651  N  N   . LEU A 1 84  ? 14.657  -4.843  -0.725  1.00 27.36  ? 84  LEU A N   1 
ATOM   652  C  CA  . LEU A 1 84  ? 13.648  -4.799  0.311   1.00 24.86  ? 84  LEU A CA  1 
ATOM   653  C  C   . LEU A 1 84  ? 13.781  -5.873  1.411   1.00 24.61  ? 84  LEU A C   1 
ATOM   654  O  O   . LEU A 1 84  ? 13.669  -5.611  2.594   1.00 26.69  ? 84  LEU A O   1 
ATOM   655  C  CB  . LEU A 1 84  ? 12.221  -4.852  -0.353  1.00 11.03  ? 84  LEU A CB  1 
ATOM   656  C  CG  . LEU A 1 84  ? 11.923  -3.705  -1.306  1.00 28.86  ? 84  LEU A CG  1 
ATOM   657  C  CD1 . LEU A 1 84  ? 10.470  -3.733  -1.757  1.00 35.05  ? 84  LEU A CD1 1 
ATOM   658  C  CD2 . LEU A 1 84  ? 12.247  -2.404  -0.631  1.00 15.96  ? 84  LEU A CD2 1 
ATOM   659  N  N   . LYS A 1 85  ? 13.964  -7.105  1.011   1.00 25.83  ? 85  LYS A N   1 
ATOM   660  C  CA  . LYS A 1 85  ? 13.988  -8.243  1.910   1.00 23.05  ? 85  LYS A CA  1 
ATOM   661  C  C   . LYS A 1 85  ? 14.829  -8.110  3.137   1.00 21.53  ? 85  LYS A C   1 
ATOM   662  O  O   . LYS A 1 85  ? 14.446  -8.451  4.234   1.00 28.82  ? 85  LYS A O   1 
ATOM   663  C  CB  . LYS A 1 85  ? 14.361  -9.494  1.141   1.00 23.83  ? 85  LYS A CB  1 
ATOM   664  C  CG  . LYS A 1 85  ? 14.495  -10.699 2.025   1.00 35.47  ? 85  LYS A CG  1 
ATOM   665  C  CD  . LYS A 1 85  ? 14.174  -11.956 1.267   1.00 27.75  ? 85  LYS A CD  1 
ATOM   666  C  CE  . LYS A 1 85  ? 14.010  -13.123 2.198   1.00 77.77  ? 85  LYS A CE  1 
ATOM   667  N  NZ  . LYS A 1 85  ? 15.266  -13.371 2.894   1.00 35.75  ? 85  LYS A NZ  1 
ATOM   668  N  N   . PRO A 1 86  ? 16.055  -7.696  2.969   1.00 33.61  ? 86  PRO A N   1 
ATOM   669  C  CA  . PRO A 1 86  ? 16.883  -7.634  4.150   1.00 38.19  ? 86  PRO A CA  1 
ATOM   670  C  C   . PRO A 1 86  ? 16.410  -6.559  5.089   1.00 30.06  ? 86  PRO A C   1 
ATOM   671  O  O   . PRO A 1 86  ? 16.593  -6.670  6.281   1.00 26.68  ? 86  PRO A O   1 
ATOM   672  C  CB  . PRO A 1 86  ? 18.309  -7.321  3.714   1.00 27.82  ? 86  PRO A CB  1 
ATOM   673  C  CG  . PRO A 1 86  ? 18.238  -7.088  2.206   1.00 42.35  ? 86  PRO A CG  1 
ATOM   674  C  CD  . PRO A 1 86  ? 16.775  -7.274  1.758   1.00 25.26  ? 86  PRO A CD  1 
ATOM   675  N  N   . VAL A 1 87  ? 15.867  -5.467  4.562   1.00 29.23  ? 87  VAL A N   1 
ATOM   676  C  CA  . VAL A 1 87  ? 15.430  -4.431  5.461   1.00 20.21  ? 87  VAL A CA  1 
ATOM   677  C  C   . VAL A 1 87  ? 14.257  -4.979  6.290   1.00 23.24  ? 87  VAL A C   1 
ATOM   678  O  O   . VAL A 1 87  ? 14.194  -4.853  7.506   1.00 25.61  ? 87  VAL A O   1 
ATOM   679  C  CB  . VAL A 1 87  ? 15.052  -3.125  4.751   1.00 23.69  ? 87  VAL A CB  1 
ATOM   680  C  CG1 . VAL A 1 87  ? 14.732  -2.063  5.811   1.00 19.07  ? 87  VAL A CG1 1 
ATOM   681  C  CG2 . VAL A 1 87  ? 16.148  -2.622  3.825   1.00 13.73  ? 87  VAL A CG2 1 
ATOM   682  N  N   . TYR A 1 88  ? 13.340  -5.607  5.585   1.00 19.05  ? 88  TYR A N   1 
ATOM   683  C  CA  . TYR A 1 88  ? 12.143  -6.229  6.114   1.00 20.71  ? 88  TYR A CA  1 
ATOM   684  C  C   . TYR A 1 88  ? 12.458  -7.286  7.188   1.00 36.62  ? 88  TYR A C   1 
ATOM   685  O  O   . TYR A 1 88  ? 11.902  -7.318  8.288   1.00 27.27  ? 88  TYR A O   1 
ATOM   686  C  CB  . TYR A 1 88  ? 11.402  -6.857  4.897   1.00 18.30  ? 88  TYR A CB  1 
ATOM   687  C  CG  . TYR A 1 88  ? 10.036  -7.380  5.249   1.00 26.40  ? 88  TYR A CG  1 
ATOM   688  C  CD1 . TYR A 1 88  ? 8.941   -6.527  5.399   1.00 18.24  ? 88  TYR A CD1 1 
ATOM   689  C  CD2 . TYR A 1 88  ? 9.861   -8.748  5.469   1.00 30.52  ? 88  TYR A CD2 1 
ATOM   690  C  CE1 . TYR A 1 88  ? 7.700   -7.055  5.762   1.00 33.39  ? 88  TYR A CE1 1 
ATOM   691  C  CE2 . TYR A 1 88  ? 8.627   -9.281  5.814   1.00 56.31  ? 88  TYR A CE2 1 
ATOM   692  C  CZ  . TYR A 1 88  ? 7.539   -8.427  5.953   1.00 23.30  ? 88  TYR A CZ  1 
ATOM   693  O  OH  . TYR A 1 88  ? 6.342   -8.981  6.333   1.00 31.35  ? 88  TYR A OH  1 
ATOM   694  N  N   . ASP A 1 89  ? 13.379  -8.162  6.861   1.00 20.98  ? 89  ASP A N   1 
ATOM   695  C  CA  . ASP A 1 89  ? 13.824  -9.250  7.758   1.00 14.40  ? 89  ASP A CA  1 
ATOM   696  C  C   . ASP A 1 89  ? 14.393  -8.709  8.989   1.00 12.61  ? 89  ASP A C   1 
ATOM   697  O  O   . ASP A 1 89  ? 14.196  -9.283  10.032  1.00 31.75  ? 89  ASP A O   1 
ATOM   698  C  CB  . ASP A 1 89  ? 14.956  -10.064 7.165   1.00 26.00  ? 89  ASP A CB  1 
ATOM   699  C  CG  . ASP A 1 89  ? 14.483  -11.057 6.185   1.00 33.30  ? 89  ASP A CG  1 
ATOM   700  O  OD1 . ASP A 1 89  ? 13.161  -11.147 6.165   1.00 24.96  ? 89  ASP A OD1 1 
ATOM   701  O  OD2 . ASP A 1 89  ? 15.262  -11.671 5.478   1.00 37.52  ? 89  ASP A OD2 1 
ATOM   702  N  N   . SER A 1 90  ? 15.012  -7.562  8.889   1.00 21.81  ? 90  SER A N   1 
ATOM   703  C  CA  . SER A 1 90  ? 15.543  -6.929  10.072  1.00 17.16  ? 90  SER A CA  1 
ATOM   704  C  C   . SER A 1 90  ? 14.498  -6.272  10.984  1.00 25.77  ? 90  SER A C   1 
ATOM   705  O  O   . SER A 1 90  ? 14.816  -5.900  12.106  1.00 19.93  ? 90  SER A O   1 
ATOM   706  C  CB  . SER A 1 90  ? 16.640  -5.924  9.763   1.00 27.60  ? 90  SER A CB  1 
ATOM   707  O  OG  . SER A 1 90  ? 16.080  -4.630  9.583   1.00 23.60  ? 90  SER A OG  1 
ATOM   708  N  N   . LEU A 1 91  ? 13.245  -6.095  10.557  1.00 22.77  ? 91  LEU A N   1 
ATOM   709  C  CA  . LEU A 1 91  ? 12.281  -5.373  11.405  1.00 21.35  ? 91  LEU A CA  1 
ATOM   710  C  C   . LEU A 1 91  ? 11.424  -6.232  12.335  1.00 25.40  ? 91  LEU A C   1 
ATOM   711  O  O   . LEU A 1 91  ? 11.208  -7.424  12.058  1.00 26.77  ? 91  LEU A O   1 
ATOM   712  C  CB  . LEU A 1 91  ? 11.291  -4.532  10.522  1.00 17.18  ? 91  LEU A CB  1 
ATOM   713  C  CG  . LEU A 1 91  ? 11.925  -3.575  9.492   1.00 27.18  ? 91  LEU A CG  1 
ATOM   714  C  CD1 . LEU A 1 91  ? 10.862  -3.064  8.524   1.00 25.54  ? 91  LEU A CD1 1 
ATOM   715  C  CD2 . LEU A 1 91  ? 12.489  -2.375  10.216  1.00 16.98  ? 91  LEU A CD2 1 
ATOM   716  N  N   . ASP A 1 92  ? 10.806  -5.566  13.351  1.00 25.57  ? 92  ASP A N   1 
ATOM   717  C  CA  . ASP A 1 92  ? 9.814   -6.205  14.231  1.00 8.93   ? 92  ASP A CA  1 
ATOM   718  C  C   . ASP A 1 92  ? 8.460   -6.307  13.496  1.00 13.53  ? 92  ASP A C   1 
ATOM   719  O  O   . ASP A 1 92  ? 8.308   -5.841  12.360  1.00 23.93  ? 92  ASP A O   1 
ATOM   720  C  CB  . ASP A 1 92  ? 9.619   -5.442  15.526  1.00 17.02  ? 92  ASP A CB  1 
ATOM   721  C  CG  . ASP A 1 92  ? 9.161   -4.059  15.229  1.00 29.68  ? 92  ASP A CG  1 
ATOM   722  O  OD1 . ASP A 1 92  ? 10.161  -3.251  14.964  1.00 22.47  ? 92  ASP A OD1 1 
ATOM   723  O  OD2 . ASP A 1 92  ? 7.979   -3.768  15.183  1.00 26.82  ? 92  ASP A OD2 1 
ATOM   724  N  N   . ALA A 1 93  ? 7.447   -6.942  14.087  1.00 27.93  ? 93  ALA A N   1 
ATOM   725  C  CA  . ALA A 1 93  ? 6.178   -7.132  13.375  1.00 39.12  ? 93  ALA A CA  1 
ATOM   726  C  C   . ALA A 1 93  ? 5.333   -5.908  13.078  1.00 18.31  ? 93  ALA A C   1 
ATOM   727  O  O   . ALA A 1 93  ? 4.610   -5.895  12.077  1.00 31.06  ? 93  ALA A O   1 
ATOM   728  C  CB  . ALA A 1 93  ? 5.337   -8.298  13.877  1.00 22.32  ? 93  ALA A CB  1 
ATOM   729  N  N   . VAL A 1 94  ? 5.410   -4.900  13.939  1.00 25.99  ? 94  VAL A N   1 
ATOM   730  C  CA  . VAL A 1 94  ? 4.627   -3.712  13.725  1.00 28.88  ? 94  VAL A CA  1 
ATOM   731  C  C   . VAL A 1 94  ? 5.205   -2.951  12.535  1.00 29.68  ? 94  VAL A C   1 
ATOM   732  O  O   . VAL A 1 94  ? 4.509   -2.675  11.551  1.00 23.69  ? 94  VAL A O   1 
ATOM   733  C  CB  . VAL A 1 94  ? 4.456   -2.901  15.022  1.00 30.94  ? 94  VAL A CB  1 
ATOM   734  C  CG1 . VAL A 1 94  ? 3.681   -1.606  14.729  1.00 17.10  ? 94  VAL A CG1 1 
ATOM   735  C  CG2 . VAL A 1 94  ? 3.600   -3.739  15.968  1.00 24.33  ? 94  VAL A CG2 1 
ATOM   736  N  N   . ARG A 1 95  ? 6.512   -2.680  12.623  1.00 22.51  ? 95  ARG A N   1 
ATOM   737  C  CA  . ARG A 1 95  ? 7.231   -1.997  11.578  1.00 23.22  ? 95  ARG A CA  1 
ATOM   738  C  C   . ARG A 1 95  ? 7.075   -2.704  10.249  1.00 20.52  ? 95  ARG A C   1 
ATOM   739  O  O   . ARG A 1 95  ? 6.925   -2.051  9.235   1.00 31.01  ? 95  ARG A O   1 
ATOM   740  C  CB  . ARG A 1 95  ? 8.682   -1.765  11.900  1.00 16.31  ? 95  ARG A CB  1 
ATOM   741  C  CG  . ARG A 1 95  ? 8.856   -0.911  13.118  1.00 11.03  ? 95  ARG A CG  1 
ATOM   742  C  CD  . ARG A 1 95  ? 10.261  -0.404  13.181  1.00 13.31  ? 95  ARG A CD  1 
ATOM   743  N  NE  . ARG A 1 95  ? 10.453  0.656   14.176  1.00 27.90  ? 95  ARG A NE  1 
ATOM   744  C  CZ  . ARG A 1 95  ? 10.393  0.438   15.503  1.00 33.00  ? 95  ARG A CZ  1 
ATOM   745  N  NH1 . ARG A 1 95  ? 10.115  -0.756  16.000  1.00 25.76  ? 95  ARG A NH1 1 
ATOM   746  N  NH2 . ARG A 1 95  ? 10.646  1.415   16.351  1.00 12.89  ? 95  ARG A NH2 1 
ATOM   747  N  N   . ARG A 1 96  ? 7.059   -4.031  10.267  1.00 15.30  ? 96  ARG A N   1 
ATOM   748  C  CA  . ARG A 1 96  ? 6.856   -4.779  9.046   1.00 32.63  ? 96  ARG A CA  1 
ATOM   749  C  C   . ARG A 1 96  ? 5.526   -4.435  8.414   1.00 33.06  ? 96  ARG A C   1 
ATOM   750  O  O   . ARG A 1 96  ? 5.440   -4.374  7.190   1.00 18.98  ? 96  ARG A O   1 
ATOM   751  C  CB  . ARG A 1 96  ? 6.955   -6.284  9.204   1.00 22.93  ? 96  ARG A CB  1 
ATOM   752  C  CG  . ARG A 1 96  ? 8.354   -6.747  9.520   1.00 20.52  ? 96  ARG A CG  1 
ATOM   753  C  CD  . ARG A 1 96  ? 8.422   -8.272  9.543   1.00 28.12  ? 96  ARG A CD  1 
ATOM   754  N  NE  . ARG A 1 96  ? 9.753   -8.726  9.905   1.00 28.18  ? 96  ARG A NE  1 
ATOM   755  C  CZ  . ARG A 1 96  ? 10.072  -9.912  10.379  1.00 42.74  ? 96  ARG A CZ  1 
ATOM   756  N  NH1 . ARG A 1 96  ? 9.147   -10.835 10.508  1.00 39.59  ? 96  ARG A NH1 1 
ATOM   757  N  NH2 . ARG A 1 96  ? 11.365  -10.170 10.708  1.00 25.21  ? 96  ARG A NH2 1 
ATOM   758  N  N   . ALA A 1 97  ? 4.493   -4.212  9.247   1.00 18.35  ? 97  ALA A N   1 
ATOM   759  C  CA  . ALA A 1 97  ? 3.190   -3.864  8.722   1.00 19.46  ? 97  ALA A CA  1 
ATOM   760  C  C   . ALA A 1 97  ? 3.321   -2.545  7.950   1.00 16.50  ? 97  ALA A C   1 
ATOM   761  O  O   . ALA A 1 97  ? 2.705   -2.312  6.894   1.00 21.60  ? 97  ALA A O   1 
ATOM   762  C  CB  . ALA A 1 97  ? 2.235   -3.713  9.893   1.00 22.73  ? 97  ALA A CB  1 
ATOM   763  N  N   . ALA A 1 98  ? 4.174   -1.667  8.480   1.00 14.44  ? 98  ALA A N   1 
ATOM   764  C  CA  . ALA A 1 98  ? 4.385   -0.389  7.805   1.00 22.80  ? 98  ALA A CA  1 
ATOM   765  C  C   . ALA A 1 98  ? 5.046   -0.539  6.431   1.00 25.11  ? 98  ALA A C   1 
ATOM   766  O  O   . ALA A 1 98  ? 4.702   0.145   5.467   1.00 18.00  ? 98  ALA A O   1 
ATOM   767  C  CB  . ALA A 1 98  ? 5.230   0.528   8.639   1.00 13.23  ? 98  ALA A CB  1 
ATOM   768  N  N   . ALA A 1 99  ? 6.032   -1.413  6.348   1.00 16.18  ? 99  ALA A N   1 
ATOM   769  C  CA  . ALA A 1 99  ? 6.716   -1.628  5.108   1.00 15.12  ? 99  ALA A CA  1 
ATOM   770  C  C   . ALA A 1 99  ? 5.731   -2.174  4.117   1.00 18.95  ? 99  ALA A C   1 
ATOM   771  O  O   . ALA A 1 99  ? 5.710   -1.818  2.952   1.00 19.67  ? 99  ALA A O   1 
ATOM   772  C  CB  . ALA A 1 99  ? 7.829   -2.647  5.298   1.00 17.56  ? 99  ALA A CB  1 
ATOM   773  N  N   . ILE A 1 100 ? 4.905   -3.075  4.587   1.00 15.84  ? 100 ILE A N   1 
ATOM   774  C  CA  . ILE A 1 100 ? 3.953   -3.668  3.703   1.00 10.31  ? 100 ILE A CA  1 
ATOM   775  C  C   . ILE A 1 100 ? 2.964   -2.626  3.205   1.00 21.25  ? 100 ILE A C   1 
ATOM   776  O  O   . ILE A 1 100 ? 2.530   -2.646  2.049   1.00 23.89  ? 100 ILE A O   1 
ATOM   777  C  CB  . ILE A 1 100 ? 3.175   -4.833  4.353   1.00 20.69  ? 100 ILE A CB  1 
ATOM   778  C  CG1 . ILE A 1 100 ? 4.038   -6.111  4.646   1.00 15.34  ? 100 ILE A CG1 1 
ATOM   779  C  CG2 . ILE A 1 100 ? 1.999   -5.184  3.420   1.00 17.45  ? 100 ILE A CG2 1 
ATOM   780  C  CD1 . ILE A 1 100 ? 3.290   -7.114  5.527   1.00 14.58  ? 100 ILE A CD1 1 
ATOM   781  N  N   . ASN A 1 101 ? 2.572   -1.705  4.097   1.00 22.98  ? 101 ASN A N   1 
ATOM   782  C  CA  . ASN A 1 101 ? 1.627   -0.672  3.698   1.00 10.41  ? 101 ASN A CA  1 
ATOM   783  C  C   . ASN A 1 101 ? 2.221   0.138   2.528   1.00 20.71  ? 101 ASN A C   1 
ATOM   784  O  O   . ASN A 1 101 ? 1.614   0.325   1.488   1.00 19.19  ? 101 ASN A O   1 
ATOM   785  C  CB  . ASN A 1 101 ? 1.375   0.259   4.914   1.00 17.47  ? 101 ASN A CB  1 
ATOM   786  C  CG  . ASN A 1 101 ? 0.109   1.090   4.791   1.00 24.04  ? 101 ASN A CG  1 
ATOM   787  O  OD1 . ASN A 1 101 ? 0.001   1.795   3.811   1.00 20.90  ? 101 ASN A OD1 1 
ATOM   788  N  ND2 . ASN A 1 101 ? -0.866  0.973   5.702   1.00 18.01  ? 101 ASN A ND2 1 
ATOM   789  N  N   . MET A 1 102 ? 3.460   0.532   2.692   1.00 17.51  ? 102 MET A N   1 
ATOM   790  C  CA  . MET A 1 102 ? 4.175   1.338   1.737   1.00 24.53  ? 102 MET A CA  1 
ATOM   791  C  C   . MET A 1 102 ? 4.216   0.672   0.393   1.00 46.40  ? 102 MET A C   1 
ATOM   792  O  O   . MET A 1 102 ? 3.995   1.317   -0.651  1.00 26.19  ? 102 MET A O   1 
ATOM   793  C  CB  . MET A 1 102 ? 5.605   1.673   2.218   1.00 7.90   ? 102 MET A CB  1 
ATOM   794  C  CG  . MET A 1 102 ? 5.725   2.823   3.189   1.00 22.01  ? 102 MET A CG  1 
ATOM   795  S  SD  . MET A 1 102 ? 7.418   2.888   3.838   1.00 30.72  ? 102 MET A SD  1 
ATOM   796  C  CE  . MET A 1 102 ? 8.164   3.795   2.472   1.00 22.90  ? 102 MET A CE  1 
ATOM   797  N  N   . VAL A 1 103 ? 4.489   -0.624  0.420   1.00 18.19  ? 103 VAL A N   1 
ATOM   798  C  CA  . VAL A 1 103 ? 4.591   -1.388  -0.835  1.00 23.67  ? 103 VAL A CA  1 
ATOM   799  C  C   . VAL A 1 103 ? 3.253   -1.544  -1.495  1.00 37.19  ? 103 VAL A C   1 
ATOM   800  O  O   . VAL A 1 103 ? 3.136   -1.455  -2.693  1.00 34.62  ? 103 VAL A O   1 
ATOM   801  C  CB  . VAL A 1 103 ? 5.345   -2.740  -0.774  1.00 11.62  ? 103 VAL A CB  1 
ATOM   802  C  CG1 . VAL A 1 103 ? 5.164   -3.484  -2.104  1.00 19.45  ? 103 VAL A CG1 1 
ATOM   803  C  CG2 . VAL A 1 103 ? 6.834   -2.474  -0.598  1.00 25.71  ? 103 VAL A CG2 1 
ATOM   804  N  N   . PHE A 1 104 ? 2.229   -1.792  -0.726  1.00 19.95  ? 104 PHE A N   1 
ATOM   805  C  CA  . PHE A 1 104 ? 0.933   -1.956  -1.333  1.00 19.88  ? 104 PHE A CA  1 
ATOM   806  C  C   . PHE A 1 104 ? 0.530   -0.631  -1.992  1.00 28.96  ? 104 PHE A C   1 
ATOM   807  O  O   . PHE A 1 104 ? -0.174  -0.543  -2.955  1.00 25.36  ? 104 PHE A O   1 
ATOM   808  C  CB  . PHE A 1 104 ? -0.048  -2.178  -0.166  1.00 12.13  ? 104 PHE A CB  1 
ATOM   809  C  CG  . PHE A 1 104 ? -1.488  -2.320  -0.552  1.00 16.58  ? 104 PHE A CG  1 
ATOM   810  C  CD1 . PHE A 1 104 ? -2.289  -1.193  -0.766  1.00 22.18  ? 104 PHE A CD1 1 
ATOM   811  C  CD2 . PHE A 1 104 ? -2.084  -3.573  -0.590  1.00 19.13  ? 104 PHE A CD2 1 
ATOM   812  C  CE1 . PHE A 1 104 ? -3.654  -1.351  -1.019  1.00 18.62  ? 104 PHE A CE1 1 
ATOM   813  C  CE2 . PHE A 1 104 ? -3.437  -3.743  -0.885  1.00 22.98  ? 104 PHE A CE2 1 
ATOM   814  C  CZ  . PHE A 1 104 ? -4.215  -2.618  -1.132  1.00 23.54  ? 104 PHE A CZ  1 
ATOM   815  N  N   . GLN A 1 105 ? 0.935   0.464   -1.429  1.00 31.76  ? 105 GLN A N   1 
ATOM   816  C  CA  . GLN A 1 105 ? 0.438   1.672   -1.988  1.00 15.81  ? 105 GLN A CA  1 
ATOM   817  C  C   . GLN A 1 105 ? 1.253   2.149   -3.135  1.00 39.11  ? 105 GLN A C   1 
ATOM   818  O  O   . GLN A 1 105 ? 0.716   2.663   -4.060  1.00 26.05  ? 105 GLN A O   1 
ATOM   819  C  CB  . GLN A 1 105 ? 0.396   2.777   -0.898  1.00 20.29  ? 105 GLN A CB  1 
ATOM   820  C  CG  . GLN A 1 105 ? -0.015  4.145   -1.460  1.00 21.51  ? 105 GLN A CG  1 
ATOM   821  C  CD  . GLN A 1 105 ? 0.245   5.355   -0.562  1.00 19.73  ? 105 GLN A CD  1 
ATOM   822  O  OE1 . GLN A 1 105 ? 0.686   5.263   0.582   1.00 33.95  ? 105 GLN A OE1 1 
ATOM   823  N  NE2 . GLN A 1 105 ? -0.041  6.530   -1.079  1.00 41.40  ? 105 GLN A NE2 1 
ATOM   824  N  N   . MET A 1 106 ? 2.557   2.020   -3.050  1.00 20.69  ? 106 MET A N   1 
ATOM   825  C  CA  . MET A 1 106 ? 3.385   2.560   -4.065  1.00 19.21  ? 106 MET A CA  1 
ATOM   826  C  C   . MET A 1 106 ? 4.165   1.608   -4.949  1.00 27.69  ? 106 MET A C   1 
ATOM   827  O  O   . MET A 1 106 ? 4.854   1.980   -5.860  1.00 24.01  ? 106 MET A O   1 
ATOM   828  C  CB  . MET A 1 106 ? 4.037   3.842   -3.590  1.00 20.57  ? 106 MET A CB  1 
ATOM   829  C  CG  . MET A 1 106 ? 5.329   3.717   -2.859  1.00 28.71  ? 106 MET A CG  1 
ATOM   830  S  SD  . MET A 1 106 ? 5.609   5.281   -1.966  1.00 40.71  ? 106 MET A SD  1 
ATOM   831  C  CE  . MET A 1 106 ? 5.971   4.646   -0.313  1.00 62.92  ? 106 MET A CE  1 
ATOM   832  N  N   . GLY A 1 107 ? 3.991   0.347   -4.715  1.00 17.82  ? 107 GLY A N   1 
ATOM   833  C  CA  . GLY A 1 107 ? 4.629   -0.617  -5.526  1.00 15.90  ? 107 GLY A CA  1 
ATOM   834  C  C   . GLY A 1 107 ? 6.045   -0.724  -5.104  1.00 20.79  ? 107 GLY A C   1 
ATOM   835  O  O   . GLY A 1 107 ? 6.588   0.251   -4.645  1.00 32.27  ? 107 GLY A O   1 
ATOM   836  N  N   . GLU A 1 108 ? 6.582   -1.917  -5.303  1.00 32.13  ? 108 GLU A N   1 
ATOM   837  C  CA  . GLU A 1 108 ? 7.922   -2.340  -4.951  1.00 46.79  ? 108 GLU A CA  1 
ATOM   838  C  C   . GLU A 1 108 ? 9.005   -1.562  -5.619  1.00 41.46  ? 108 GLU A C   1 
ATOM   839  O  O   . GLU A 1 108 ? 10.085  -1.403  -5.075  1.00 32.37  ? 108 GLU A O   1 
ATOM   840  C  CB  . GLU A 1 108 ? 8.127   -3.835  -5.209  1.00 31.96  ? 108 GLU A CB  1 
ATOM   841  C  CG  . GLU A 1 108 ? 9.428   -4.151  -5.949  1.00 47.10  ? 108 GLU A CG  1 
ATOM   842  C  CD  . GLU A 1 108 ? 9.603   -5.639  -6.085  1.00 100.00 ? 108 GLU A CD  1 
ATOM   843  O  OE1 . GLU A 1 108 ? 8.512   -6.289  -5.759  1.00 52.97  ? 108 GLU A OE1 1 
ATOM   844  O  OE2 . GLU A 1 108 ? 10.634  -6.178  -6.459  1.00 84.13  ? 108 GLU A OE2 1 
ATOM   845  N  N   . THR A 1 109 ? 8.717   -1.075  -6.811  1.00 40.59  ? 109 THR A N   1 
ATOM   846  C  CA  . THR A 1 109 ? 9.721   -0.293  -7.489  1.00 42.79  ? 109 THR A CA  1 
ATOM   847  C  C   . THR A 1 109 ? 9.889   1.045   -6.835  1.00 49.52  ? 109 THR A C   1 
ATOM   848  O  O   . THR A 1 109 ? 11.028  1.499   -6.667  1.00 58.61  ? 109 THR A O   1 
ATOM   849  C  CB  . THR A 1 109 ? 9.535   -0.135  -9.000  1.00 42.81  ? 109 THR A CB  1 
ATOM   850  O  OG1 . THR A 1 109 ? 9.112   -1.368  -9.556  1.00 64.94  ? 109 THR A OG1 1 
ATOM   851  C  CG2 . THR A 1 109 ? 10.889  0.286   -9.559  1.00 56.35  ? 109 THR A CG2 1 
ATOM   852  N  N   . GLY A 1 110 ? 8.746   1.661   -6.470  1.00 40.42  ? 110 GLY A N   1 
ATOM   853  C  CA  . GLY A 1 110 ? 8.764   2.938   -5.775  1.00 42.93  ? 110 GLY A CA  1 
ATOM   854  C  C   . GLY A 1 110 ? 9.628   2.839   -4.497  1.00 38.74  ? 110 GLY A C   1 
ATOM   855  O  O   . GLY A 1 110 ? 10.738  3.379   -4.434  1.00 41.58  ? 110 GLY A O   1 
ATOM   856  N  N   . VAL A 1 111 ? 9.136   2.082   -3.507  1.00 51.59  ? 111 VAL A N   1 
ATOM   857  C  CA  . VAL A 1 111 ? 9.840   1.868   -2.244  1.00 32.61  ? 111 VAL A CA  1 
ATOM   858  C  C   . VAL A 1 111 ? 11.307  1.510   -2.434  1.00 39.85  ? 111 VAL A C   1 
ATOM   859  O  O   . VAL A 1 111 ? 12.155  2.075   -1.770  1.00 34.53  ? 111 VAL A O   1 
ATOM   860  C  CB  . VAL A 1 111 ? 9.212   0.744   -1.447  1.00 35.58  ? 111 VAL A CB  1 
ATOM   861  C  CG1 . VAL A 1 111 ? 9.688   0.854   -0.004  1.00 28.23  ? 111 VAL A CG1 1 
ATOM   862  C  CG2 . VAL A 1 111 ? 7.707   0.880   -1.559  1.00 28.44  ? 111 VAL A CG2 1 
ATOM   863  N  N   . ALA A 1 112 ? 11.585  0.544   -3.318  1.00 37.97  ? 112 ALA A N   1 
ATOM   864  C  CA  . ALA A 1 112 ? 12.931  0.086   -3.568  1.00 42.79  ? 112 ALA A CA  1 
ATOM   865  C  C   . ALA A 1 112 ? 13.816  1.280   -3.847  1.00 98.77  ? 112 ALA A C   1 
ATOM   866  O  O   . ALA A 1 112 ? 15.008  1.320   -3.563  1.00 52.00  ? 112 ALA A O   1 
ATOM   867  C  CB  . ALA A 1 112 ? 12.930  -0.894  -4.726  1.00 51.22  ? 112 ALA A CB  1 
ATOM   868  N  N   . GLY A 1 113 ? 13.169  2.310   -4.345  1.00 31.32  ? 113 GLY A N   1 
ATOM   869  C  CA  . GLY A 1 113 ? 13.827  3.549   -4.611  1.00 34.60  ? 113 GLY A CA  1 
ATOM   870  C  C   . GLY A 1 113 ? 14.357  4.230   -3.368  1.00 48.68  ? 113 GLY A C   1 
ATOM   871  O  O   . GLY A 1 113 ? 15.544  4.493   -3.330  1.00 74.40  ? 113 GLY A O   1 
ATOM   872  N  N   . PHE A 1 114 ? 13.463  4.526   -2.383  1.00 43.55  ? 114 PHE A N   1 
ATOM   873  C  CA  . PHE A 1 114 ? 13.740  5.168   -1.072  1.00 27.26  ? 114 PHE A CA  1 
ATOM   874  C  C   . PHE A 1 114 ? 15.034  4.654   -0.379  1.00 27.45  ? 114 PHE A C   1 
ATOM   875  O  O   . PHE A 1 114 ? 15.071  4.365   0.798   1.00 35.69  ? 114 PHE A O   1 
ATOM   876  C  CB  . PHE A 1 114 ? 12.531  4.972   -0.084  1.00 27.33  ? 114 PHE A CB  1 
ATOM   877  C  CG  . PHE A 1 114 ? 11.249  5.755   -0.353  1.00 40.71  ? 114 PHE A CG  1 
ATOM   878  C  CD1 . PHE A 1 114 ? 10.656  5.726   -1.614  1.00 39.69  ? 114 PHE A CD1 1 
ATOM   879  C  CD2 . PHE A 1 114 ? 10.630  6.527   0.636   1.00 62.19  ? 114 PHE A CD2 1 
ATOM   880  C  CE1 . PHE A 1 114 ? 9.486   6.438   -1.876  1.00 30.81  ? 114 PHE A CE1 1 
ATOM   881  C  CE2 . PHE A 1 114 ? 9.459   7.252   0.395   1.00 37.58  ? 114 PHE A CE2 1 
ATOM   882  C  CZ  . PHE A 1 114 ? 8.879   7.197   -0.874  1.00 26.39  ? 114 PHE A CZ  1 
ATOM   883  N  N   . THR A 1 115 ? 16.114  4.586   -1.097  1.00 23.04  ? 115 THR A N   1 
ATOM   884  C  CA  . THR A 1 115 ? 17.381  4.108   -0.657  1.00 27.21  ? 115 THR A CA  1 
ATOM   885  C  C   . THR A 1 115 ? 17.859  4.524   0.691   1.00 34.05  ? 115 THR A C   1 
ATOM   886  O  O   . THR A 1 115 ? 18.289  3.710   1.506   1.00 34.24  ? 115 THR A O   1 
ATOM   887  C  CB  . THR A 1 115 ? 18.438  4.495   -1.678  1.00 28.99  ? 115 THR A CB  1 
ATOM   888  O  OG1 . THR A 1 115 ? 18.435  3.504   -2.665  1.00 50.97  ? 115 THR A OG1 1 
ATOM   889  C  CG2 . THR A 1 115 ? 19.798  4.531   -1.003  1.00 69.71  ? 115 THR A CG2 1 
ATOM   890  N  N   . ASN A 1 116 ? 17.901  5.806   0.906   1.00 29.56  ? 116 ASN A N   1 
ATOM   891  C  CA  . ASN A 1 116 ? 18.415  6.295   2.185   1.00 32.48  ? 116 ASN A CA  1 
ATOM   892  C  C   . ASN A 1 116 ? 17.594  5.918   3.434   1.00 27.06  ? 116 ASN A C   1 
ATOM   893  O  O   . ASN A 1 116 ? 18.136  5.638   4.515   1.00 24.13  ? 116 ASN A O   1 
ATOM   894  C  CB  . ASN A 1 116 ? 18.833  7.784   2.126   1.00 25.21  ? 116 ASN A CB  1 
ATOM   895  C  CG  . ASN A 1 116 ? 19.803  8.062   0.979   1.00 60.93  ? 116 ASN A CG  1 
ATOM   896  O  OD1 . ASN A 1 116 ? 20.817  7.391   0.811   1.00 63.93  ? 116 ASN A OD1 1 
ATOM   897  N  ND2 . ASN A 1 116 ? 19.523  9.075   0.195   1.00 23.69  ? 116 ASN A ND2 1 
ATOM   898  N  N   . SER A 1 117 ? 16.277  5.940   3.280   1.00 22.14  ? 117 SER A N   1 
ATOM   899  C  CA  . SER A 1 117 ? 15.370  5.613   4.361   1.00 21.59  ? 117 SER A CA  1 
ATOM   900  C  C   . SER A 1 117 ? 15.536  4.168   4.695   1.00 24.62  ? 117 SER A C   1 
ATOM   901  O  O   . SER A 1 117 ? 15.496  3.805   5.856   1.00 31.61  ? 117 SER A O   1 
ATOM   902  C  CB  . SER A 1 117 ? 13.901  5.772   3.978   1.00 17.38  ? 117 SER A CB  1 
ATOM   903  O  OG  . SER A 1 117 ? 13.629  7.067   3.509   1.00 32.70  ? 117 SER A OG  1 
ATOM   904  N  N   . LEU A 1 118 ? 15.690  3.358   3.648   1.00 30.44  ? 118 LEU A N   1 
ATOM   905  C  CA  . LEU A 1 118 ? 15.828  1.910   3.807   1.00 26.83  ? 118 LEU A CA  1 
ATOM   906  C  C   . LEU A 1 118 ? 17.015  1.593   4.677   1.00 24.62  ? 118 LEU A C   1 
ATOM   907  O  O   . LEU A 1 118 ? 16.915  0.774   5.581   1.00 39.44  ? 118 LEU A O   1 
ATOM   908  C  CB  . LEU A 1 118 ? 15.950  1.121   2.485   1.00 23.09  ? 118 LEU A CB  1 
ATOM   909  C  CG  . LEU A 1 118 ? 14.665  1.073   1.637   1.00 38.62  ? 118 LEU A CG  1 
ATOM   910  C  CD1 . LEU A 1 118 ? 14.959  0.425   0.296   1.00 27.76  ? 118 LEU A CD1 1 
ATOM   911  C  CD2 . LEU A 1 118 ? 13.540  0.301   2.307   1.00 24.14  ? 118 LEU A CD2 1 
ATOM   912  N  N   . ARG A 1 119 ? 18.112  2.280   4.397   1.00 17.32  ? 119 ARG A N   1 
ATOM   913  C  CA  . ARG A 1 119 ? 19.377  2.153   5.122   1.00 27.04  ? 119 ARG A CA  1 
ATOM   914  C  C   . ARG A 1 119 ? 19.226  2.573   6.574   1.00 47.65  ? 119 ARG A C   1 
ATOM   915  O  O   . ARG A 1 119 ? 19.707  1.927   7.510   1.00 32.75  ? 119 ARG A O   1 
ATOM   916  C  CB  . ARG A 1 119 ? 20.461  2.956   4.422   1.00 22.45  ? 119 ARG A CB  1 
ATOM   917  C  CG  . ARG A 1 119 ? 21.861  2.740   4.973   1.00 35.30  ? 119 ARG A CG  1 
ATOM   918  C  CD  . ARG A 1 119 ? 22.829  3.773   4.427   1.00 56.75  ? 119 ARG A CD  1 
ATOM   919  N  NE  . ARG A 1 119 ? 22.312  5.129   4.617   1.00 100.00 ? 119 ARG A NE  1 
ATOM   920  C  CZ  . ARG A 1 119 ? 22.032  5.983   3.625   1.00 100.00 ? 119 ARG A CZ  1 
ATOM   921  N  NH1 . ARG A 1 119 ? 22.249  5.675   2.338   1.00 81.76  ? 119 ARG A NH1 1 
ATOM   922  N  NH2 . ARG A 1 119 ? 21.551  7.187   3.923   1.00 100.00 ? 119 ARG A NH2 1 
ATOM   923  N  N   . MET A 1 120 ? 18.500  3.651   6.787   1.00 21.13  ? 120 MET A N   1 
ATOM   924  C  CA  . MET A 1 120 ? 18.304  4.042   8.158   1.00 18.34  ? 120 MET A CA  1 
ATOM   925  C  C   . MET A 1 120 ? 17.340  3.130   8.856   1.00 32.41  ? 120 MET A C   1 
ATOM   926  O  O   . MET A 1 120 ? 17.399  2.950   10.042  1.00 27.80  ? 120 MET A O   1 
ATOM   927  C  CB  . MET A 1 120 ? 17.883  5.482   8.363   1.00 22.30  ? 120 MET A CB  1 
ATOM   928  C  CG  . MET A 1 120 ? 18.805  6.464   7.685   1.00 36.85  ? 120 MET A CG  1 
ATOM   929  S  SD  . MET A 1 120 ? 17.896  7.996   7.426   1.00 44.90  ? 120 MET A SD  1 
ATOM   930  C  CE  . MET A 1 120 ? 18.824  8.790   6.079   1.00 26.65  ? 120 MET A CE  1 
ATOM   931  N  N   . LEU A 1 121 ? 16.386  2.589   8.154   1.00 15.06  ? 121 LEU A N   1 
ATOM   932  C  CA  . LEU A 1 121 ? 15.495  1.702   8.887   1.00 24.36  ? 121 LEU A CA  1 
ATOM   933  C  C   . LEU A 1 121 ? 16.274  0.474   9.378   1.00 28.02  ? 121 LEU A C   1 
ATOM   934  O  O   . LEU A 1 121 ? 16.124  -0.030  10.482  1.00 34.95  ? 121 LEU A O   1 
ATOM   935  C  CB  . LEU A 1 121 ? 14.367  1.207   7.972   1.00 13.71  ? 121 LEU A CB  1 
ATOM   936  C  CG  . LEU A 1 121 ? 13.301  2.276   7.731   1.00 24.87  ? 121 LEU A CG  1 
ATOM   937  C  CD1 . LEU A 1 121 ? 12.407  1.791   6.589   1.00 36.76  ? 121 LEU A CD1 1 
ATOM   938  C  CD2 . LEU A 1 121 ? 12.447  2.455   8.997   1.00 25.46  ? 121 LEU A CD2 1 
ATOM   939  N  N   . GLN A 1 122 ? 17.090  -0.041  8.510   1.00 25.35  ? 122 GLN A N   1 
ATOM   940  C  CA  . GLN A 1 122 ? 17.834  -1.224  8.811   1.00 31.43  ? 122 GLN A CA  1 
ATOM   941  C  C   . GLN A 1 122 ? 18.774  -0.995  9.981   1.00 44.18  ? 122 GLN A C   1 
ATOM   942  O  O   . GLN A 1 122 ? 18.942  -1.856  10.853  1.00 39.64  ? 122 GLN A O   1 
ATOM   943  C  CB  . GLN A 1 122 ? 18.536  -1.669  7.525   1.00 12.63  ? 122 GLN A CB  1 
ATOM   944  C  CG  . GLN A 1 122 ? 19.727  -2.603  7.731   1.00 85.72  ? 122 GLN A CG  1 
ATOM   945  C  CD  . GLN A 1 122 ? 19.740  -3.705  6.699   1.00 50.62  ? 122 GLN A CD  1 
ATOM   946  O  OE1 . GLN A 1 122 ? 19.625  -3.443  5.497   1.00 70.04  ? 122 GLN A OE1 1 
ATOM   947  N  NE2 . GLN A 1 122 ? 19.874  -4.952  7.158   1.00 88.82  ? 122 GLN A NE2 1 
ATOM   948  N  N   . GLN A 1 123 ? 19.335  0.217   10.037  1.00 32.00  ? 123 GLN A N   1 
ATOM   949  C  CA  . GLN A 1 123 ? 20.240  0.580   11.127  1.00 23.64  ? 123 GLN A CA  1 
ATOM   950  C  C   . GLN A 1 123 ? 19.467  0.903   12.368  1.00 35.67  ? 123 GLN A C   1 
ATOM   951  O  O   . GLN A 1 123 ? 20.064  1.286   13.368  1.00 36.47  ? 123 GLN A O   1 
ATOM   952  C  CB  . GLN A 1 123 ? 21.146  1.750   10.764  1.00 21.08  ? 123 GLN A CB  1 
ATOM   953  C  CG  . GLN A 1 123 ? 22.021  1.416   9.548   1.00 31.12  ? 123 GLN A CG  1 
ATOM   954  C  CD  . GLN A 1 123 ? 23.052  2.485   9.263   1.00 34.75  ? 123 GLN A CD  1 
ATOM   955  O  OE1 . GLN A 1 123 ? 23.994  2.669   10.033  1.00 100.00 ? 123 GLN A OE1 1 
ATOM   956  N  NE2 . GLN A 1 123 ? 22.865  3.214   8.160   1.00 72.30  ? 123 GLN A NE2 1 
ATOM   957  N  N   . LYS A 1 124 ? 18.135  0.751   12.272  1.00 31.17  ? 124 LYS A N   1 
ATOM   958  C  CA  . LYS A 1 124 ? 17.207  1.040   13.364  1.00 27.72  ? 124 LYS A CA  1 
ATOM   959  C  C   . LYS A 1 124 ? 17.340  2.470   13.886  1.00 32.92  ? 124 LYS A C   1 
ATOM   960  O  O   . LYS A 1 124 ? 17.122  2.712   15.074  1.00 33.12  ? 124 LYS A O   1 
ATOM   961  C  CB  . LYS A 1 124 ? 17.364  0.060   14.521  1.00 31.17  ? 124 LYS A CB  1 
ATOM   962  C  CG  . LYS A 1 124 ? 17.338  -1.405  14.089  1.00 26.80  ? 124 LYS A CG  1 
ATOM   963  C  CD  . LYS A 1 124 ? 16.770  -2.346  15.134  1.00 28.47  ? 124 LYS A CD  1 
ATOM   964  C  CE  . LYS A 1 124 ? 16.510  -3.701  14.511  1.00 22.79  ? 124 LYS A CE  1 
ATOM   965  N  NZ  . LYS A 1 124 ? 15.208  -3.749  13.865  1.00 27.76  ? 124 LYS A NZ  1 
ATOM   966  N  N   . ARG A 1 125 ? 17.747  3.392   13.017  1.00 41.39  ? 125 ARG A N   1 
ATOM   967  C  CA  . ARG A 1 125 ? 17.846  4.803   13.335  1.00 23.88  ? 125 ARG A CA  1 
ATOM   968  C  C   . ARG A 1 125 ? 16.424  5.380   13.096  1.00 48.82  ? 125 ARG A C   1 
ATOM   969  O  O   . ARG A 1 125 ? 16.058  5.922   12.050  1.00 28.17  ? 125 ARG A O   1 
ATOM   970  C  CB  . ARG A 1 125 ? 18.882  5.436   12.410  1.00 26.21  ? 125 ARG A CB  1 
ATOM   971  C  CG  . ARG A 1 125 ? 20.349  5.145   12.721  1.00 24.42  ? 125 ARG A CG  1 
ATOM   972  C  CD  . ARG A 1 125 ? 21.208  5.908   11.695  1.00 42.38  ? 125 ARG A CD  1 
ATOM   973  N  NE  . ARG A 1 125 ? 22.522  6.442   12.097  1.00 75.15  ? 125 ARG A NE  1 
ATOM   974  C  CZ  . ARG A 1 125 ? 23.610  5.707   12.403  1.00 100.00 ? 125 ARG A CZ  1 
ATOM   975  N  NH1 . ARG A 1 125 ? 23.604  4.372   12.430  1.00 100.00 ? 125 ARG A NH1 1 
ATOM   976  N  NH2 . ARG A 1 125 ? 24.740  6.330   12.718  1.00 82.54  ? 125 ARG A NH2 1 
ATOM   977  N  N   . TRP A 1 126 ? 15.540  5.199   14.058  1.00 30.31  ? 126 TRP A N   1 
ATOM   978  C  CA  . TRP A 1 126 ? 14.140  5.558   13.873  1.00 26.06  ? 126 TRP A CA  1 
ATOM   979  C  C   . TRP A 1 126 ? 13.729  6.981   13.594  1.00 29.34  ? 126 TRP A C   1 
ATOM   980  O  O   . TRP A 1 126 ? 12.939  7.211   12.697  1.00 27.95  ? 126 TRP A O   1 
ATOM   981  C  CB  . TRP A 1 126 ? 13.212  4.952   14.892  1.00 20.29  ? 126 TRP A CB  1 
ATOM   982  C  CG  . TRP A 1 126 ? 13.457  3.520   15.219  1.00 42.30  ? 126 TRP A CG  1 
ATOM   983  C  CD1 . TRP A 1 126 ? 13.573  3.044   16.483  1.00 25.09  ? 126 TRP A CD1 1 
ATOM   984  C  CD2 . TRP A 1 126 ? 13.475  2.385   14.344  1.00 22.20  ? 126 TRP A CD2 1 
ATOM   985  N  NE1 . TRP A 1 126 ? 13.671  1.700   16.477  1.00 29.84  ? 126 TRP A NE1 1 
ATOM   986  C  CE2 . TRP A 1 126 ? 13.642  1.246   15.183  1.00 30.79  ? 126 TRP A CE2 1 
ATOM   987  C  CE3 . TRP A 1 126 ? 13.355  2.182   12.961  1.00 28.88  ? 126 TRP A CE3 1 
ATOM   988  C  CZ2 . TRP A 1 126 ? 13.691  -0.065  14.669  1.00 17.36  ? 126 TRP A CZ2 1 
ATOM   989  C  CZ3 . TRP A 1 126 ? 13.457  0.872   12.459  1.00 19.81  ? 126 TRP A CZ3 1 
ATOM   990  C  CH2 . TRP A 1 126 ? 13.591  -0.234  13.310  1.00 31.57  ? 126 TRP A CH2 1 
ATOM   991  N  N   . ASP A 1 127 ? 14.150  7.900   14.418  1.00 23.64  ? 127 ASP A N   1 
ATOM   992  C  CA  . ASP A 1 127 ? 13.806  9.263   14.192  1.00 17.16  ? 127 ASP A CA  1 
ATOM   993  C  C   . ASP A 1 127 ? 14.295  9.778   12.866  1.00 28.85  ? 127 ASP A C   1 
ATOM   994  O  O   . ASP A 1 127 ? 13.593  10.533  12.154  1.00 28.47  ? 127 ASP A O   1 
ATOM   995  C  CB  . ASP A 1 127 ? 14.160  10.164  15.394  1.00 21.97  ? 127 ASP A CB  1 
ATOM   996  C  CG  . ASP A 1 127 ? 13.341  9.762   16.611  1.00 28.33  ? 127 ASP A CG  1 
ATOM   997  O  OD1 . ASP A 1 127 ? 12.859  8.663   16.749  1.00 53.43  ? 127 ASP A OD1 1 
ATOM   998  O  OD2 . ASP A 1 127 ? 13.228  10.682  17.524  1.00 57.33  ? 127 ASP A OD2 1 
ATOM   999  N  N   . GLU A 1 128 ? 15.467  9.332   12.465  1.00 27.76  ? 128 GLU A N   1 
ATOM   1000 C  CA  . GLU A 1 128 ? 15.985  9.867   11.206  1.00 22.05  ? 128 GLU A CA  1 
ATOM   1001 C  C   . GLU A 1 128 ? 15.330  9.259   10.008  1.00 43.63  ? 128 GLU A C   1 
ATOM   1002 O  O   . GLU A 1 128 ? 15.136  9.913   9.002   1.00 28.48  ? 128 GLU A O   1 
ATOM   1003 C  CB  . GLU A 1 128 ? 17.501  9.780   11.135  1.00 35.00  ? 128 GLU A CB  1 
ATOM   1004 C  CG  . GLU A 1 128 ? 17.939  9.110   12.419  1.00 41.83  ? 128 GLU A CG  1 
ATOM   1005 C  CD  . GLU A 1 128 ? 19.334  9.360   12.851  1.00 68.03  ? 128 GLU A CD  1 
ATOM   1006 O  OE1 . GLU A 1 128 ? 20.142  9.693   11.855  1.00 67.92  ? 128 GLU A OE1 1 
ATOM   1007 O  OE2 . GLU A 1 128 ? 19.649  9.215   14.017  1.00 80.90  ? 128 GLU A OE2 1 
ATOM   1008 N  N   . ALA A 1 129 ? 14.982  7.998   10.099  1.00 20.46  ? 129 ALA A N   1 
ATOM   1009 C  CA  . ALA A 1 129 ? 14.307  7.408   8.935   1.00 19.21  ? 129 ALA A CA  1 
ATOM   1010 C  C   . ALA A 1 129 ? 12.952  8.185   8.753   1.00 17.77  ? 129 ALA A C   1 
ATOM   1011 O  O   . ALA A 1 129 ? 12.535  8.523   7.684   1.00 25.66  ? 129 ALA A O   1 
ATOM   1012 C  CB  . ALA A 1 129 ? 14.034  5.927   9.258   1.00 17.58  ? 129 ALA A CB  1 
ATOM   1013 N  N   . ALA A 1 130 ? 12.274  8.470   9.862   1.00 24.74  ? 130 ALA A N   1 
ATOM   1014 C  CA  . ALA A 1 130 ? 11.032  9.174   9.837   1.00 21.20  ? 130 ALA A CA  1 
ATOM   1015 C  C   . ALA A 1 130 ? 11.191  10.553  9.178   1.00 35.09  ? 130 ALA A C   1 
ATOM   1016 O  O   . ALA A 1 130 ? 10.358  10.985  8.367   1.00 22.45  ? 130 ALA A O   1 
ATOM   1017 C  CB  . ALA A 1 130 ? 10.471  9.264   11.243  1.00 17.95  ? 130 ALA A CB  1 
ATOM   1018 N  N   . VAL A 1 131 ? 12.280  11.259  9.507   1.00 28.27  ? 131 VAL A N   1 
ATOM   1019 C  CA  . VAL A 1 131 ? 12.505  12.561  8.895   1.00 22.80  ? 131 VAL A CA  1 
ATOM   1020 C  C   . VAL A 1 131 ? 12.722  12.405  7.404   1.00 24.84  ? 131 VAL A C   1 
ATOM   1021 O  O   . VAL A 1 131 ? 12.192  13.157  6.611   1.00 35.13  ? 131 VAL A O   1 
ATOM   1022 C  CB  . VAL A 1 131 ? 13.709  13.323  9.462   1.00 14.55  ? 131 VAL A CB  1 
ATOM   1023 C  CG1 . VAL A 1 131 ? 14.246  14.290  8.422   1.00 62.21  ? 131 VAL A CG1 1 
ATOM   1024 C  CG2 . VAL A 1 131 ? 13.344  14.084  10.721  1.00 23.37  ? 131 VAL A CG2 1 
ATOM   1025 N  N   . ASN A 1 132 ? 13.548  11.445  7.014   1.00 21.99  ? 132 ASN A N   1 
ATOM   1026 C  CA  . ASN A 1 132 ? 13.857  11.231  5.603   1.00 17.53  ? 132 ASN A CA  1 
ATOM   1027 C  C   . ASN A 1 132 ? 12.645  10.738  4.817   1.00 32.24  ? 132 ASN A C   1 
ATOM   1028 O  O   . ASN A 1 132 ? 12.413  11.045  3.663   1.00 24.69  ? 132 ASN A O   1 
ATOM   1029 C  CB  . ASN A 1 132 ? 15.022  10.211  5.473   1.00 23.14  ? 132 ASN A CB  1 
ATOM   1030 C  CG  . ASN A 1 132 ? 15.527  10.007  4.056   1.00 22.46  ? 132 ASN A CG  1 
ATOM   1031 O  OD1 . ASN A 1 132 ? 15.019  9.159   3.292   1.00 25.15  ? 132 ASN A OD1 1 
ATOM   1032 N  ND2 . ASN A 1 132 ? 16.438  10.879  3.638   1.00 28.13  ? 132 ASN A ND2 1 
ATOM   1033 N  N   . LEU A 1 133 ? 11.842  9.905   5.425   1.00 19.59  ? 133 LEU A N   1 
ATOM   1034 C  CA  . LEU A 1 133 ? 10.681  9.430   4.679   1.00 21.73  ? 133 LEU A CA  1 
ATOM   1035 C  C   . LEU A 1 133 ? 9.724   10.582  4.276   1.00 41.92  ? 133 LEU A C   1 
ATOM   1036 O  O   . LEU A 1 133 ? 8.985   10.511  3.283   1.00 20.91  ? 133 LEU A O   1 
ATOM   1037 C  CB  . LEU A 1 133 ? 9.874   8.386   5.521   1.00 27.57  ? 133 LEU A CB  1 
ATOM   1038 C  CG  . LEU A 1 133 ? 10.469  6.974   5.574   1.00 28.81  ? 133 LEU A CG  1 
ATOM   1039 C  CD1 . LEU A 1 133 ? 9.653   6.123   6.559   1.00 19.77  ? 133 LEU A CD1 1 
ATOM   1040 C  CD2 . LEU A 1 133 ? 10.501  6.348   4.181   1.00 24.31  ? 133 LEU A CD2 1 
ATOM   1041 N  N   . ALA A 1 134 ? 9.692   11.614  5.104   1.00 20.73  ? 134 ALA A N   1 
ATOM   1042 C  CA  . ALA A 1 134 ? 8.796   12.774  4.947   1.00 21.78  ? 134 ALA A CA  1 
ATOM   1043 C  C   . ALA A 1 134 ? 9.162   13.697  3.753   1.00 24.63  ? 134 ALA A C   1 
ATOM   1044 O  O   . ALA A 1 134 ? 8.347   14.462  3.219   1.00 25.14  ? 134 ALA A O   1 
ATOM   1045 C  CB  . ALA A 1 134 ? 8.599   13.469  6.319   1.00 14.39  ? 134 ALA A CB  1 
ATOM   1046 N  N   . LYS A 1 135 ? 10.419  13.612  3.344   1.00 19.47  ? 135 LYS A N   1 
ATOM   1047 C  CA  . LYS A 1 135 ? 10.958  14.344  2.214   1.00 31.12  ? 135 LYS A CA  1 
ATOM   1048 C  C   . LYS A 1 135 ? 10.708  13.589  0.950   1.00 21.95  ? 135 LYS A C   1 
ATOM   1049 O  O   . LYS A 1 135 ? 11.647  13.111  0.324   1.00 37.22  ? 135 LYS A O   1 
ATOM   1050 C  CB  . LYS A 1 135 ? 12.454  14.459  2.314   1.00 23.18  ? 135 LYS A CB  1 
ATOM   1051 C  CG  . LYS A 1 135 ? 12.840  15.398  3.420   1.00 19.43  ? 135 LYS A CG  1 
ATOM   1052 C  CD  . LYS A 1 135 ? 14.343  15.444  3.584   1.00 47.80  ? 135 LYS A CD  1 
ATOM   1053 C  CE  . LYS A 1 135 ? 14.732  16.319  4.763   1.00 43.82  ? 135 LYS A CE  1 
ATOM   1054 N  NZ  . LYS A 1 135 ? 15.860  15.794  5.557   1.00 74.85  ? 135 LYS A NZ  1 
ATOM   1055 N  N   . SER A 1 136 ? 9.443   13.458  0.605   1.00 15.22  ? 136 SER A N   1 
ATOM   1056 C  CA  . SER A 1 136 ? 9.083   12.693  -0.561  1.00 20.75  ? 136 SER A CA  1 
ATOM   1057 C  C   . SER A 1 136 ? 7.774   13.216  -1.169  1.00 22.09  ? 136 SER A C   1 
ATOM   1058 O  O   . SER A 1 136 ? 6.926   13.805  -0.486  1.00 17.07  ? 136 SER A O   1 
ATOM   1059 C  CB  . SER A 1 136 ? 8.908   11.217  -0.128  1.00 19.25  ? 136 SER A CB  1 
ATOM   1060 O  OG  . SER A 1 136 ? 7.948   11.199  0.911   1.00 23.81  ? 136 SER A OG  1 
ATOM   1061 N  N   . ARG A 1 137 ? 7.568   12.915  -2.441  1.00 12.19  ? 137 ARG A N   1 
ATOM   1062 C  CA  . ARG A 1 137 ? 6.320   13.218  -3.088  1.00 18.36  ? 137 ARG A CA  1 
ATOM   1063 C  C   . ARG A 1 137 ? 5.098   12.626  -2.341  1.00 21.86  ? 137 ARG A C   1 
ATOM   1064 O  O   . ARG A 1 137 ? 4.041   13.279  -2.143  1.00 26.77  ? 137 ARG A O   1 
ATOM   1065 C  CB  . ARG A 1 137 ? 6.363   12.635  -4.491  1.00 24.36  ? 137 ARG A CB  1 
ATOM   1066 C  CG  . ARG A 1 137 ? 5.063   13.021  -5.167  1.00 36.92  ? 137 ARG A CG  1 
ATOM   1067 C  CD  . ARG A 1 137 ? 4.901   12.458  -6.564  1.00 23.57  ? 137 ARG A CD  1 
ATOM   1068 N  NE  . ARG A 1 137 ? 3.805   13.099  -7.301  1.00 43.62  ? 137 ARG A NE  1 
ATOM   1069 C  CZ  . ARG A 1 137 ? 2.589   12.595  -7.437  1.00 63.55  ? 137 ARG A CZ  1 
ATOM   1070 N  NH1 . ARG A 1 137 ? 2.260   11.408  -6.932  1.00 53.67  ? 137 ARG A NH1 1 
ATOM   1071 N  NH2 . ARG A 1 137 ? 1.680   13.303  -8.104  1.00 67.02  ? 137 ARG A NH2 1 
ATOM   1072 N  N   . TRP A 1 138 ? 5.273   11.345  -1.957  1.00 24.86  ? 138 TRP A N   1 
ATOM   1073 C  CA  . TRP A 1 138 ? 4.318   10.490  -1.207  1.00 25.25  ? 138 TRP A CA  1 
ATOM   1074 C  C   . TRP A 1 138 ? 3.705   11.211  -0.033  1.00 18.90  ? 138 TRP A C   1 
ATOM   1075 O  O   . TRP A 1 138 ? 2.501   11.325  0.085   1.00 21.08  ? 138 TRP A O   1 
ATOM   1076 C  CB  . TRP A 1 138 ? 5.071   9.255   -0.627  1.00 41.78  ? 138 TRP A CB  1 
ATOM   1077 C  CG  . TRP A 1 138 ? 4.321   8.342   0.321   1.00 30.65  ? 138 TRP A CG  1 
ATOM   1078 C  CD1 . TRP A 1 138 ? 3.128   7.680   0.112   1.00 16.98  ? 138 TRP A CD1 1 
ATOM   1079 C  CD2 . TRP A 1 138 ? 4.815   7.871   1.582   1.00 26.58  ? 138 TRP A CD2 1 
ATOM   1080 N  NE1 . TRP A 1 138 ? 2.796   6.913   1.246   1.00 22.27  ? 138 TRP A NE1 1 
ATOM   1081 C  CE2 . TRP A 1 138 ? 3.824   6.999   2.138   1.00 25.09  ? 138 TRP A CE2 1 
ATOM   1082 C  CE3 . TRP A 1 138 ? 5.993   8.116   2.269   1.00 16.76  ? 138 TRP A CE3 1 
ATOM   1083 C  CZ2 . TRP A 1 138 ? 4.021   6.368   3.351   1.00 24.95  ? 138 TRP A CZ2 1 
ATOM   1084 C  CZ3 . TRP A 1 138 ? 6.181   7.489   3.481   1.00 22.60  ? 138 TRP A CZ3 1 
ATOM   1085 C  CH2 . TRP A 1 138 ? 5.183   6.664   4.020   1.00 23.54  ? 138 TRP A CH2 1 
ATOM   1086 N  N   . TYR A 1 139 ? 4.589   11.732  0.808   1.00 15.75  ? 139 TYR A N   1 
ATOM   1087 C  CA  . TYR A 1 139 ? 4.204   12.478  1.993   1.00 12.94  ? 139 TYR A CA  1 
ATOM   1088 C  C   . TYR A 1 139 ? 3.471   13.764  1.594   1.00 32.74  ? 139 TYR A C   1 
ATOM   1089 O  O   . TYR A 1 139 ? 2.494   14.159  2.231   1.00 26.98  ? 139 TYR A O   1 
ATOM   1090 C  CB  . TYR A 1 139 ? 5.462   12.919  2.767   1.00 14.47  ? 139 TYR A CB  1 
ATOM   1091 C  CG  . TYR A 1 139 ? 5.129   13.640  4.027   1.00 18.89  ? 139 TYR A CG  1 
ATOM   1092 C  CD1 . TYR A 1 139 ? 4.825   12.903  5.169   1.00 23.22  ? 139 TYR A CD1 1 
ATOM   1093 C  CD2 . TYR A 1 139 ? 5.117   15.035  4.090   1.00 36.96  ? 139 TYR A CD2 1 
ATOM   1094 C  CE1 . TYR A 1 139 ? 4.522   13.543  6.369   1.00 23.12  ? 139 TYR A CE1 1 
ATOM   1095 C  CE2 . TYR A 1 139 ? 4.811   15.696  5.283   1.00 30.75  ? 139 TYR A CE2 1 
ATOM   1096 C  CZ  . TYR A 1 139 ? 4.523   14.937  6.420   1.00 39.66  ? 139 TYR A CZ  1 
ATOM   1097 O  OH  . TYR A 1 139 ? 4.208   15.548  7.601   1.00 47.93  ? 139 TYR A OH  1 
ATOM   1098 N  N   . ASN A 1 140 ? 4.024   14.471  0.600   1.00 30.03  ? 140 ASN A N   1 
ATOM   1099 C  CA  . ASN A 1 140 ? 3.431   15.725  0.129   1.00 16.62  ? 140 ASN A CA  1 
ATOM   1100 C  C   . ASN A 1 140 ? 2.070   15.503  -0.531  1.00 17.60  ? 140 ASN A C   1 
ATOM   1101 O  O   . ASN A 1 140 ? 1.118   16.319  -0.370  1.00 28.47  ? 140 ASN A O   1 
ATOM   1102 C  CB  . ASN A 1 140 ? 4.405   16.458  -0.779  1.00 19.82  ? 140 ASN A CB  1 
ATOM   1103 C  CG  . ASN A 1 140 ? 5.330   17.179  0.116   1.00 27.03  ? 140 ASN A CG  1 
ATOM   1104 O  OD1 . ASN A 1 140 ? 6.512   16.843  0.171   1.00 38.44  ? 140 ASN A OD1 1 
ATOM   1105 N  ND2 . ASN A 1 140 ? 4.759   18.073  0.929   1.00 27.00  ? 140 ASN A ND2 1 
ATOM   1106 N  N   . GLN A 1 141 ? 1.920   14.350  -1.203  1.00 17.16  ? 141 GLN A N   1 
ATOM   1107 C  CA  . GLN A 1 141 ? 0.628   14.064  -1.805  1.00 16.19  ? 141 GLN A CA  1 
ATOM   1108 C  C   . GLN A 1 141 ? -0.496  13.514  -0.876  1.00 29.84  ? 141 GLN A C   1 
ATOM   1109 O  O   . GLN A 1 141 ? -1.687  13.818  -1.039  1.00 38.69  ? 141 GLN A O   1 
ATOM   1110 C  CB  . GLN A 1 141 ? 0.804   13.155  -3.027  1.00 17.08  ? 141 GLN A CB  1 
ATOM   1111 C  CG  . GLN A 1 141 ? 1.734   13.785  -4.065  1.00 31.12  ? 141 GLN A CG  1 
ATOM   1112 C  CD  . GLN A 1 141 ? 1.188   15.116  -4.605  1.00 54.33  ? 141 GLN A CD  1 
ATOM   1113 O  OE1 . GLN A 1 141 ? 1.853   16.140  -4.587  1.00 24.31  ? 141 GLN A OE1 1 
ATOM   1114 N  NE2 . GLN A 1 141 ? -0.045  15.134  -5.079  1.00 27.30  ? 141 GLN A NE2 1 
ATOM   1115 N  N   . THR A 1 142 ? -0.165  12.635  0.066   1.00 18.57  ? 142 THR A N   1 
ATOM   1116 C  CA  . THR A 1 142 ? -1.166  12.056  0.944   1.00 14.12  ? 142 THR A CA  1 
ATOM   1117 C  C   . THR A 1 142 ? -0.558  12.135  2.281   1.00 24.51  ? 142 THR A C   1 
ATOM   1118 O  O   . THR A 1 142 ? -0.118  11.124  2.787   1.00 17.07  ? 142 THR A O   1 
ATOM   1119 C  CB  . THR A 1 142 ? -1.378  10.565  0.592   1.00 17.79  ? 142 THR A CB  1 
ATOM   1120 O  OG1 . THR A 1 142 ? -0.093  9.933   0.370   1.00 19.54  ? 142 THR A OG1 1 
ATOM   1121 C  CG2 . THR A 1 142 ? -2.114  10.443  -0.737  1.00 15.81  ? 142 THR A CG2 1 
ATOM   1122 N  N   . PRO A 1 143 ? -0.447  13.350  2.800   1.00 25.48  ? 143 PRO A N   1 
ATOM   1123 C  CA  . PRO A 1 143 ? 0.199   13.578  4.092   1.00 23.90  ? 143 PRO A CA  1 
ATOM   1124 C  C   . PRO A 1 143 ? -0.402  12.869  5.334   1.00 32.55  ? 143 PRO A C   1 
ATOM   1125 O  O   . PRO A 1 143 ? 0.302   12.473  6.240   1.00 19.03  ? 143 PRO A O   1 
ATOM   1126 C  CB  . PRO A 1 143 ? 0.140   15.103  4.303   1.00 16.17  ? 143 PRO A CB  1 
ATOM   1127 C  CG  . PRO A 1 143 ? -0.978  15.601  3.417   1.00 21.01  ? 143 PRO A CG  1 
ATOM   1128 C  CD  . PRO A 1 143 ? -1.192  14.570  2.338   1.00 16.16  ? 143 PRO A CD  1 
ATOM   1129 N  N   . ASN A 1 144 ? -1.715  12.732  5.450   1.00 14.02  ? 144 ASN A N   1 
ATOM   1130 C  CA  . ASN A 1 144 ? -2.250  12.140  6.657   1.00 21.90  ? 144 ASN A CA  1 
ATOM   1131 C  C   . ASN A 1 144 ? -1.997  10.645  6.701   1.00 30.93  ? 144 ASN A C   1 
ATOM   1132 O  O   . ASN A 1 144 ? -1.702  10.104  7.746   1.00 14.57  ? 144 ASN A O   1 
ATOM   1133 C  CB  . ASN A 1 144 ? -3.736  12.453  6.930   1.00 25.82  ? 144 ASN A CB  1 
ATOM   1134 C  CG  . ASN A 1 144 ? -4.115  13.910  7.135   1.00 25.90  ? 144 ASN A CG  1 
ATOM   1135 O  OD1 . ASN A 1 144 ? -3.392  14.725  7.714   1.00 34.67  ? 144 ASN A OD1 1 
ATOM   1136 N  ND2 . ASN A 1 144 ? -5.278  14.241  6.618   1.00 20.92  ? 144 ASN A ND2 1 
ATOM   1137 N  N   . ARG A 1 145 ? -2.126  9.976   5.556   1.00 17.55  ? 145 ARG A N   1 
ATOM   1138 C  CA  . ARG A 1 145 ? -1.858  8.568   5.532   1.00 21.93  ? 145 ARG A CA  1 
ATOM   1139 C  C   . ARG A 1 145 ? -0.340  8.339   5.703   1.00 31.22  ? 145 ARG A C   1 
ATOM   1140 O  O   . ARG A 1 145 ? 0.115   7.514   6.491   1.00 27.90  ? 145 ARG A O   1 
ATOM   1141 C  CB  . ARG A 1 145 ? -2.363  7.936   4.250   1.00 22.71  ? 145 ARG A CB  1 
ATOM   1142 C  CG  . ARG A 1 145 ? -1.605  6.650   3.976   1.00 18.04  ? 145 ARG A CG  1 
ATOM   1143 C  CD  . ARG A 1 145 ? -2.094  5.925   2.761   1.00 41.89  ? 145 ARG A CD  1 
ATOM   1144 N  NE  . ARG A 1 145 ? -1.703  4.535   2.777   1.00 22.41  ? 145 ARG A NE  1 
ATOM   1145 C  CZ  . ARG A 1 145 ? -2.285  3.713   1.937   1.00 39.07  ? 145 ARG A CZ  1 
ATOM   1146 N  NH1 . ARG A 1 145 ? -3.206  4.130   1.093   1.00 25.27  ? 145 ARG A NH1 1 
ATOM   1147 N  NH2 . ARG A 1 145 ? -1.972  2.446   1.929   1.00 16.44  ? 145 ARG A NH2 1 
ATOM   1148 N  N   . ALA A 1 146 ? 0.469   9.096   4.968   1.00 25.84  ? 146 ALA A N   1 
ATOM   1149 C  CA  . ALA A 1 146 ? 1.919   8.998   5.112   1.00 13.97  ? 146 ALA A CA  1 
ATOM   1150 C  C   . ALA A 1 146 ? 2.357   9.181   6.586   1.00 40.32  ? 146 ALA A C   1 
ATOM   1151 O  O   . ALA A 1 146 ? 3.183   8.440   7.082   1.00 21.46  ? 146 ALA A O   1 
ATOM   1152 C  CB  . ALA A 1 146 ? 2.645   9.969   4.191   1.00 19.40  ? 146 ALA A CB  1 
ATOM   1153 N  N   . LYS A 1 147 ? 1.748   10.119  7.309   1.00 18.61  ? 147 LYS A N   1 
ATOM   1154 C  CA  . LYS A 1 147 ? 2.087   10.392  8.709   1.00 27.85  ? 147 LYS A CA  1 
ATOM   1155 C  C   . LYS A 1 147 ? 1.817   9.174   9.574   1.00 31.22  ? 147 LYS A C   1 
ATOM   1156 O  O   . LYS A 1 147 ? 2.597   8.820   10.434  1.00 22.04  ? 147 LYS A O   1 
ATOM   1157 C  CB  . LYS A 1 147 ? 1.356   11.608  9.266   1.00 17.69  ? 147 LYS A CB  1 
ATOM   1158 C  CG  . LYS A 1 147 ? 2.227   12.837  9.408   1.00 69.76  ? 147 LYS A CG  1 
ATOM   1159 C  CD  . LYS A 1 147 ? 1.429   14.134  9.454   1.00 43.45  ? 147 LYS A CD  1 
ATOM   1160 C  CE  . LYS A 1 147 ? 1.248   14.774  8.084   1.00 56.87  ? 147 LYS A CE  1 
ATOM   1161 N  NZ  . LYS A 1 147 ? 0.640   16.106  8.152   1.00 91.22  ? 147 LYS A NZ  1 
ATOM   1162 N  N   . ARG A 1 148 ? 0.700   8.520   9.304   1.00 16.66  ? 148 ARG A N   1 
ATOM   1163 C  CA  . ARG A 1 148 ? 0.310   7.345   10.008  1.00 16.11  ? 148 ARG A CA  1 
ATOM   1164 C  C   . ARG A 1 148 ? 1.326   6.218   9.770   1.00 30.63  ? 148 ARG A C   1 
ATOM   1165 O  O   . ARG A 1 148 ? 1.740   5.567   10.727  1.00 19.29  ? 148 ARG A O   1 
ATOM   1166 C  CB  . ARG A 1 148 ? -1.107  6.932   9.618   1.00 13.52  ? 148 ARG A CB  1 
ATOM   1167 C  CG  . ARG A 1 148 ? -2.192  7.832   10.146  1.00 18.66  ? 148 ARG A CG  1 
ATOM   1168 C  CD  . ARG A 1 148 ? -3.445  7.022   10.258  1.00 15.02  ? 148 ARG A CD  1 
ATOM   1169 N  NE  . ARG A 1 148 ? -3.931  6.717   8.926   1.00 22.55  ? 148 ARG A NE  1 
ATOM   1170 C  CZ  . ARG A 1 148 ? -4.666  7.567   8.185   1.00 29.28  ? 148 ARG A CZ  1 
ATOM   1171 N  NH1 . ARG A 1 148 ? -4.994  8.750   8.647   1.00 19.19  ? 148 ARG A NH1 1 
ATOM   1172 N  NH2 . ARG A 1 148 ? -5.110  7.274   6.994   1.00 21.10  ? 148 ARG A NH2 1 
ATOM   1173 N  N   . VAL A 1 149 ? 1.708   5.977   8.505   1.00 19.59  ? 149 VAL A N   1 
ATOM   1174 C  CA  . VAL A 1 149 ? 2.663   4.915   8.150   1.00 14.44  ? 149 VAL A CA  1 
ATOM   1175 C  C   . VAL A 1 149 ? 4.035   5.182   8.787   1.00 27.14  ? 149 VAL A C   1 
ATOM   1176 O  O   . VAL A 1 149 ? 4.652   4.299   9.398   1.00 23.47  ? 149 VAL A O   1 
ATOM   1177 C  CB  . VAL A 1 149 ? 2.720   4.677   6.644   1.00 20.90  ? 149 VAL A CB  1 
ATOM   1178 C  CG1 . VAL A 1 149 ? 3.783   3.696   6.205   1.00 13.87  ? 149 VAL A CG1 1 
ATOM   1179 C  CG2 . VAL A 1 149 ? 1.396   4.106   6.212   1.00 13.85  ? 149 VAL A CG2 1 
ATOM   1180 N  N   . ILE A 1 150 ? 4.448   6.456   8.715   1.00 14.55  ? 150 ILE A N   1 
ATOM   1181 C  CA  . ILE A 1 150 ? 5.707   6.953   9.239   1.00 16.68  ? 150 ILE A CA  1 
ATOM   1182 C  C   . ILE A 1 150 ? 5.752   6.859   10.765  1.00 42.90  ? 150 ILE A C   1 
ATOM   1183 O  O   . ILE A 1 150 ? 6.761   6.567   11.337  1.00 28.80  ? 150 ILE A O   1 
ATOM   1184 C  CB  . ILE A 1 150 ? 6.145   8.366   8.760   1.00 36.83  ? 150 ILE A CB  1 
ATOM   1185 C  CG1 . ILE A 1 150 ? 6.319   8.501   7.235   1.00 28.52  ? 150 ILE A CG1 1 
ATOM   1186 C  CG2 . ILE A 1 150 ? 7.431   8.783   9.472   1.00 25.36  ? 150 ILE A CG2 1 
ATOM   1187 C  CD1 . ILE A 1 150 ? 6.424   9.945   6.801   1.00 13.30  ? 150 ILE A CD1 1 
ATOM   1188 N  N   . THR A 1 151 ? 4.661   7.094   11.460  1.00 20.21  ? 151 THR A N   1 
ATOM   1189 C  CA  . THR A 1 151 ? 4.696   6.949   12.898  1.00 31.02  ? 151 THR A CA  1 
ATOM   1190 C  C   . THR A 1 151 ? 4.804   5.480   13.247  1.00 18.10  ? 151 THR A C   1 
ATOM   1191 O  O   . THR A 1 151 ? 5.438   5.123   14.221  1.00 27.00  ? 151 THR A O   1 
ATOM   1192 C  CB  . THR A 1 151 ? 3.409   7.493   13.520  1.00 27.58  ? 151 THR A CB  1 
ATOM   1193 O  OG1 . THR A 1 151 ? 3.529   8.890   13.409  1.00 35.10  ? 151 THR A OG1 1 
ATOM   1194 C  CG2 . THR A 1 151 ? 3.235   7.007   14.990  1.00 24.20  ? 151 THR A CG2 1 
ATOM   1195 N  N   . THR A 1 152 ? 4.142   4.650   12.431  1.00 15.32  ? 152 THR A N   1 
ATOM   1196 C  CA  . THR A 1 152 ? 4.189   3.233   12.614  1.00 20.99  ? 152 THR A CA  1 
ATOM   1197 C  C   . THR A 1 152 ? 5.648   2.758   12.458  1.00 52.14  ? 152 THR A C   1 
ATOM   1198 O  O   . THR A 1 152 ? 6.183   2.031   13.272  1.00 20.98  ? 152 THR A O   1 
ATOM   1199 C  CB  . THR A 1 152 ? 3.181   2.531   11.721  1.00 18.47  ? 152 THR A CB  1 
ATOM   1200 O  OG1 . THR A 1 152 ? 1.934   3.134   11.915  1.00 16.61  ? 152 THR A OG1 1 
ATOM   1201 C  CG2 . THR A 1 152 ? 3.061   1.049   12.049  1.00 19.33  ? 152 THR A CG2 1 
ATOM   1202 N  N   . ALA A 1 153 ? 6.338   3.235   11.456  1.00 29.68  ? 153 ALA A N   1 
ATOM   1203 C  CA  . ALA A 1 153 ? 7.714   2.857   11.274  1.00 29.45  ? 153 ALA A CA  1 
ATOM   1204 C  C   . ALA A 1 153 ? 8.646   3.370   12.359  1.00 29.39  ? 153 ALA A C   1 
ATOM   1205 O  O   . ALA A 1 153 ? 9.618   2.704   12.706  1.00 23.30  ? 153 ALA A O   1 
ATOM   1206 C  CB  . ALA A 1 153 ? 8.214   3.264   9.865   1.00 23.79  ? 153 ALA A CB  1 
ATOM   1207 N  N   . ARG A 1 154 ? 8.401   4.588   12.837  1.00 35.53  ? 154 ARG A N   1 
ATOM   1208 C  CA  . ARG A 1 154 ? 9.239   5.263   13.838  1.00 35.66  ? 154 ARG A CA  1 
ATOM   1209 C  C   . ARG A 1 154 ? 9.175   4.578   15.203  1.00 30.24  ? 154 ARG A C   1 
ATOM   1210 O  O   . ARG A 1 154 ? 10.159  4.296   15.865  1.00 40.01  ? 154 ARG A O   1 
ATOM   1211 C  CB  . ARG A 1 154 ? 8.822   6.765   13.987  1.00 29.83  ? 154 ARG A CB  1 
ATOM   1212 C  CG  . ARG A 1 154 ? 9.938   7.747   14.437  1.00 36.74  ? 154 ARG A CG  1 
ATOM   1213 C  CD  . ARG A 1 154 ? 9.494   9.125   15.008  1.00 22.41  ? 154 ARG A CD  1 
ATOM   1214 N  NE  . ARG A 1 154 ? 8.061   9.382   14.974  1.00 59.71  ? 154 ARG A NE  1 
ATOM   1215 C  CZ  . ARG A 1 154 ? 7.313   9.302   16.061  1.00 100.00 ? 154 ARG A CZ  1 
ATOM   1216 N  NH1 . ARG A 1 154 ? 7.871   8.987   17.232  1.00 100.00 ? 154 ARG A NH1 1 
ATOM   1217 N  NH2 . ARG A 1 154 ? 5.997   9.539   15.982  1.00 60.13  ? 154 ARG A NH2 1 
ATOM   1218 N  N   . THR A 1 155 ? 7.945   4.326   15.594  1.00 32.57  ? 155 THR A N   1 
ATOM   1219 C  CA  . THR A 1 155 ? 7.582   3.836   16.887  1.00 35.77  ? 155 THR A CA  1 
ATOM   1220 C  C   . THR A 1 155 ? 7.435   2.367   17.085  1.00 26.64  ? 155 THR A C   1 
ATOM   1221 O  O   . THR A 1 155 ? 7.604   1.891   18.190  1.00 43.74  ? 155 THR A O   1 
ATOM   1222 C  CB  . THR A 1 155 ? 6.326   4.568   17.410  1.00 20.47  ? 155 THR A CB  1 
ATOM   1223 O  OG1 . THR A 1 155 ? 5.101   3.993   16.981  1.00 28.74  ? 155 THR A OG1 1 
ATOM   1224 C  CG2 . THR A 1 155 ? 6.399   6.050   17.079  1.00 27.29  ? 155 THR A CG2 1 
ATOM   1225 N  N   . GLY A 1 156 ? 7.047   1.621   16.084  1.00 16.14  ? 156 GLY A N   1 
ATOM   1226 C  CA  . GLY A 1 156 ? 6.861   0.215   16.334  1.00 22.59  ? 156 GLY A CA  1 
ATOM   1227 C  C   . GLY A 1 156 ? 5.586   -0.044  17.128  1.00 30.67  ? 156 GLY A C   1 
ATOM   1228 O  O   . GLY A 1 156 ? 5.372   -1.139  17.604  1.00 33.45  ? 156 GLY A O   1 
ATOM   1229 N  N   . THR A 1 157 ? 4.686   0.939   17.213  1.00 29.19  ? 157 THR A N   1 
ATOM   1230 C  CA  . THR A 1 157 ? 3.392   0.764   17.901  1.00 22.92  ? 157 THR A CA  1 
ATOM   1231 C  C   . THR A 1 157 ? 2.271   1.097   16.920  1.00 27.99  ? 157 THR A C   1 
ATOM   1232 O  O   . THR A 1 157 ? 2.541   1.658   15.890  1.00 26.73  ? 157 THR A O   1 
ATOM   1233 C  CB  . THR A 1 157 ? 3.194   1.846   18.951  1.00 31.11  ? 157 THR A CB  1 
ATOM   1234 O  OG1 . THR A 1 157 ? 2.774   2.996   18.246  1.00 34.19  ? 157 THR A OG1 1 
ATOM   1235 C  CG2 . THR A 1 157 ? 4.476   2.129   19.701  1.00 28.98  ? 157 THR A CG2 1 
ATOM   1236 N  N   . TRP A 1 158 ? 1.023   0.822   17.273  1.00 29.41  ? 158 TRP A N   1 
ATOM   1237 C  CA  . TRP A 1 158 ? -0.130  1.124   16.439  1.00 18.13  ? 158 TRP A CA  1 
ATOM   1238 C  C   . TRP A 1 158 ? -0.854  2.388   16.851  1.00 13.18  ? 158 TRP A C   1 
ATOM   1239 O  O   . TRP A 1 158 ? -2.056  2.582   16.536  1.00 23.89  ? 158 TRP A O   1 
ATOM   1240 C  CB  . TRP A 1 158 ? -1.172  0.030   16.499  1.00 15.27  ? 158 TRP A CB  1 
ATOM   1241 C  CG  . TRP A 1 158 ? -0.712  -1.253  15.910  1.00 32.74  ? 158 TRP A CG  1 
ATOM   1242 C  CD1 . TRP A 1 158 ? -0.455  -2.358  16.613  1.00 22.61  ? 158 TRP A CD1 1 
ATOM   1243 C  CD2 . TRP A 1 158 ? -0.545  -1.606  14.526  1.00 50.40  ? 158 TRP A CD2 1 
ATOM   1244 N  NE1 . TRP A 1 158 ? -0.108  -3.386  15.786  1.00 34.36  ? 158 TRP A NE1 1 
ATOM   1245 C  CE2 . TRP A 1 158 ? -0.135  -2.950  14.499  1.00 26.12  ? 158 TRP A CE2 1 
ATOM   1246 C  CE3 . TRP A 1 158 ? -0.684  -0.933  13.318  1.00 21.52  ? 158 TRP A CE3 1 
ATOM   1247 C  CZ2 . TRP A 1 158 ? 0.113   -3.627  13.318  1.00 57.26  ? 158 TRP A CZ2 1 
ATOM   1248 C  CZ3 . TRP A 1 158 ? -0.464  -1.603  12.156  1.00 29.06  ? 158 TRP A CZ3 1 
ATOM   1249 C  CH2 . TRP A 1 158 ? -0.049  -2.944  12.152  1.00 23.68  ? 158 TRP A CH2 1 
ATOM   1250 N  N   . ASP A 1 159 ? -0.135  3.245   17.583  1.00 19.68  ? 159 ASP A N   1 
ATOM   1251 C  CA  . ASP A 1 159 ? -0.744  4.443   18.087  1.00 22.85  ? 159 ASP A CA  1 
ATOM   1252 C  C   . ASP A 1 159 ? -1.529  5.258   17.101  1.00 81.29  ? 159 ASP A C   1 
ATOM   1253 O  O   . ASP A 1 159 ? -2.669  5.609   17.384  1.00 37.35  ? 159 ASP A O   1 
ATOM   1254 C  CB  . ASP A 1 159 ? 0.206   5.286   18.916  1.00 49.73  ? 159 ASP A CB  1 
ATOM   1255 C  CG  . ASP A 1 159 ? 0.645   4.529   20.136  1.00 30.30  ? 159 ASP A CG  1 
ATOM   1256 O  OD1 . ASP A 1 159 ? -0.058  3.419   20.342  1.00 52.40  ? 159 ASP A OD1 1 
ATOM   1257 O  OD2 . ASP A 1 159 ? 1.576   4.925   20.814  1.00 51.37  ? 159 ASP A OD2 1 
ATOM   1258 N  N   . ALA A 1 160 ? -0.908  5.532   15.958  1.00 40.20  ? 160 ALA A N   1 
ATOM   1259 C  CA  . ALA A 1 160 ? -1.506  6.325   14.896  1.00 26.67  ? 160 ALA A CA  1 
ATOM   1260 C  C   . ALA A 1 160 ? -2.788  5.716   14.383  1.00 28.15  ? 160 ALA A C   1 
ATOM   1261 O  O   . ALA A 1 160 ? -3.564  6.383   13.747  1.00 24.50  ? 160 ALA A O   1 
ATOM   1262 C  CB  . ALA A 1 160 ? -0.519  6.678   13.780  1.00 26.15  ? 160 ALA A CB  1 
ATOM   1263 N  N   . TYR A 1 161 ? -3.053  4.453   14.686  1.00 24.02  ? 161 TYR A N   1 
ATOM   1264 C  CA  . TYR A 1 161 ? -4.275  3.860   14.189  1.00 27.23  ? 161 TYR A CA  1 
ATOM   1265 C  C   . TYR A 1 161 ? -5.311  3.603   15.239  1.00 39.16  ? 161 TYR A C   1 
ATOM   1266 O  O   . TYR A 1 161 ? -6.300  2.949   14.936  1.00 38.17  ? 161 TYR A O   1 
ATOM   1267 C  CB  . TYR A 1 161 ? -4.091  2.559   13.424  1.00 23.75  ? 161 TYR A CB  1 
ATOM   1268 C  CG  . TYR A 1 161 ? -3.441  2.791   12.107  1.00 26.84  ? 161 TYR A CG  1 
ATOM   1269 C  CD1 . TYR A 1 161 ? -2.062  2.938   12.086  1.00 14.29  ? 161 TYR A CD1 1 
ATOM   1270 C  CD2 . TYR A 1 161 ? -4.156  2.878   10.909  1.00 21.63  ? 161 TYR A CD2 1 
ATOM   1271 C  CE1 . TYR A 1 161 ? -1.392  3.197   10.896  1.00 25.45  ? 161 TYR A CE1 1 
ATOM   1272 C  CE2 . TYR A 1 161 ? -3.495  3.118   9.701   1.00 13.66  ? 161 TYR A CE2 1 
ATOM   1273 C  CZ  . TYR A 1 161 ? -2.104  3.270   9.698   1.00 22.54  ? 161 TYR A CZ  1 
ATOM   1274 O  OH  . TYR A 1 161 ? -1.389  3.480   8.517   1.00 16.58  ? 161 TYR A OH  1 
ATOM   1275 N  N   . LYS A 1 162 ? -5.083  4.072   16.463  1.00 63.30  ? 162 LYS A N   1 
ATOM   1276 C  CA  . LYS A 1 162 ? -6.081  3.892   17.505  1.00 61.31  ? 162 LYS A CA  1 
ATOM   1277 C  C   . LYS A 1 162 ? -6.409  5.244   18.104  1.00 44.31  ? 162 LYS A C   1 
ATOM   1278 O  O   . LYS A 1 162 ? -7.171  6.022   17.520  1.00 75.92  ? 162 LYS A O   1 
ATOM   1279 C  CB  . LYS A 1 162 ? -5.677  2.912   18.575  1.00 65.96  ? 162 LYS A CB  1 
ATOM   1280 C  CG  . LYS A 1 162 ? -4.787  1.797   18.070  1.00 56.09  ? 162 LYS A CG  1 
ATOM   1281 C  CD  . LYS A 1 162 ? -3.967  1.173   19.191  1.00 100.00 ? 162 LYS A CD  1 
ATOM   1282 C  CE  . LYS A 1 162 ? -3.032  2.161   19.887  1.00 100.00 ? 162 LYS A CE  1 
ATOM   1283 N  NZ  . LYS A 1 162 ? -1.844  1.512   20.476  1.00 81.71  ? 162 LYS A NZ  1 
HETATM 1284 CL CL  . CL  B 2 .   ? -3.851  11.591  3.134   1.00 38.62  ? 173 CL  A CL  1 
HETATM 1285 CL CL  . CL  C 2 .   ? -5.787  -9.050  -10.414 0.50 34.51  ? 178 CL  A CL  1 
HETATM 1286 C  C1  . BME D 3 .   ? 1.661   -12.468 6.725   1.00 54.28  ? 901 BME A C1  1 
HETATM 1287 C  C2  . BME D 3 .   ? 2.159   -11.044 6.960   1.00 28.08  ? 901 BME A C2  1 
HETATM 1288 O  O1  . BME D 3 .   ? 0.231   -12.382 6.772   1.00 51.57  ? 901 BME A O1  1 
HETATM 1289 S  S2  . BME D 3 .   ? 1.658   -10.532 8.622   1.00 55.03  ? 901 BME A S2  1 
HETATM 1290 C  C1  . BME E 3 .   ? 3.255   -8.863  11.517  1.00 47.95  ? 902 BME A C1  1 
HETATM 1291 C  C2  . BME E 3 .   ? 3.775   -8.812  10.084  1.00 50.93  ? 902 BME A C2  1 
HETATM 1292 O  O1  . BME E 3 .   ? 3.000   -7.520  11.917  1.00 68.86  ? 902 BME A O1  1 
HETATM 1293 S  S2  . BME E 3 .   ? 2.433   -8.627  8.878   1.00 100.00 ? 902 BME A S2  1 
HETATM 1294 C  C1  . BNZ F 4 .   ? 11.446  -2.012  4.494   1.00 31.60  ? 400 BNZ A C1  1 
HETATM 1295 C  C2  . BNZ F 4 .   ? 10.780  -0.785  4.436   1.00 25.92  ? 400 BNZ A C2  1 
HETATM 1296 C  C3  . BNZ F 4 .   ? 9.830   -0.554  3.410   1.00 34.73  ? 400 BNZ A C3  1 
HETATM 1297 C  C4  . BNZ F 4 .   ? 9.516   -1.552  2.472   1.00 36.89  ? 400 BNZ A C4  1 
HETATM 1298 C  C5  . BNZ F 4 .   ? 10.174  -2.799  2.541   1.00 35.45  ? 400 BNZ A C5  1 
HETATM 1299 C  C6  . BNZ F 4 .   ? 11.157  -3.005  3.522   1.00 29.87  ? 400 BNZ A C6  1 
HETATM 1300 O  O   . HOH G 5 .   ? -7.339  -4.462  -2.779  1.00 19.35  ? 171 HOH A O   1 
HETATM 1301 O  O   . HOH G 5 .   ? 1.067   9.629   -2.163  1.00 31.09  ? 172 HOH A O   1 
HETATM 1302 O  O   . HOH G 5 .   ? -3.786  15.451  -2.205  1.00 23.08  ? 174 HOH A O   1 
HETATM 1303 O  O   . HOH G 5 .   ? 1.283   3.971   14.641  1.00 24.41  ? 175 HOH A O   1 
HETATM 1304 O  O   . HOH G 5 .   ? 8.061   -8.111  17.079  1.00 45.95  ? 177 HOH A O   1 
HETATM 1305 O  O   . HOH G 5 .   ? -10.057 -4.673  -3.067  1.00 23.84  ? 179 HOH A O   1 
HETATM 1306 O  O   . HOH G 5 .   ? -2.330  11.395  10.116  1.00 25.24  ? 180 HOH A O   1 
HETATM 1307 O  O   . HOH G 5 .   ? 11.325  -9.526  13.688  1.00 28.05  ? 181 HOH A O   1 
HETATM 1308 O  O   . HOH G 5 .   ? -5.344  -9.012  -7.020  1.00 30.22  ? 182 HOH A O   1 
HETATM 1309 O  O   . HOH G 5 .   ? -8.951  -15.210 -8.329  1.00 46.87  ? 183 HOH A O   1 
HETATM 1310 O  O   . HOH G 5 .   ? -2.942  -14.848 -3.382  1.00 47.02  ? 185 HOH A O   1 
HETATM 1311 O  O   . HOH G 5 .   ? -9.162  -9.622  2.989   1.00 64.96  ? 186 HOH A O   1 
HETATM 1312 O  O   . HOH G 5 .   ? -6.684  -6.826  15.653  1.00 38.93  ? 187 HOH A O   1 
HETATM 1313 O  O   . HOH G 5 .   ? 2.514   19.738  0.268   1.00 38.76  ? 188 HOH A O   1 
HETATM 1314 O  O   . HOH G 5 .   ? -19.672 1.323   -2.153  1.00 41.78  ? 189 HOH A O   1 
HETATM 1315 O  O   . HOH G 5 .   ? -7.157  4.989   -14.434 1.00 53.64  ? 190 HOH A O   1 
HETATM 1316 O  O   . HOH G 5 .   ? -6.798  8.328   -15.436 1.00 51.73  ? 191 HOH A O   1 
HETATM 1317 O  O   . HOH G 5 .   ? -10.062 11.251  -6.880  1.00 49.07  ? 192 HOH A O   1 
HETATM 1318 O  O   . HOH G 5 .   ? 18.433  -8.370  7.418   1.00 34.38  ? 193 HOH A O   1 
HETATM 1319 O  O   . HOH G 5 .   ? 11.706  12.287  13.657  1.00 58.30  ? 194 HOH A O   1 
HETATM 1320 O  O   . HOH G 5 .   ? 0.056   -7.458  10.769  1.00 21.45  ? 195 HOH A O   1 
HETATM 1321 O  O   . HOH G 5 .   ? -21.611 -6.227  -10.399 1.00 64.64  ? 196 HOH A O   1 
HETATM 1322 O  O   . HOH G 5 .   ? 15.484  7.893   0.812   1.00 59.32  ? 197 HOH A O   1 
HETATM 1323 O  O   . HOH G 5 .   ? -8.860  -6.060  -20.660 1.00 34.12  ? 198 HOH A O   1 
HETATM 1324 O  O   . HOH G 5 .   ? -6.567  -5.982  -11.634 1.00 32.95  ? 200 HOH A O   1 
HETATM 1325 O  O   . HOH G 5 .   ? -1.738  -13.019 -4.711  1.00 36.57  ? 201 HOH A O   1 
HETATM 1326 O  O   . HOH G 5 .   ? -2.154  -9.347  -6.968  1.00 46.55  ? 202 HOH A O   1 
HETATM 1327 O  O   . HOH G 5 .   ? -5.697  2.784   -6.520  1.00 33.79  ? 203 HOH A O   1 
HETATM 1328 O  O   . HOH G 5 .   ? -5.770  3.582   -4.119  1.00 45.91  ? 204 HOH A O   1 
HETATM 1329 O  O   . HOH G 5 .   ? 6.601   1.035   -8.072  1.00 58.03  ? 206 HOH A O   1 
HETATM 1330 O  O   . HOH G 5 .   ? -6.034  5.772   0.223   1.00 57.54  ? 207 HOH A O   1 
HETATM 1331 O  O   . HOH G 5 .   ? 1.889   3.823   2.450   1.00 19.36  ? 208 HOH A O   1 
HETATM 1332 O  O   . HOH G 5 .   ? -4.942  9.152   1.803   1.00 33.44  ? 209 HOH A O   1 
HETATM 1333 O  O   . HOH G 5 .   ? 7.450   -2.942  18.022  1.00 42.68  ? 210 HOH A O   1 
HETATM 1334 O  O   . HOH G 5 .   ? -4.225  10.265  10.935  1.00 45.19  ? 211 HOH A O   1 
HETATM 1335 O  O   . HOH G 5 .   ? 14.847  6.939   -3.855  1.00 67.22  ? 212 HOH A O   1 
HETATM 1336 O  O   . HOH G 5 .   ? 15.632  -2.570  11.471  1.00 27.25  ? 213 HOH A O   1 
HETATM 1337 O  O   . HOH G 5 .   ? 19.591  -4.739  11.345  1.00 54.45  ? 214 HOH A O   1 
HETATM 1338 O  O   . HOH G 5 .   ? -7.608  -11.290 -9.738  1.00 32.21  ? 215 HOH A O   1 
HETATM 1339 O  O   . HOH G 5 .   ? 8.180   13.006  9.887   1.00 55.69  ? 216 HOH A O   1 
HETATM 1340 O  O   . HOH G 5 .   ? 13.194  6.460   18.391  1.00 57.37  ? 217 HOH A O   1 
HETATM 1341 O  O   . HOH G 5 .   ? 17.285  12.015  8.510   1.00 48.00  ? 218 HOH A O   1 
HETATM 1342 O  O   . HOH G 5 .   ? 17.101  13.202  5.758   1.00 33.88  ? 219 HOH A O   1 
HETATM 1343 O  O   . HOH G 5 .   ? 8.489   17.324  2.670   1.00 41.64  ? 220 HOH A O   1 
HETATM 1344 O  O   . HOH G 5 .   ? -10.582 -6.125  5.871   1.00 57.10  ? 221 HOH A O   1 
HETATM 1345 O  O   . HOH G 5 .   ? -2.272  0.755   -16.905 1.00 67.67  ? 222 HOH A O   1 
HETATM 1346 O  O   . HOH G 5 .   ? -5.099  -9.089  15.081  1.00 34.49  ? 223 HOH A O   1 
HETATM 1347 O  O   . HOH G 5 .   ? -3.696  1.530   -5.168  1.00 43.24  ? 224 HOH A O   1 
HETATM 1348 O  O   . HOH G 5 .   ? -1.734  0.357   -5.628  1.00 72.28  ? 225 HOH A O   1 
HETATM 1349 O  O   . HOH G 5 .   ? 11.929  -13.488 5.582   1.00 53.43  ? 226 HOH A O   1 
HETATM 1350 O  O   . HOH G 5 .   ? -12.238 -0.022  9.229   1.00 47.85  ? 227 HOH A O   1 
HETATM 1351 O  O   . HOH G 5 .   ? -11.571 3.103   5.585   1.00 39.64  ? 228 HOH A O   1 
HETATM 1352 O  O   . HOH G 5 .   ? -8.027  3.839   -1.709  1.00 53.65  ? 229 HOH A O   1 
HETATM 1353 O  O   . HOH G 5 .   ? -6.033  7.167   3.144   1.00 41.93  ? 230 HOH A O   1 
HETATM 1354 O  O   . HOH G 5 .   ? 0.424   -0.836  19.800  1.00 36.18  ? 231 HOH A O   1 
HETATM 1355 O  O   . HOH G 5 .   ? -3.307  9.176   13.758  1.00 52.28  ? 232 HOH A O   1 
HETATM 1356 O  O   . HOH G 5 .   ? -1.337  9.960   12.841  1.00 43.59  ? 233 HOH A O   1 
HETATM 1357 O  O   . HOH G 5 .   ? 2.649   18.892  3.357   1.00 42.36  ? 234 HOH A O   1 
HETATM 1358 O  O   . HOH G 5 .   ? 15.877  7.502   16.514  1.00 39.95  ? 235 HOH A O   1 
HETATM 1359 O  O   . HOH G 5 .   ? -4.164  7.103   0.373   1.00 35.53  ? 237 HOH A O   1 
HETATM 1360 O  O   . HOH G 5 .   ? 11.024  5.081   18.768  1.00 34.45  ? 238 HOH A O   1 
HETATM 1361 O  O   . HOH G 5 .   ? -10.673 -12.764 -8.218  1.00 37.28  ? 239 HOH A O   1 
HETATM 1362 O  O   . HOH G 5 .   ? -14.513 -11.989 2.371   1.00 43.65  ? 240 HOH A O   1 
HETATM 1363 O  O   . HOH G 5 .   ? 4.283   -10.395 -5.602  1.00 51.18  ? 242 HOH A O   1 
HETATM 1364 O  O   . HOH G 5 .   ? -9.874  -1.756  9.887   1.00 45.09  ? 244 HOH A O   1 
HETATM 1365 O  O   . HOH G 5 .   ? -3.566  -7.069  -10.577 1.00 59.53  ? 246 HOH A O   1 
HETATM 1366 O  O   . HOH G 5 .   ? -13.641 9.520   -8.300  1.00 41.94  ? 247 HOH A O   1 
HETATM 1367 O  O   . HOH G 5 .   ? 1.410   -6.213  17.307  1.00 62.59  ? 248 HOH A O   1 
HETATM 1368 O  O   . HOH G 5 .   ? 5.621   12.187  10.465  1.00 57.27  ? 249 HOH A O   1 
HETATM 1369 O  O   . HOH G 5 .   ? 9.615   15.506  10.546  1.00 55.66  ? 250 HOH A O   1 
HETATM 1370 O  O   . HOH G 5 .   ? 11.338  16.058  7.426   1.00 43.05  ? 251 HOH A O   1 
HETATM 1371 O  O   . HOH G 5 .   ? 18.596  -2.923  1.022   1.00 42.99  ? 253 HOH A O   1 
HETATM 1372 O  O   . HOH G 5 .   ? 6.584   -1.292  -8.897  1.00 61.08  ? 254 HOH A O   1 
HETATM 1373 O  O   . HOH G 5 .   ? -2.892  2.449   -2.518  1.00 44.31  ? 256 HOH A O   1 
HETATM 1374 O  O   . HOH G 5 .   ? -17.253 -13.626 -8.113  1.00 45.35  ? 259 HOH A O   1 
HETATM 1375 O  O   . HOH G 5 .   ? -18.678 -12.925 -4.681  1.00 75.32  ? 260 HOH A O   1 
HETATM 1376 O  O   . HOH G 5 .   ? 6.429   10.479  13.156  1.00 50.25  ? 261 HOH A O   1 
HETATM 1377 O  O   . HOH G 5 .   ? -12.391 2.333   7.881   1.00 67.34  ? 262 HOH A O   1 
HETATM 1378 O  O   . HOH G 5 .   ? -3.455  -2.794  -5.516  1.00 41.91  ? 266 HOH A O   1 
HETATM 1379 O  O   . HOH G 5 .   ? -3.070  -0.637  -4.042  1.00 38.03  ? 267 HOH A O   1 
HETATM 1380 O  O   . HOH G 5 .   ? 16.044  -8.191  -6.334  1.00 52.46  ? 268 HOH A O   1 
HETATM 1381 O  O   . HOH G 5 .   ? -10.038 9.213   -4.259  1.00 41.91  ? 269 HOH A O   1 
HETATM 1382 O  O   . HOH G 5 .   ? 7.850   9.812   -3.232  1.00 30.40  ? 270 HOH A O   1 
HETATM 1383 O  O   . HOH G 5 .   ? 8.977   12.204  13.091  1.00 61.41  ? 271 HOH A O   1 
HETATM 1384 O  O   . HOH G 5 .   ? 22.658  6.524   -1.977  1.00 41.34  ? 272 HOH A O   1 
HETATM 1385 O  O   . HOH G 5 .   ? 4.693   -3.009  19.956  1.00 50.98  ? 273 HOH A O   1 
HETATM 1386 O  O   . HOH G 5 .   ? 0.051   -5.282  -3.905  1.00 35.76  ? 274 HOH A O   1 
HETATM 1387 O  O   . HOH G 5 .   ? 5.225   4.478   -7.053  1.00 63.82  ? 275 HOH A O   1 
HETATM 1388 O  O   . HOH G 5 .   ? 17.717  1.115   -3.400  1.00 57.71  ? 276 HOH A O   1 
HETATM 1389 O  O   . HOH G 5 .   ? 11.452  2.870   18.957  1.00 59.80  ? 277 HOH A O   1 
HETATM 1390 O  O   . HOH G 5 .   ? -18.704 -5.085  -17.892 1.00 41.24  ? 278 HOH A O   1 
HETATM 1391 O  O   . HOH G 5 .   ? 17.440  5.472   -5.672  1.00 70.06  ? 279 HOH A O   1 
HETATM 1392 O  O   . HOH G 5 .   ? -3.679  -3.349  -9.092  1.00 70.68  ? 280 HOH A O   1 
HETATM 1393 O  O   . HOH G 5 .   ? -5.523  -4.396  -13.635 1.00 47.42  ? 281 HOH A O   1 
HETATM 1394 O  O   . HOH G 5 .   ? -7.178  -6.764  -13.915 1.00 55.74  ? 282 HOH A O   1 
HETATM 1395 O  O   . HOH G 5 .   ? -10.382 -5.514  8.092   1.00 55.07  ? 283 HOH A O   1 
HETATM 1396 O  O   . HOH G 5 .   ? -21.958 -6.970  -1.592  1.00 50.83  ? 284 HOH A O   1 
HETATM 1397 O  O   . HOH G 5 .   ? -10.275 1.839   -2.156  1.00 47.53  ? 285 HOH A O   1 
HETATM 1398 O  O   . HOH G 5 .   ? -23.031 -5.522  -3.954  1.00 45.17  ? 286 HOH A O   1 
HETATM 1399 O  O   . HOH G 5 .   ? -8.599  -8.640  11.519  1.00 49.08  ? 288 HOH A O   1 
HETATM 1400 O  O   . HOH G 5 .   ? 9.846   -8.489  -6.402  1.00 64.39  ? 289 HOH A O   1 
HETATM 1401 O  O   . HOH G 5 .   ? 16.692  -11.515 10.201  1.00 52.16  ? 290 HOH A O   1 
HETATM 1402 O  O   . HOH G 5 .   ? 19.039  6.155   16.340  1.00 46.36  ? 293 HOH A O   1 
HETATM 1403 O  O   . HOH G 5 .   ? -9.130  -2.163  13.158  1.00 64.39  ? 294 HOH A O   1 
HETATM 1404 O  O   . HOH G 5 .   ? -11.391 -4.074  9.527   1.00 38.58  ? 295 HOH A O   1 
HETATM 1405 O  O   . HOH G 5 .   ? -0.812  -5.166  19.352  1.00 59.36  ? 296 HOH A O   1 
HETATM 1406 O  O   . HOH G 5 .   ? 1.943   -3.514  19.420  1.00 55.60  ? 297 HOH A O   1 
HETATM 1407 O  O   . HOH G 5 .   ? -12.188 2.659   -1.331  1.00 42.66  ? 298 HOH A O   1 
HETATM 1408 O  O   . HOH G 5 .   ? -1.292  -3.068  -4.352  1.00 38.58  ? 299 HOH A O   1 
HETATM 1409 O  O   . HOH G 5 .   ? 6.603   19.596  2.639   1.00 51.32  ? 300 HOH A O   1 
HETATM 1410 O  O   . HOH G 5 .   ? 18.005  -11.136 5.944   1.00 56.58  ? 302 HOH A O   1 
HETATM 1411 O  O   . HOH G 5 .   ? 2.249   7.890   -3.416  1.00 59.58  ? 303 HOH A O   1 
HETATM 1412 O  O   . HOH G 5 .   ? -1.898  5.198   -7.943  1.00 52.34  ? 306 HOH A O   1 
HETATM 1413 O  O   . HOH G 5 .   ? -4.676  -4.214  -11.521 1.00 62.28  ? 307 HOH A O   1 
HETATM 1414 O  O   . HOH G 5 .   ? -17.216 -14.819 -11.000 1.00 66.46  ? 308 HOH A O   1 
HETATM 1415 O  O   . HOH G 5 .   ? 17.424  8.132   14.968  1.00 32.42  ? 311 HOH A O   1 
HETATM 1416 O  O   . HOH G 5 .   ? 5.055   15.025  9.956   1.00 51.26  ? 312 HOH A O   1 
HETATM 1417 O  O   . HOH G 5 .   ? 0.145   18.096  6.644   1.00 67.89  ? 316 HOH A O   1 
HETATM 1418 O  O   . HOH G 5 .   ? -23.392 -7.082  -7.615  1.00 55.56  ? 317 HOH A O   1 
HETATM 1419 O  O   . HOH G 5 .   ? -9.279  6.742   4.966   1.00 73.41  ? 323 HOH A O   1 
HETATM 1420 O  O   . HOH G 5 .   ? -3.960  13.566  -8.139  1.00 73.72  ? 324 HOH A O   1 
HETATM 1421 O  O   . HOH G 5 .   ? 21.101  -7.630  6.381   1.00 60.04  ? 325 HOH A O   1 
HETATM 1422 O  O   . HOH G 5 .   ? -8.383  6.802   0.812   1.00 53.21  ? 326 HOH A O   1 
HETATM 1423 O  O   . HOH G 5 .   ? -8.529  11.207  -13.807 1.00 67.90  ? 327 HOH A O   1 
HETATM 1424 O  O   . HOH G 5 .   ? 1.382   -2.428  -4.678  1.00 56.63  ? 328 HOH A O   1 
# 
